data_2CRM
#
_entry.id   2CRM
#
_entity_poly.entity_id   1
_entity_poly.type   'polypeptide(L)'
_entity_poly.pdbx_seq_one_letter_code
;GSSGSSGVVEFTTCPDKPGIPVKPSVKGKIHSHSFKITWDPPKDNGGATINKYVVEMAEGSNGNKWEMIYSGATREHLCD
RLNPGCFYRLRVYCISDGGQSAVSESLLVQTPAVSGPSSG
;
_entity_poly.pdbx_strand_id   A
#
# COMPACT_ATOMS: atom_id res chain seq x y z
N GLY A 1 1.48 19.33 6.89
CA GLY A 1 0.20 18.67 7.09
C GLY A 1 -0.44 18.24 5.79
N SER A 2 -1.56 18.86 5.44
CA SER A 2 -2.28 18.53 4.21
C SER A 2 -2.51 19.77 3.37
N SER A 3 -2.57 19.59 2.05
CA SER A 3 -2.78 20.70 1.14
C SER A 3 -4.03 21.48 1.51
N GLY A 4 -5.15 20.76 1.67
CA GLY A 4 -6.40 21.40 2.02
C GLY A 4 -6.73 22.57 1.11
N SER A 5 -6.50 22.40 -0.18
CA SER A 5 -6.77 23.45 -1.15
C SER A 5 -6.32 24.81 -0.63
N SER A 6 -5.13 24.84 -0.03
CA SER A 6 -4.57 26.07 0.52
C SER A 6 -3.24 26.40 -0.12
N GLY A 7 -2.81 27.65 0.02
CA GLY A 7 -1.55 28.08 -0.56
C GLY A 7 -1.69 28.53 -1.99
N VAL A 8 -1.57 27.59 -2.92
CA VAL A 8 -1.68 27.89 -4.34
C VAL A 8 -2.93 28.71 -4.63
N VAL A 9 -2.77 29.80 -5.37
CA VAL A 9 -3.88 30.67 -5.72
C VAL A 9 -3.94 30.90 -7.22
N GLU A 10 -5.00 31.58 -7.67
CA GLU A 10 -5.18 31.87 -9.08
C GLU A 10 -4.95 30.62 -9.93
N PHE A 11 -5.63 29.53 -9.56
CA PHE A 11 -5.50 28.28 -10.29
C PHE A 11 -6.01 28.42 -11.73
N THR A 12 -5.91 27.34 -12.49
CA THR A 12 -6.36 27.34 -13.87
C THR A 12 -6.89 25.96 -14.28
N THR A 13 -8.20 25.86 -14.40
CA THR A 13 -8.83 24.59 -14.78
C THR A 13 -8.06 23.40 -14.23
N CYS A 14 -7.77 23.43 -12.93
CA CYS A 14 -7.03 22.35 -12.30
C CYS A 14 -7.93 21.13 -12.09
N PRO A 15 -7.35 19.93 -12.24
CA PRO A 15 -8.07 18.67 -12.07
C PRO A 15 -8.44 18.40 -10.61
N ASP A 16 -9.35 17.46 -10.40
CA ASP A 16 -9.78 17.10 -9.05
C ASP A 16 -8.88 16.04 -8.44
N LYS A 17 -8.95 15.88 -7.13
CA LYS A 17 -8.14 14.90 -6.42
C LYS A 17 -8.51 13.48 -6.84
N PRO A 18 -7.50 12.60 -6.94
CA PRO A 18 -7.70 11.21 -7.32
C PRO A 18 -8.43 10.40 -6.25
N GLY A 19 -8.69 9.14 -6.54
CA GLY A 19 -9.38 8.28 -5.58
C GLY A 19 -8.47 7.21 -5.02
N ILE A 20 -8.94 6.53 -3.98
CA ILE A 20 -8.17 5.47 -3.34
C ILE A 20 -8.26 4.17 -4.14
N PRO A 21 -7.09 3.52 -4.35
CA PRO A 21 -7.01 2.27 -5.10
C PRO A 21 -7.63 1.10 -4.35
N VAL A 22 -8.00 0.06 -5.08
CA VAL A 22 -8.61 -1.13 -4.48
C VAL A 22 -7.63 -1.82 -3.53
N LYS A 23 -8.11 -2.17 -2.34
CA LYS A 23 -7.29 -2.84 -1.35
C LYS A 23 -6.43 -3.93 -2.00
N PRO A 24 -5.16 -4.01 -1.59
CA PRO A 24 -4.22 -5.00 -2.12
C PRO A 24 -4.55 -6.41 -1.65
N SER A 25 -4.72 -7.33 -2.61
CA SER A 25 -5.04 -8.71 -2.28
C SER A 25 -3.89 -9.64 -2.64
N VAL A 26 -3.94 -10.87 -2.15
CA VAL A 26 -2.90 -11.86 -2.42
C VAL A 26 -3.05 -12.45 -3.81
N LYS A 27 -1.91 -12.63 -4.49
CA LYS A 27 -1.92 -13.18 -5.83
C LYS A 27 -0.98 -14.39 -5.92
N GLY A 28 -1.54 -15.56 -6.20
CA GLY A 28 -0.74 -16.76 -6.31
C GLY A 28 -0.70 -17.55 -5.02
N LYS A 29 0.50 -17.94 -4.59
CA LYS A 29 0.67 -18.70 -3.37
C LYS A 29 1.58 -17.97 -2.39
N ILE A 30 1.12 -17.83 -1.15
CA ILE A 30 1.91 -17.15 -0.12
C ILE A 30 2.94 -18.09 0.50
N HIS A 31 4.21 -17.83 0.21
CA HIS A 31 5.29 -18.64 0.75
C HIS A 31 5.63 -18.22 2.17
N SER A 32 6.54 -18.96 2.80
CA SER A 32 6.96 -18.69 4.16
C SER A 32 7.03 -17.18 4.40
N HIS A 33 8.02 -16.53 3.78
CA HIS A 33 8.19 -15.10 3.92
C HIS A 33 8.40 -14.44 2.56
N SER A 34 7.43 -14.61 1.67
CA SER A 34 7.51 -14.04 0.33
C SER A 34 6.20 -14.25 -0.44
N PHE A 35 5.45 -13.18 -0.60
CA PHE A 35 4.17 -13.25 -1.32
C PHE A 35 3.96 -12.00 -2.16
N LYS A 36 3.27 -12.16 -3.29
CA LYS A 36 2.99 -11.05 -4.18
C LYS A 36 1.59 -10.49 -3.94
N ILE A 37 1.44 -9.18 -4.09
CA ILE A 37 0.15 -8.52 -3.88
C ILE A 37 -0.19 -7.60 -5.05
N THR A 38 -1.41 -7.75 -5.57
CA THR A 38 -1.85 -6.93 -6.69
C THR A 38 -3.15 -6.21 -6.35
N TRP A 39 -3.19 -4.91 -6.62
CA TRP A 39 -4.38 -4.11 -6.35
C TRP A 39 -5.02 -3.61 -7.65
N ASP A 40 -6.33 -3.78 -7.76
CA ASP A 40 -7.05 -3.36 -8.95
C ASP A 40 -7.04 -1.85 -9.08
N PRO A 41 -7.14 -1.35 -10.32
CA PRO A 41 -7.14 0.09 -10.62
C PRO A 41 -8.42 0.78 -10.14
N PRO A 42 -8.38 2.11 -10.07
CA PRO A 42 -9.52 2.91 -9.63
C PRO A 42 -10.66 2.90 -10.63
N LYS A 43 -11.79 2.32 -10.25
CA LYS A 43 -12.96 2.23 -11.12
C LYS A 43 -13.52 3.62 -11.40
N ASP A 44 -13.34 4.53 -10.45
CA ASP A 44 -13.83 5.89 -10.60
C ASP A 44 -12.72 6.90 -10.32
N ASN A 45 -11.78 7.01 -11.26
CA ASN A 45 -10.67 7.94 -11.11
C ASN A 45 -11.12 9.38 -11.36
N GLY A 46 -10.80 10.26 -10.41
CA GLY A 46 -11.18 11.66 -10.55
C GLY A 46 -10.65 12.28 -11.83
N GLY A 47 -10.56 13.61 -11.84
CA GLY A 47 -10.07 14.30 -13.01
C GLY A 47 -8.56 14.31 -13.09
N ALA A 48 -7.94 13.20 -12.72
CA ALA A 48 -6.49 13.08 -12.74
C ALA A 48 -6.06 11.72 -13.28
N THR A 49 -4.88 11.68 -13.89
CA THR A 49 -4.36 10.43 -14.46
C THR A 49 -3.23 9.88 -13.59
N ILE A 50 -3.47 8.71 -13.01
CA ILE A 50 -2.49 8.06 -12.16
C ILE A 50 -1.07 8.32 -12.66
N ASN A 51 -0.15 8.51 -11.73
CA ASN A 51 1.25 8.77 -12.07
C ASN A 51 2.15 7.62 -11.62
N LYS A 52 1.93 7.16 -10.39
CA LYS A 52 2.72 6.06 -9.84
C LYS A 52 1.98 5.39 -8.69
N TYR A 53 2.25 4.10 -8.49
CA TYR A 53 1.61 3.34 -7.42
C TYR A 53 2.61 2.97 -6.35
N VAL A 54 2.66 3.78 -5.28
CA VAL A 54 3.57 3.53 -4.18
C VAL A 54 2.90 2.71 -3.08
N VAL A 55 3.62 1.72 -2.56
CA VAL A 55 3.09 0.87 -1.51
C VAL A 55 3.96 0.93 -0.27
N GLU A 56 3.40 0.53 0.88
CA GLU A 56 4.13 0.55 2.14
C GLU A 56 3.82 -0.69 2.96
N MET A 57 4.78 -1.11 3.78
CA MET A 57 4.61 -2.29 4.62
C MET A 57 5.05 -1.99 6.06
N ALA A 58 4.32 -2.55 7.01
CA ALA A 58 4.62 -2.36 8.42
C ALA A 58 4.70 -3.70 9.16
N GLU A 59 5.40 -3.70 10.29
CA GLU A 59 5.54 -4.91 11.09
C GLU A 59 4.21 -5.33 11.70
N GLY A 60 3.59 -6.36 11.12
CA GLY A 60 2.32 -6.83 11.62
C GLY A 60 1.44 -5.71 12.13
N SER A 61 0.76 -5.95 13.24
CA SER A 61 -0.13 -4.95 13.82
C SER A 61 0.65 -3.94 14.65
N ASN A 62 1.24 -4.41 15.75
CA ASN A 62 2.02 -3.55 16.62
C ASN A 62 3.29 -3.06 15.92
N GLY A 63 3.74 -1.87 16.31
CA GLY A 63 4.93 -1.30 15.70
C GLY A 63 4.63 -0.50 14.45
N ASN A 64 4.03 0.68 14.64
CA ASN A 64 3.68 1.54 13.53
C ASN A 64 4.93 1.99 12.77
N LYS A 65 5.21 1.31 11.66
CA LYS A 65 6.38 1.64 10.85
C LYS A 65 6.08 1.45 9.37
N TRP A 66 5.98 2.56 8.64
CA TRP A 66 5.69 2.52 7.21
C TRP A 66 6.85 3.10 6.40
N GLU A 67 7.44 2.27 5.54
CA GLU A 67 8.55 2.70 4.72
C GLU A 67 8.40 2.21 3.28
N MET A 68 8.74 3.06 2.32
CA MET A 68 8.64 2.70 0.91
C MET A 68 9.31 1.36 0.65
N ILE A 69 8.63 0.49 -0.10
CA ILE A 69 9.16 -0.82 -0.43
C ILE A 69 9.18 -1.05 -1.94
N TYR A 70 8.28 -0.38 -2.64
CA TYR A 70 8.19 -0.50 -4.09
C TYR A 70 7.76 0.82 -4.72
N SER A 71 8.12 0.99 -5.99
CA SER A 71 7.77 2.21 -6.72
C SER A 71 7.76 1.97 -8.22
N GLY A 72 6.66 2.35 -8.86
CA GLY A 72 6.54 2.16 -10.30
C GLY A 72 5.09 2.24 -10.77
N ALA A 73 4.78 1.50 -11.83
CA ALA A 73 3.43 1.49 -12.38
C ALA A 73 2.76 0.14 -12.15
N THR A 74 3.47 -0.93 -12.48
CA THR A 74 2.94 -2.28 -12.33
C THR A 74 2.12 -2.40 -11.05
N ARG A 75 0.86 -2.80 -11.20
CA ARG A 75 -0.04 -2.95 -10.06
C ARG A 75 0.20 -4.30 -9.36
N GLU A 76 1.46 -4.61 -9.11
CA GLU A 76 1.81 -5.86 -8.45
C GLU A 76 3.29 -5.87 -8.05
N HIS A 77 3.55 -6.08 -6.77
CA HIS A 77 4.91 -6.10 -6.25
C HIS A 77 5.09 -7.25 -5.26
N LEU A 78 6.28 -7.84 -5.26
CA LEU A 78 6.59 -8.95 -4.35
C LEU A 78 7.16 -8.43 -3.04
N CYS A 79 6.42 -8.62 -1.95
CA CYS A 79 6.86 -8.18 -0.64
C CYS A 79 7.81 -9.19 0.00
N ASP A 80 9.10 -9.03 -0.26
CA ASP A 80 10.10 -9.94 0.29
C ASP A 80 10.55 -9.47 1.67
N ARG A 81 11.55 -10.16 2.23
CA ARG A 81 12.08 -9.83 3.54
C ARG A 81 10.99 -9.92 4.61
N LEU A 82 10.09 -10.89 4.43
CA LEU A 82 9.01 -11.10 5.38
C LEU A 82 9.39 -12.12 6.45
N ASN A 83 8.50 -12.33 7.41
CA ASN A 83 8.74 -13.29 8.48
C ASN A 83 7.59 -14.28 8.60
N PRO A 84 7.92 -15.58 8.63
CA PRO A 84 6.93 -16.65 8.74
C PRO A 84 6.29 -16.69 10.13
N GLY A 85 5.02 -17.11 10.17
CA GLY A 85 4.31 -17.19 11.43
C GLY A 85 4.19 -15.84 12.12
N CYS A 86 3.96 -14.79 11.33
CA CYS A 86 3.83 -13.44 11.87
C CYS A 86 2.84 -12.62 11.05
N PHE A 87 2.40 -11.49 11.60
CA PHE A 87 1.46 -10.62 10.92
C PHE A 87 2.18 -9.57 10.09
N TYR A 88 1.45 -8.89 9.22
CA TYR A 88 2.02 -7.86 8.37
C TYR A 88 0.94 -6.93 7.82
N ARG A 89 1.17 -5.63 7.96
CA ARG A 89 0.20 -4.64 7.48
C ARG A 89 0.73 -3.93 6.23
N LEU A 90 -0.11 -3.85 5.21
CA LEU A 90 0.27 -3.20 3.96
C LEU A 90 -0.83 -2.23 3.50
N ARG A 91 -0.42 -1.21 2.76
CA ARG A 91 -1.35 -0.22 2.25
C ARG A 91 -0.90 0.32 0.89
N VAL A 92 -1.84 0.38 -0.05
CA VAL A 92 -1.53 0.88 -1.39
C VAL A 92 -2.24 2.21 -1.66
N TYR A 93 -1.61 3.05 -2.47
CA TYR A 93 -2.17 4.35 -2.80
C TYR A 93 -1.70 4.81 -4.18
N CYS A 94 -2.46 5.72 -4.78
CA CYS A 94 -2.12 6.24 -6.10
C CYS A 94 -1.66 7.69 -6.01
N ILE A 95 -0.69 8.05 -6.85
CA ILE A 95 -0.15 9.40 -6.86
C ILE A 95 -0.49 10.12 -8.17
N SER A 96 -0.86 11.38 -8.06
CA SER A 96 -1.23 12.18 -9.23
C SER A 96 -0.91 13.66 -9.01
N ASP A 97 -1.02 14.45 -10.07
CA ASP A 97 -0.75 15.87 -9.99
C ASP A 97 -1.18 16.43 -8.64
N GLY A 98 -2.30 15.94 -8.13
CA GLY A 98 -2.81 16.41 -6.85
C GLY A 98 -2.21 15.64 -5.68
N GLY A 99 -0.92 15.32 -5.79
CA GLY A 99 -0.26 14.58 -4.73
C GLY A 99 -0.89 13.22 -4.48
N GLN A 100 -0.62 12.66 -3.30
CA GLN A 100 -1.17 11.36 -2.94
C GLN A 100 -2.46 11.51 -2.13
N SER A 101 -3.39 10.59 -2.33
CA SER A 101 -4.67 10.62 -1.63
C SER A 101 -4.72 9.54 -0.55
N ALA A 102 -5.75 9.59 0.29
CA ALA A 102 -5.93 8.62 1.35
C ALA A 102 -5.45 7.24 0.92
N VAL A 103 -4.89 6.49 1.87
CA VAL A 103 -4.40 5.15 1.58
C VAL A 103 -5.50 4.10 1.74
N SER A 104 -5.28 2.92 1.19
CA SER A 104 -6.25 1.84 1.26
C SER A 104 -6.16 1.12 2.60
N GLU A 105 -7.24 0.46 2.99
CA GLU A 105 -7.29 -0.28 4.24
C GLU A 105 -6.02 -1.10 4.44
N SER A 106 -5.79 -1.54 5.68
CA SER A 106 -4.60 -2.33 5.99
C SER A 106 -4.78 -3.78 5.57
N LEU A 107 -3.84 -4.28 4.77
CA LEU A 107 -3.90 -5.66 4.29
C LEU A 107 -3.17 -6.59 5.24
N LEU A 108 -3.94 -7.26 6.10
CA LEU A 108 -3.37 -8.20 7.06
C LEU A 108 -3.18 -9.58 6.45
N VAL A 109 -1.93 -9.98 6.26
CA VAL A 109 -1.62 -11.28 5.67
C VAL A 109 -0.72 -12.10 6.60
N GLN A 110 -1.27 -13.19 7.13
CA GLN A 110 -0.52 -14.06 8.03
C GLN A 110 0.30 -15.08 7.25
N THR A 111 1.59 -15.14 7.55
CA THR A 111 2.49 -16.07 6.87
C THR A 111 2.54 -17.42 7.60
N PRO A 112 2.71 -18.50 6.83
CA PRO A 112 2.78 -19.85 7.38
C PRO A 112 4.05 -20.10 8.17
N ALA A 113 3.90 -20.60 9.39
CA ALA A 113 5.04 -20.88 10.25
C ALA A 113 5.65 -22.24 9.93
N VAL A 114 6.86 -22.24 9.38
CA VAL A 114 7.55 -23.47 9.04
C VAL A 114 8.00 -24.22 10.28
N SER A 115 7.96 -25.55 10.22
CA SER A 115 8.36 -26.38 11.35
C SER A 115 9.88 -26.38 11.51
N GLY A 116 10.39 -25.39 12.24
CA GLY A 116 11.82 -25.30 12.46
C GLY A 116 12.15 -24.75 13.83
N PRO A 117 13.46 -24.58 14.10
CA PRO A 117 13.94 -24.07 15.39
C PRO A 117 13.61 -22.60 15.59
N SER A 118 13.57 -22.17 16.84
CA SER A 118 13.25 -20.78 17.17
C SER A 118 14.35 -20.17 18.04
N SER A 119 14.66 -20.83 19.14
CA SER A 119 15.69 -20.34 20.06
C SER A 119 16.98 -21.13 19.89
N GLY A 120 16.87 -22.46 19.89
CA GLY A 120 18.05 -23.30 19.73
C GLY A 120 18.78 -23.53 21.04
N GLY A 1 25.04 20.40 15.69
CA GLY A 1 23.81 21.18 15.67
C GLY A 1 23.10 21.09 14.34
N SER A 2 21.78 21.20 14.36
CA SER A 2 20.98 21.12 13.14
C SER A 2 19.53 21.51 13.43
N SER A 3 19.08 22.59 12.80
CA SER A 3 17.71 23.07 12.97
C SER A 3 17.41 24.22 12.01
N GLY A 4 16.12 24.43 11.75
CA GLY A 4 15.71 25.49 10.85
C GLY A 4 14.26 25.38 10.45
N SER A 5 13.75 26.41 9.78
CA SER A 5 12.36 26.44 9.35
C SER A 5 12.27 26.67 7.84
N SER A 6 11.03 26.70 7.33
CA SER A 6 10.81 26.90 5.91
C SER A 6 9.74 27.98 5.68
N GLY A 7 8.50 27.65 5.99
CA GLY A 7 7.40 28.59 5.82
C GLY A 7 7.21 28.99 4.37
N VAL A 8 6.98 27.99 3.52
CA VAL A 8 6.77 28.24 2.10
C VAL A 8 5.28 28.21 1.74
N VAL A 9 4.89 29.06 0.80
CA VAL A 9 3.50 29.13 0.37
C VAL A 9 3.38 29.83 -0.98
N GLU A 10 2.46 29.34 -1.80
CA GLU A 10 2.24 29.91 -3.13
C GLU A 10 0.97 29.35 -3.77
N PHE A 11 0.32 30.17 -4.58
CA PHE A 11 -0.91 29.74 -5.26
C PHE A 11 -0.60 29.21 -6.66
N THR A 12 -0.82 27.91 -6.84
CA THR A 12 -0.57 27.27 -8.12
C THR A 12 -1.76 26.42 -8.56
N THR A 13 -2.02 26.41 -9.87
CA THR A 13 -3.14 25.64 -10.42
C THR A 13 -2.88 24.14 -10.29
N CYS A 14 -3.95 23.37 -10.12
CA CYS A 14 -3.84 21.93 -10.00
C CYS A 14 -5.20 21.26 -10.16
N PRO A 15 -5.21 20.08 -10.78
CA PRO A 15 -6.45 19.31 -11.02
C PRO A 15 -7.04 18.75 -9.73
N ASP A 16 -8.10 17.96 -9.87
CA ASP A 16 -8.76 17.36 -8.72
C ASP A 16 -8.06 16.07 -8.30
N LYS A 17 -8.04 15.81 -7.00
CA LYS A 17 -7.40 14.59 -6.49
C LYS A 17 -8.15 13.35 -6.95
N PRO A 18 -7.40 12.26 -7.16
CA PRO A 18 -7.97 10.98 -7.61
C PRO A 18 -8.83 10.32 -6.54
N GLY A 19 -9.11 9.03 -6.72
CA GLY A 19 -9.91 8.30 -5.76
C GLY A 19 -9.17 7.12 -5.16
N ILE A 20 -9.35 6.92 -3.85
CA ILE A 20 -8.70 5.82 -3.15
C ILE A 20 -8.84 4.51 -3.93
N PRO A 21 -7.71 3.82 -4.11
CA PRO A 21 -7.68 2.53 -4.83
C PRO A 21 -8.36 1.42 -4.05
N VAL A 22 -8.17 0.19 -4.51
CA VAL A 22 -8.77 -0.97 -3.85
C VAL A 22 -7.71 -1.74 -3.05
N LYS A 23 -8.10 -2.18 -1.85
CA LYS A 23 -7.20 -2.93 -0.98
C LYS A 23 -6.47 -4.00 -1.76
N PRO A 24 -5.15 -4.11 -1.53
CA PRO A 24 -4.31 -5.11 -2.20
C PRO A 24 -4.60 -6.52 -1.73
N SER A 25 -4.72 -7.44 -2.69
CA SER A 25 -5.00 -8.84 -2.37
C SER A 25 -3.84 -9.74 -2.78
N VAL A 26 -3.89 -10.99 -2.36
CA VAL A 26 -2.84 -11.96 -2.67
C VAL A 26 -3.16 -12.70 -3.97
N LYS A 27 -2.23 -12.64 -4.92
CA LYS A 27 -2.41 -13.31 -6.20
C LYS A 27 -1.29 -14.31 -6.45
N GLY A 28 -1.64 -15.58 -6.51
CA GLY A 28 -0.65 -16.62 -6.74
C GLY A 28 -0.45 -17.51 -5.53
N LYS A 29 0.82 -17.72 -5.15
CA LYS A 29 1.15 -18.55 -4.01
C LYS A 29 1.96 -17.77 -2.98
N ILE A 30 1.48 -17.77 -1.75
CA ILE A 30 2.17 -17.06 -0.67
C ILE A 30 3.27 -17.91 -0.06
N HIS A 31 4.50 -17.41 -0.14
CA HIS A 31 5.65 -18.13 0.41
C HIS A 31 5.74 -17.93 1.92
N SER A 32 5.93 -19.04 2.64
CA SER A 32 6.02 -19.00 4.09
C SER A 32 6.78 -17.76 4.55
N HIS A 33 7.68 -17.28 3.70
CA HIS A 33 8.47 -16.09 4.02
C HIS A 33 7.84 -14.84 3.43
N SER A 34 7.87 -14.73 2.10
CA SER A 34 7.31 -13.58 1.41
C SER A 34 6.09 -13.99 0.59
N PHE A 35 5.46 -13.01 -0.05
CA PHE A 35 4.28 -13.27 -0.88
C PHE A 35 4.08 -12.16 -1.89
N LYS A 36 3.22 -12.41 -2.88
CA LYS A 36 2.94 -11.44 -3.93
C LYS A 36 1.55 -10.83 -3.74
N ILE A 37 1.46 -9.52 -3.83
CA ILE A 37 0.19 -8.82 -3.68
C ILE A 37 -0.18 -8.06 -4.95
N THR A 38 -1.44 -7.67 -5.05
CA THR A 38 -1.92 -6.93 -6.22
C THR A 38 -3.11 -6.04 -5.86
N TRP A 39 -3.07 -4.80 -6.33
CA TRP A 39 -4.14 -3.85 -6.05
C TRP A 39 -4.90 -3.50 -7.32
N ASP A 40 -6.16 -3.08 -7.17
CA ASP A 40 -6.98 -2.72 -8.31
C ASP A 40 -6.97 -1.20 -8.53
N PRO A 41 -7.22 -0.78 -9.78
CA PRO A 41 -7.25 0.63 -10.15
C PRO A 41 -8.44 1.37 -9.56
N PRO A 42 -8.31 2.69 -9.43
CA PRO A 42 -9.38 3.54 -8.87
C PRO A 42 -10.57 3.65 -9.81
N LYS A 43 -11.77 3.75 -9.23
CA LYS A 43 -13.00 3.87 -10.02
C LYS A 43 -13.38 5.33 -10.19
N ASP A 44 -13.15 6.13 -9.16
CA ASP A 44 -13.48 7.55 -9.21
C ASP A 44 -12.25 8.38 -9.57
N ASN A 45 -11.47 7.90 -10.52
CA ASN A 45 -10.27 8.59 -10.96
C ASN A 45 -10.61 9.97 -11.52
N GLY A 46 -10.28 11.01 -10.76
CA GLY A 46 -10.56 12.36 -11.20
C GLY A 46 -9.86 12.71 -12.50
N GLY A 47 -9.66 13.99 -12.75
CA GLY A 47 -9.00 14.44 -13.96
C GLY A 47 -7.49 14.38 -13.86
N ALA A 48 -6.99 13.47 -13.04
CA ALA A 48 -5.55 13.32 -12.85
C ALA A 48 -5.11 11.87 -13.06
N THR A 49 -4.46 11.62 -14.19
CA THR A 49 -3.99 10.28 -14.51
C THR A 49 -2.85 9.86 -13.59
N ILE A 50 -3.04 8.73 -12.90
CA ILE A 50 -2.03 8.22 -11.99
C ILE A 50 -0.63 8.44 -12.55
N ASN A 51 0.35 8.60 -11.65
CA ASN A 51 1.73 8.81 -12.06
C ASN A 51 2.61 7.65 -11.62
N LYS A 52 2.28 7.06 -10.47
CA LYS A 52 3.04 5.93 -9.94
C LYS A 52 2.25 5.20 -8.86
N TYR A 53 2.54 3.92 -8.67
CA TYR A 53 1.87 3.12 -7.66
C TYR A 53 2.83 2.69 -6.56
N VAL A 54 2.77 3.37 -5.42
CA VAL A 54 3.64 3.06 -4.30
C VAL A 54 2.89 2.22 -3.26
N VAL A 55 3.66 1.45 -2.47
CA VAL A 55 3.08 0.61 -1.44
C VAL A 55 3.82 0.78 -0.11
N GLU A 56 3.08 0.68 0.99
CA GLU A 56 3.67 0.82 2.31
C GLU A 56 3.34 -0.39 3.18
N MET A 57 4.29 -0.78 4.02
CA MET A 57 4.10 -1.92 4.91
C MET A 57 4.61 -1.60 6.32
N ALA A 58 3.84 -2.02 7.32
CA ALA A 58 4.21 -1.78 8.72
C ALA A 58 4.53 -3.08 9.43
N GLU A 59 5.21 -2.98 10.56
CA GLU A 59 5.59 -4.16 11.33
C GLU A 59 4.36 -4.83 11.93
N GLY A 60 3.93 -5.93 11.32
CA GLY A 60 2.77 -6.64 11.81
C GLY A 60 1.64 -5.71 12.23
N SER A 61 0.71 -6.23 13.03
CA SER A 61 -0.41 -5.44 13.50
C SER A 61 0.06 -4.29 14.40
N ASN A 62 0.89 -4.63 15.38
CA ASN A 62 1.42 -3.64 16.31
C ASN A 62 2.58 -2.87 15.69
N GLY A 63 2.36 -1.58 15.44
CA GLY A 63 3.40 -0.76 14.85
C GLY A 63 2.87 0.18 13.77
N ASN A 64 2.95 1.48 14.04
CA ASN A 64 2.46 2.47 13.10
C ASN A 64 3.62 3.08 12.29
N LYS A 65 4.49 2.21 11.78
CA LYS A 65 5.64 2.65 11.00
C LYS A 65 5.45 2.30 9.53
N TRP A 66 4.86 3.23 8.77
CA TRP A 66 4.63 3.02 7.35
C TRP A 66 5.73 3.65 6.51
N GLU A 67 6.24 2.90 5.54
CA GLU A 67 7.31 3.40 4.68
C GLU A 67 7.24 2.73 3.31
N MET A 68 7.78 3.42 2.30
CA MET A 68 7.78 2.90 0.94
C MET A 68 8.56 1.59 0.85
N ILE A 69 8.01 0.63 0.13
CA ILE A 69 8.65 -0.68 -0.03
C ILE A 69 8.84 -1.02 -1.50
N TYR A 70 7.86 -0.65 -2.32
CA TYR A 70 7.92 -0.91 -3.75
C TYR A 70 7.25 0.19 -4.55
N SER A 71 7.73 0.42 -5.76
CA SER A 71 7.17 1.46 -6.63
C SER A 71 7.43 1.14 -8.10
N GLY A 72 6.59 1.67 -8.97
CA GLY A 72 6.74 1.43 -10.40
C GLY A 72 5.42 1.49 -11.15
N ALA A 73 5.47 1.19 -12.44
CA ALA A 73 4.27 1.20 -13.27
C ALA A 73 3.62 -0.18 -13.33
N THR A 74 3.08 -0.62 -12.20
CA THR A 74 2.44 -1.93 -12.13
C THR A 74 1.61 -2.06 -10.85
N ARG A 75 0.46 -2.72 -10.96
CA ARG A 75 -0.41 -2.93 -9.82
C ARG A 75 -0.15 -4.27 -9.15
N GLU A 76 1.12 -4.58 -8.94
CA GLU A 76 1.50 -5.83 -8.31
C GLU A 76 3.01 -5.87 -8.04
N HIS A 77 3.38 -6.42 -6.89
CA HIS A 77 4.79 -6.52 -6.50
C HIS A 77 4.98 -7.61 -5.44
N LEU A 78 6.20 -8.13 -5.36
CA LEU A 78 6.52 -9.17 -4.39
C LEU A 78 7.31 -8.59 -3.22
N CYS A 79 6.67 -8.50 -2.06
CA CYS A 79 7.31 -7.96 -0.86
C CYS A 79 8.20 -9.02 -0.21
N ASP A 80 9.45 -9.07 -0.64
CA ASP A 80 10.41 -10.03 -0.09
C ASP A 80 10.94 -9.56 1.26
N ARG A 81 11.90 -10.31 1.80
CA ARG A 81 12.50 -9.97 3.08
C ARG A 81 11.45 -10.03 4.20
N LEU A 82 10.60 -11.04 4.14
CA LEU A 82 9.55 -11.22 5.15
C LEU A 82 9.81 -12.47 6.00
N ASN A 83 9.42 -12.40 7.26
CA ASN A 83 9.60 -13.53 8.17
C ASN A 83 8.32 -14.34 8.29
N PRO A 84 8.46 -15.68 8.31
CA PRO A 84 7.33 -16.60 8.42
C PRO A 84 6.69 -16.56 9.80
N GLY A 85 5.42 -16.93 9.88
CA GLY A 85 4.71 -16.94 11.14
C GLY A 85 4.66 -15.57 11.78
N CYS A 86 4.30 -14.57 10.99
CA CYS A 86 4.21 -13.19 11.47
C CYS A 86 3.18 -12.40 10.68
N PHE A 87 2.64 -11.36 11.29
CA PHE A 87 1.64 -10.51 10.64
C PHE A 87 2.31 -9.34 9.90
N TYR A 88 1.53 -8.62 9.13
CA TYR A 88 2.03 -7.48 8.37
C TYR A 88 0.90 -6.66 7.77
N ARG A 89 0.96 -5.35 7.94
CA ARG A 89 -0.07 -4.45 7.41
C ARG A 89 0.46 -3.66 6.23
N LEU A 90 -0.19 -3.81 5.08
CA LEU A 90 0.21 -3.10 3.87
C LEU A 90 -0.92 -2.21 3.37
N ARG A 91 -0.55 -1.18 2.60
CA ARG A 91 -1.53 -0.25 2.05
C ARG A 91 -1.05 0.31 0.72
N VAL A 92 -1.92 0.26 -0.29
CA VAL A 92 -1.59 0.77 -1.61
C VAL A 92 -2.33 2.07 -1.90
N TYR A 93 -1.62 3.04 -2.48
CA TYR A 93 -2.21 4.32 -2.82
C TYR A 93 -1.74 4.80 -4.20
N CYS A 94 -2.22 5.96 -4.61
CA CYS A 94 -1.86 6.53 -5.89
C CYS A 94 -1.24 7.92 -5.73
N ILE A 95 -0.36 8.28 -6.65
CA ILE A 95 0.30 9.58 -6.61
C ILE A 95 0.05 10.37 -7.89
N SER A 96 -1.02 11.16 -7.89
CA SER A 96 -1.37 11.96 -9.07
C SER A 96 -1.02 13.43 -8.84
N ASP A 97 -1.09 14.22 -9.90
CA ASP A 97 -0.78 15.65 -9.82
C ASP A 97 -1.39 16.26 -8.56
N GLY A 98 -0.69 17.23 -7.99
CA GLY A 98 -1.17 17.89 -6.78
C GLY A 98 -0.77 17.15 -5.52
N GLY A 99 -0.79 15.82 -5.58
CA GLY A 99 -0.43 15.02 -4.43
C GLY A 99 -0.96 13.61 -4.52
N GLN A 100 -0.71 12.82 -3.48
CA GLN A 100 -1.16 11.43 -3.44
C GLN A 100 -2.48 11.31 -2.68
N SER A 101 -3.13 10.17 -2.83
CA SER A 101 -4.42 9.92 -2.16
C SER A 101 -4.20 9.16 -0.86
N ALA A 102 -5.26 9.07 -0.06
CA ALA A 102 -5.20 8.36 1.21
C ALA A 102 -4.84 6.89 1.01
N VAL A 103 -4.09 6.33 1.95
CA VAL A 103 -3.68 4.94 1.88
C VAL A 103 -4.87 4.01 2.05
N SER A 104 -5.11 3.15 1.07
CA SER A 104 -6.22 2.21 1.12
C SER A 104 -6.19 1.40 2.42
N GLU A 105 -7.19 0.54 2.58
CA GLU A 105 -7.29 -0.29 3.78
C GLU A 105 -6.00 -1.09 3.99
N SER A 106 -5.88 -1.71 5.16
CA SER A 106 -4.70 -2.50 5.50
C SER A 106 -4.85 -3.92 4.98
N LEU A 107 -3.72 -4.55 4.67
CA LEU A 107 -3.72 -5.92 4.16
C LEU A 107 -3.13 -6.89 5.20
N LEU A 108 -4.00 -7.52 5.96
CA LEU A 108 -3.57 -8.47 6.98
C LEU A 108 -3.29 -9.84 6.37
N VAL A 109 -2.01 -10.17 6.25
CA VAL A 109 -1.60 -11.46 5.67
C VAL A 109 -0.72 -12.24 6.64
N GLN A 110 -1.23 -13.35 7.15
CA GLN A 110 -0.49 -14.18 8.08
C GLN A 110 0.26 -15.29 7.35
N THR A 111 1.59 -15.21 7.36
CA THR A 111 2.41 -16.20 6.69
C THR A 111 2.50 -17.49 7.52
N PRO A 112 2.45 -18.63 6.83
CA PRO A 112 2.52 -19.95 7.47
C PRO A 112 3.91 -20.24 8.05
N ALA A 113 3.96 -20.57 9.34
CA ALA A 113 5.22 -20.88 10.00
C ALA A 113 5.76 -22.23 9.56
N VAL A 114 7.08 -22.31 9.40
CA VAL A 114 7.72 -23.55 8.97
C VAL A 114 8.07 -24.42 10.18
N SER A 115 8.04 -25.73 9.98
CA SER A 115 8.35 -26.67 11.05
C SER A 115 8.79 -28.02 10.48
N GLY A 116 9.13 -28.95 11.35
CA GLY A 116 9.57 -30.27 10.93
C GLY A 116 11.05 -30.32 10.62
N PRO A 117 11.61 -31.53 10.63
CA PRO A 117 13.04 -31.74 10.36
C PRO A 117 13.39 -31.49 8.90
N SER A 118 12.63 -32.10 8.00
CA SER A 118 12.87 -31.93 6.56
C SER A 118 13.37 -30.52 6.25
N SER A 119 14.45 -30.44 5.49
CA SER A 119 15.04 -29.16 5.12
C SER A 119 14.32 -28.57 3.91
N GLY A 120 13.81 -27.36 4.06
CA GLY A 120 13.11 -26.70 2.97
C GLY A 120 13.65 -25.32 2.68
N GLY A 1 5.59 2.28 19.83
CA GLY A 1 4.36 3.01 19.59
C GLY A 1 4.61 4.43 19.08
N SER A 2 3.55 5.21 18.98
CA SER A 2 3.66 6.58 18.50
C SER A 2 3.65 7.57 19.67
N SER A 3 3.98 8.82 19.38
CA SER A 3 4.01 9.85 20.40
C SER A 3 2.63 10.46 20.62
N GLY A 4 1.97 10.82 19.53
CA GLY A 4 0.63 11.40 19.62
C GLY A 4 -0.23 11.06 18.42
N SER A 5 -1.51 11.39 18.50
CA SER A 5 -2.45 11.11 17.43
C SER A 5 -3.59 12.13 17.41
N SER A 6 -3.97 12.57 16.22
CA SER A 6 -5.05 13.55 16.08
C SER A 6 -5.66 13.46 14.68
N GLY A 7 -6.79 14.15 14.49
CA GLY A 7 -7.45 14.14 13.21
C GLY A 7 -7.65 15.54 12.65
N VAL A 8 -6.70 15.97 11.81
CA VAL A 8 -6.77 17.30 11.21
C VAL A 8 -7.03 17.20 9.71
N VAL A 9 -8.08 17.88 9.25
CA VAL A 9 -8.45 17.87 7.84
C VAL A 9 -8.01 19.16 7.16
N GLU A 10 -7.47 19.04 5.95
CA GLU A 10 -7.01 20.20 5.20
C GLU A 10 -7.06 19.93 3.70
N PHE A 11 -7.49 20.92 2.93
CA PHE A 11 -7.58 20.80 1.48
C PHE A 11 -6.26 21.16 0.82
N THR A 12 -5.22 20.38 1.11
CA THR A 12 -3.90 20.63 0.54
C THR A 12 -3.86 20.27 -0.95
N THR A 13 -4.97 19.74 -1.46
CA THR A 13 -5.07 19.35 -2.85
C THR A 13 -6.07 20.23 -3.59
N CYS A 14 -5.56 21.14 -4.42
CA CYS A 14 -6.42 22.04 -5.19
C CYS A 14 -7.46 21.25 -5.97
N PRO A 15 -6.99 20.36 -6.86
CA PRO A 15 -7.87 19.53 -7.70
C PRO A 15 -8.62 18.48 -6.88
N ASP A 16 -9.28 17.56 -7.57
CA ASP A 16 -10.02 16.50 -6.92
C ASP A 16 -9.12 15.30 -6.64
N LYS A 17 -9.60 14.40 -5.80
CA LYS A 17 -8.84 13.20 -5.45
C LYS A 17 -8.93 12.15 -6.57
N PRO A 18 -7.81 11.45 -6.80
CA PRO A 18 -7.73 10.42 -7.84
C PRO A 18 -8.55 9.18 -7.48
N GLY A 19 -9.07 9.15 -6.25
CA GLY A 19 -9.86 8.02 -5.82
C GLY A 19 -9.02 6.89 -5.27
N ILE A 20 -9.04 6.70 -3.95
CA ILE A 20 -8.26 5.65 -3.31
C ILE A 20 -8.31 4.36 -4.13
N PRO A 21 -7.16 3.68 -4.23
CA PRO A 21 -7.05 2.42 -4.98
C PRO A 21 -7.77 1.28 -4.29
N VAL A 22 -7.74 0.10 -4.92
CA VAL A 22 -8.39 -1.08 -4.35
C VAL A 22 -7.43 -1.88 -3.48
N LYS A 23 -7.89 -2.25 -2.29
CA LYS A 23 -7.09 -3.02 -1.35
C LYS A 23 -6.29 -4.11 -2.08
N PRO A 24 -4.98 -4.15 -1.84
CA PRO A 24 -4.09 -5.14 -2.46
C PRO A 24 -4.33 -6.54 -1.93
N SER A 25 -4.74 -7.45 -2.81
CA SER A 25 -5.02 -8.83 -2.43
C SER A 25 -3.89 -9.75 -2.88
N VAL A 26 -3.82 -10.93 -2.29
CA VAL A 26 -2.79 -11.90 -2.63
C VAL A 26 -3.16 -12.69 -3.88
N LYS A 27 -2.16 -13.06 -4.67
CA LYS A 27 -2.39 -13.82 -5.90
C LYS A 27 -1.44 -15.01 -5.98
N GLY A 28 -1.96 -16.19 -5.67
CA GLY A 28 -1.14 -17.39 -5.72
C GLY A 28 -0.88 -17.97 -4.34
N LYS A 29 0.30 -18.54 -4.16
CA LYS A 29 0.68 -19.14 -2.88
C LYS A 29 1.59 -18.21 -2.09
N ILE A 30 1.30 -18.06 -0.81
CA ILE A 30 2.08 -17.18 0.06
C ILE A 30 3.23 -17.96 0.71
N HIS A 31 4.44 -17.77 0.19
CA HIS A 31 5.62 -18.44 0.72
C HIS A 31 5.84 -18.07 2.18
N SER A 32 6.82 -18.71 2.81
CA SER A 32 7.13 -18.46 4.21
C SER A 32 7.30 -16.96 4.46
N HIS A 33 8.26 -16.36 3.77
CA HIS A 33 8.52 -14.93 3.92
C HIS A 33 8.70 -14.26 2.56
N SER A 34 7.71 -14.45 1.68
CA SER A 34 7.76 -13.88 0.34
C SER A 34 6.47 -14.16 -0.41
N PHE A 35 5.78 -13.09 -0.81
CA PHE A 35 4.52 -13.22 -1.54
C PHE A 35 4.27 -11.99 -2.40
N LYS A 36 3.64 -12.21 -3.55
CA LYS A 36 3.33 -11.12 -4.48
C LYS A 36 1.92 -10.59 -4.25
N ILE A 37 1.78 -9.27 -4.24
CA ILE A 37 0.48 -8.64 -4.03
C ILE A 37 0.08 -7.82 -5.25
N THR A 38 -1.22 -7.87 -5.58
CA THR A 38 -1.74 -7.13 -6.72
C THR A 38 -3.05 -6.42 -6.37
N TRP A 39 -3.10 -5.12 -6.64
CA TRP A 39 -4.29 -4.33 -6.35
C TRP A 39 -4.99 -3.92 -7.64
N ASP A 40 -6.23 -3.44 -7.51
CA ASP A 40 -7.01 -3.01 -8.66
C ASP A 40 -7.12 -1.49 -8.71
N PRO A 41 -7.33 -0.95 -9.92
CA PRO A 41 -7.45 0.49 -10.13
C PRO A 41 -8.74 1.06 -9.55
N PRO A 42 -8.80 2.40 -9.40
CA PRO A 42 -9.96 3.08 -8.86
C PRO A 42 -11.16 3.03 -9.81
N LYS A 43 -12.36 2.92 -9.25
CA LYS A 43 -13.58 2.86 -10.04
C LYS A 43 -13.52 3.87 -11.20
N ASP A 44 -13.02 5.06 -10.91
CA ASP A 44 -12.91 6.11 -11.92
C ASP A 44 -11.91 7.18 -11.48
N ASN A 45 -11.15 7.71 -12.44
CA ASN A 45 -10.16 8.73 -12.17
C ASN A 45 -10.76 10.13 -12.33
N GLY A 46 -10.22 11.09 -11.58
CA GLY A 46 -10.71 12.45 -11.65
C GLY A 46 -9.66 13.42 -12.16
N GLY A 47 -9.64 14.61 -11.58
CA GLY A 47 -8.68 15.62 -11.99
C GLY A 47 -7.25 15.16 -11.79
N ALA A 48 -6.98 14.50 -10.67
CA ALA A 48 -5.64 14.01 -10.38
C ALA A 48 -5.38 12.68 -11.08
N THR A 49 -4.64 12.73 -12.18
CA THR A 49 -4.32 11.53 -12.94
C THR A 49 -3.19 10.75 -12.28
N ILE A 50 -3.41 9.44 -12.11
CA ILE A 50 -2.41 8.59 -11.49
C ILE A 50 -1.10 8.62 -12.26
N ASN A 51 0.01 8.72 -11.54
CA ASN A 51 1.33 8.76 -12.15
C ASN A 51 2.15 7.53 -11.76
N LYS A 52 2.12 7.19 -10.48
CA LYS A 52 2.85 6.03 -9.98
C LYS A 52 2.08 5.32 -8.88
N TYR A 53 2.27 4.02 -8.77
CA TYR A 53 1.59 3.23 -7.75
C TYR A 53 2.58 2.65 -6.76
N VAL A 54 2.75 3.34 -5.63
CA VAL A 54 3.66 2.89 -4.59
C VAL A 54 2.92 2.14 -3.49
N VAL A 55 3.66 1.32 -2.74
CA VAL A 55 3.07 0.54 -1.65
C VAL A 55 3.82 0.76 -0.36
N GLU A 56 3.10 0.71 0.77
CA GLU A 56 3.70 0.91 2.08
C GLU A 56 3.36 -0.24 3.01
N MET A 57 4.39 -0.81 3.64
CA MET A 57 4.19 -1.92 4.56
C MET A 57 4.63 -1.54 5.97
N ALA A 58 4.00 -2.16 6.97
CA ALA A 58 4.32 -1.88 8.36
C ALA A 58 4.62 -3.17 9.11
N GLU A 59 5.29 -3.03 10.26
CA GLU A 59 5.65 -4.18 11.08
C GLU A 59 4.42 -4.79 11.73
N GLY A 60 3.95 -5.90 11.18
CA GLY A 60 2.77 -6.56 11.73
C GLY A 60 1.70 -5.58 12.14
N SER A 61 0.76 -6.04 12.97
CA SER A 61 -0.34 -5.19 13.43
C SER A 61 0.11 -4.32 14.60
N ASN A 62 -0.71 -3.34 14.94
CA ASN A 62 -0.40 -2.42 16.05
C ASN A 62 0.96 -1.77 15.85
N GLY A 63 1.22 -1.31 14.63
CA GLY A 63 2.49 -0.68 14.32
C GLY A 63 2.34 0.52 13.39
N ASN A 64 2.77 1.68 13.84
CA ASN A 64 2.69 2.90 13.04
C ASN A 64 4.02 3.20 12.36
N LYS A 65 4.64 2.17 11.80
CA LYS A 65 5.91 2.32 11.12
C LYS A 65 5.81 1.89 9.66
N TRP A 66 5.38 2.82 8.80
CA TRP A 66 5.23 2.53 7.38
C TRP A 66 6.48 2.94 6.61
N GLU A 67 6.81 2.17 5.58
CA GLU A 67 7.99 2.44 4.77
C GLU A 67 7.80 1.95 3.34
N MET A 68 8.31 2.71 2.38
CA MET A 68 8.18 2.34 0.97
C MET A 68 8.93 1.05 0.68
N ILE A 69 8.35 0.22 -0.17
CA ILE A 69 8.97 -1.05 -0.53
C ILE A 69 9.04 -1.21 -2.05
N TYR A 70 7.98 -0.79 -2.74
CA TYR A 70 7.92 -0.89 -4.19
C TYR A 70 7.11 0.26 -4.77
N SER A 71 7.66 0.89 -5.82
CA SER A 71 6.99 2.01 -6.47
C SER A 71 7.16 1.93 -7.99
N GLY A 72 6.05 2.06 -8.71
CA GLY A 72 6.09 2.00 -10.16
C GLY A 72 4.72 1.90 -10.78
N ALA A 73 4.66 1.52 -12.05
CA ALA A 73 3.40 1.39 -12.76
C ALA A 73 2.73 0.05 -12.44
N THR A 74 3.37 -1.04 -12.85
CA THR A 74 2.84 -2.38 -12.61
C THR A 74 2.09 -2.43 -11.29
N ARG A 75 0.91 -3.07 -11.31
CA ARG A 75 0.09 -3.20 -10.11
C ARG A 75 0.40 -4.51 -9.38
N GLU A 76 1.61 -5.01 -9.56
CA GLU A 76 2.03 -6.25 -8.93
C GLU A 76 3.47 -6.17 -8.45
N HIS A 77 3.69 -6.48 -7.17
CA HIS A 77 5.03 -6.43 -6.59
C HIS A 77 5.23 -7.58 -5.61
N LEU A 78 6.49 -7.96 -5.40
CA LEU A 78 6.82 -9.04 -4.48
C LEU A 78 7.29 -8.50 -3.13
N CYS A 79 6.46 -8.72 -2.10
CA CYS A 79 6.79 -8.25 -0.76
C CYS A 79 7.79 -9.19 -0.09
N ASP A 80 9.07 -8.90 -0.27
CA ASP A 80 10.13 -9.71 0.32
C ASP A 80 10.56 -9.16 1.67
N ARG A 81 11.55 -9.79 2.28
CA ARG A 81 12.05 -9.35 3.59
C ARG A 81 10.95 -9.45 4.64
N LEU A 82 10.27 -10.59 4.68
CA LEU A 82 9.20 -10.81 5.65
C LEU A 82 9.55 -11.94 6.61
N ASN A 83 8.71 -12.15 7.60
CA ASN A 83 8.94 -13.19 8.59
C ASN A 83 7.70 -14.07 8.75
N PRO A 84 7.91 -15.40 8.76
CA PRO A 84 6.83 -16.37 8.89
C PRO A 84 6.21 -16.37 10.29
N GLY A 85 4.97 -16.84 10.40
CA GLY A 85 4.30 -16.88 11.68
C GLY A 85 4.14 -15.50 12.29
N CYS A 86 3.87 -14.51 11.45
CA CYS A 86 3.70 -13.14 11.92
C CYS A 86 2.75 -12.37 11.01
N PHE A 87 2.25 -11.24 11.50
CA PHE A 87 1.33 -10.41 10.72
C PHE A 87 2.09 -9.32 9.97
N TYR A 88 1.38 -8.61 9.10
CA TYR A 88 1.97 -7.55 8.31
C TYR A 88 0.91 -6.72 7.61
N ARG A 89 0.90 -5.41 7.89
CA ARG A 89 -0.08 -4.52 7.28
C ARG A 89 0.52 -3.80 6.07
N LEU A 90 -0.27 -3.67 5.01
CA LEU A 90 0.18 -3.01 3.80
C LEU A 90 -0.84 -1.99 3.33
N ARG A 91 -0.38 -0.99 2.59
CA ARG A 91 -1.26 0.06 2.06
C ARG A 91 -0.78 0.53 0.70
N VAL A 92 -1.70 0.55 -0.27
CA VAL A 92 -1.37 0.98 -1.62
C VAL A 92 -2.04 2.32 -1.95
N TYR A 93 -1.25 3.26 -2.45
CA TYR A 93 -1.77 4.57 -2.79
C TYR A 93 -1.12 5.10 -4.08
N CYS A 94 -1.82 5.97 -4.78
CA CYS A 94 -1.31 6.54 -6.01
C CYS A 94 -0.77 7.95 -5.78
N ILE A 95 0.13 8.39 -6.66
CA ILE A 95 0.71 9.72 -6.55
C ILE A 95 0.35 10.59 -7.75
N SER A 96 -0.75 11.32 -7.63
CA SER A 96 -1.21 12.19 -8.70
C SER A 96 -0.90 13.66 -8.39
N ASP A 97 -1.06 14.51 -9.39
CA ASP A 97 -0.80 15.94 -9.21
C ASP A 97 -1.21 16.41 -7.82
N GLY A 98 -0.44 17.33 -7.26
CA GLY A 98 -0.73 17.85 -5.94
C GLY A 98 -0.07 17.04 -4.84
N GLY A 99 0.03 15.72 -5.05
CA GLY A 99 0.66 14.87 -4.06
C GLY A 99 0.22 13.42 -4.19
N GLN A 100 -0.28 12.86 -3.09
CA GLN A 100 -0.74 11.47 -3.09
C GLN A 100 -2.13 11.36 -2.48
N SER A 101 -2.76 10.21 -2.69
CA SER A 101 -4.10 9.97 -2.16
C SER A 101 -4.05 9.26 -0.81
N ALA A 102 -5.18 9.22 -0.12
CA ALA A 102 -5.26 8.57 1.17
C ALA A 102 -4.91 7.09 1.08
N VAL A 103 -3.98 6.66 1.93
CA VAL A 103 -3.56 5.26 1.93
C VAL A 103 -4.75 4.32 2.01
N SER A 104 -4.79 3.37 1.09
CA SER A 104 -5.89 2.40 1.04
C SER A 104 -5.97 1.60 2.33
N GLU A 105 -7.03 0.81 2.47
CA GLU A 105 -7.22 0.00 3.68
C GLU A 105 -5.97 -0.82 3.98
N SER A 106 -5.95 -1.44 5.15
CA SER A 106 -4.82 -2.26 5.57
C SER A 106 -4.99 -3.70 5.11
N LEU A 107 -3.92 -4.29 4.59
CA LEU A 107 -3.95 -5.67 4.12
C LEU A 107 -3.30 -6.60 5.13
N LEU A 108 -4.13 -7.41 5.79
CA LEU A 108 -3.65 -8.36 6.78
C LEU A 108 -3.39 -9.73 6.16
N VAL A 109 -2.14 -10.16 6.18
CA VAL A 109 -1.77 -11.45 5.61
C VAL A 109 -0.98 -12.28 6.62
N GLN A 110 -1.48 -13.49 6.90
CA GLN A 110 -0.81 -14.37 7.85
C GLN A 110 0.13 -15.34 7.12
N THR A 111 1.42 -15.18 7.36
CA THR A 111 2.42 -16.04 6.72
C THR A 111 2.49 -17.40 7.40
N PRO A 112 2.72 -18.45 6.61
CA PRO A 112 2.80 -19.83 7.11
C PRO A 112 4.07 -20.06 7.94
N ALA A 113 3.88 -20.32 9.22
CA ALA A 113 5.00 -20.57 10.13
C ALA A 113 5.61 -21.94 9.87
N VAL A 114 6.83 -21.94 9.34
CA VAL A 114 7.53 -23.19 9.05
C VAL A 114 7.75 -24.00 10.31
N SER A 115 7.90 -25.31 10.15
CA SER A 115 8.11 -26.21 11.28
C SER A 115 8.94 -27.42 10.86
N GLY A 116 9.71 -27.96 11.81
CA GLY A 116 10.54 -29.12 11.52
C GLY A 116 12.00 -28.89 11.88
N PRO A 117 12.89 -29.66 11.25
CA PRO A 117 14.33 -29.56 11.50
C PRO A 117 14.92 -28.26 10.96
N SER A 118 14.10 -27.48 10.28
CA SER A 118 14.54 -26.21 9.72
C SER A 118 15.59 -26.44 8.63
N SER A 119 15.37 -27.46 7.81
CA SER A 119 16.30 -27.78 6.73
C SER A 119 15.85 -27.16 5.41
N GLY A 120 16.68 -26.25 4.89
CA GLY A 120 16.35 -25.58 3.65
C GLY A 120 17.52 -24.79 3.10
N GLY A 1 14.03 32.75 21.40
CA GLY A 1 13.30 33.26 20.25
C GLY A 1 11.81 33.00 20.35
N SER A 2 11.10 33.20 19.25
CA SER A 2 9.66 32.99 19.23
C SER A 2 9.21 32.48 17.85
N SER A 3 7.92 32.17 17.74
CA SER A 3 7.37 31.66 16.49
C SER A 3 5.93 32.12 16.30
N GLY A 4 5.61 32.58 15.09
CA GLY A 4 4.26 33.04 14.81
C GLY A 4 3.58 32.21 13.73
N SER A 5 2.81 32.88 12.87
CA SER A 5 2.09 32.21 11.80
C SER A 5 1.75 33.19 10.68
N SER A 6 1.28 32.65 9.56
CA SER A 6 0.91 33.47 8.41
C SER A 6 -0.15 32.77 7.57
N GLY A 7 -0.73 33.50 6.62
CA GLY A 7 -1.75 32.95 5.76
C GLY A 7 -1.18 32.42 4.46
N VAL A 8 -1.83 31.40 3.89
CA VAL A 8 -1.38 30.82 2.64
C VAL A 8 -2.41 31.00 1.53
N VAL A 9 -2.00 31.65 0.46
CA VAL A 9 -2.89 31.91 -0.67
C VAL A 9 -2.73 30.83 -1.74
N GLU A 10 -3.83 30.13 -2.03
CA GLU A 10 -3.82 29.07 -3.03
C GLU A 10 -4.73 29.41 -4.20
N PHE A 11 -4.62 28.66 -5.29
CA PHE A 11 -5.43 28.89 -6.47
C PHE A 11 -5.92 27.56 -7.06
N THR A 12 -6.61 27.65 -8.19
CA THR A 12 -7.13 26.46 -8.86
C THR A 12 -6.32 26.13 -10.10
N THR A 13 -5.01 25.99 -9.94
CA THR A 13 -4.12 25.67 -11.05
C THR A 13 -3.99 24.16 -11.23
N CYS A 14 -3.91 23.45 -10.12
CA CYS A 14 -3.77 21.99 -10.16
C CYS A 14 -5.14 21.33 -10.32
N PRO A 15 -5.15 20.14 -10.94
CA PRO A 15 -6.38 19.38 -11.17
C PRO A 15 -6.96 18.81 -9.88
N ASP A 16 -7.93 17.91 -10.02
CA ASP A 16 -8.56 17.30 -8.86
C ASP A 16 -7.79 16.07 -8.40
N LYS A 17 -7.77 15.85 -7.09
CA LYS A 17 -7.06 14.71 -6.52
C LYS A 17 -7.68 13.40 -6.98
N PRO A 18 -6.82 12.38 -7.20
CA PRO A 18 -7.26 11.05 -7.65
C PRO A 18 -8.03 10.30 -6.58
N GLY A 19 -8.60 9.17 -6.95
CA GLY A 19 -9.36 8.36 -6.00
C GLY A 19 -8.53 7.26 -5.39
N ILE A 20 -8.91 6.83 -4.19
CA ILE A 20 -8.19 5.76 -3.50
C ILE A 20 -8.33 4.44 -4.24
N PRO A 21 -7.23 3.69 -4.32
CA PRO A 21 -7.20 2.39 -4.99
C PRO A 21 -7.98 1.33 -4.24
N VAL A 22 -7.79 0.06 -4.63
CA VAL A 22 -8.48 -1.04 -3.99
C VAL A 22 -7.53 -1.86 -3.12
N LYS A 23 -7.98 -2.22 -1.93
CA LYS A 23 -7.17 -3.01 -1.01
C LYS A 23 -6.41 -4.10 -1.75
N PRO A 24 -5.09 -4.14 -1.56
CA PRO A 24 -4.22 -5.14 -2.20
C PRO A 24 -4.44 -6.54 -1.65
N SER A 25 -4.84 -7.47 -2.52
CA SER A 25 -5.10 -8.84 -2.11
C SER A 25 -3.92 -9.74 -2.49
N VAL A 26 -3.98 -10.99 -2.05
CA VAL A 26 -2.92 -11.95 -2.34
C VAL A 26 -3.01 -12.46 -3.78
N LYS A 27 -1.86 -12.72 -4.38
CA LYS A 27 -1.81 -13.20 -5.75
C LYS A 27 -1.01 -14.50 -5.85
N GLY A 28 -1.42 -15.39 -6.75
CA GLY A 28 -0.73 -16.65 -6.92
C GLY A 28 -0.64 -17.44 -5.63
N LYS A 29 0.59 -17.71 -5.18
CA LYS A 29 0.80 -18.47 -3.95
C LYS A 29 1.69 -17.69 -2.98
N ILE A 30 1.32 -17.71 -1.70
CA ILE A 30 2.08 -17.00 -0.69
C ILE A 30 3.26 -17.85 -0.20
N HIS A 31 4.45 -17.26 -0.21
CA HIS A 31 5.65 -17.96 0.23
C HIS A 31 5.83 -17.82 1.74
N SER A 32 6.04 -18.96 2.41
CA SER A 32 6.23 -18.96 3.85
C SER A 32 6.93 -17.69 4.32
N HIS A 33 7.87 -17.21 3.52
CA HIS A 33 8.61 -15.99 3.85
C HIS A 33 7.86 -14.76 3.39
N SER A 34 7.82 -14.56 2.08
CA SER A 34 7.13 -13.40 1.51
C SER A 34 5.93 -13.84 0.66
N PHE A 35 5.28 -12.87 0.02
CA PHE A 35 4.12 -13.16 -0.82
C PHE A 35 3.91 -12.05 -1.84
N LYS A 36 2.97 -12.27 -2.76
CA LYS A 36 2.67 -11.31 -3.80
C LYS A 36 1.33 -10.62 -3.54
N ILE A 37 1.28 -9.31 -3.76
CA ILE A 37 0.05 -8.55 -3.55
C ILE A 37 -0.27 -7.67 -4.75
N THR A 38 -1.54 -7.58 -5.10
CA THR A 38 -1.98 -6.77 -6.23
C THR A 38 -3.29 -6.06 -5.93
N TRP A 39 -3.44 -4.85 -6.44
CA TRP A 39 -4.65 -4.07 -6.22
C TRP A 39 -5.33 -3.75 -7.55
N ASP A 40 -6.42 -2.98 -7.49
CA ASP A 40 -7.16 -2.60 -8.68
C ASP A 40 -7.25 -1.08 -8.80
N PRO A 41 -7.54 -0.59 -10.03
CA PRO A 41 -7.66 0.83 -10.30
C PRO A 41 -8.90 1.44 -9.66
N PRO A 42 -8.85 2.75 -9.37
CA PRO A 42 -9.96 3.47 -8.75
C PRO A 42 -11.13 3.65 -9.71
N LYS A 43 -12.34 3.52 -9.18
CA LYS A 43 -13.55 3.67 -9.99
C LYS A 43 -13.49 4.93 -10.84
N ASP A 44 -12.71 5.91 -10.38
CA ASP A 44 -12.56 7.17 -11.11
C ASP A 44 -11.52 8.06 -10.43
N ASN A 45 -10.48 8.39 -11.17
CA ASN A 45 -9.41 9.24 -10.65
C ASN A 45 -9.72 10.72 -10.89
N GLY A 46 -10.96 11.10 -10.62
CA GLY A 46 -11.36 12.49 -10.81
C GLY A 46 -10.82 13.07 -12.09
N GLY A 47 -10.21 14.25 -11.99
CA GLY A 47 -9.65 14.90 -13.16
C GLY A 47 -8.15 14.74 -13.26
N ALA A 48 -7.66 13.59 -12.81
CA ALA A 48 -6.23 13.31 -12.86
C ALA A 48 -5.97 11.89 -13.36
N THR A 49 -4.78 11.67 -13.90
CA THR A 49 -4.39 10.36 -14.42
C THR A 49 -3.24 9.77 -13.62
N ILE A 50 -3.51 8.65 -12.94
CA ILE A 50 -2.49 7.98 -12.15
C ILE A 50 -1.12 8.09 -12.81
N ASN A 51 -0.08 8.19 -11.98
CA ASN A 51 1.29 8.28 -12.48
C ASN A 51 2.15 7.15 -11.95
N LYS A 52 2.03 6.88 -10.65
CA LYS A 52 2.80 5.82 -10.01
C LYS A 52 2.02 5.20 -8.85
N TYR A 53 2.31 3.95 -8.55
CA TYR A 53 1.64 3.25 -7.45
C TYR A 53 2.64 2.79 -6.40
N VAL A 54 2.66 3.47 -5.26
CA VAL A 54 3.57 3.12 -4.18
C VAL A 54 2.87 2.29 -3.11
N VAL A 55 3.66 1.59 -2.30
CA VAL A 55 3.11 0.75 -1.24
C VAL A 55 3.84 1.00 0.08
N GLU A 56 3.15 0.72 1.18
CA GLU A 56 3.73 0.91 2.51
C GLU A 56 3.37 -0.26 3.43
N MET A 57 4.40 -0.95 3.91
CA MET A 57 4.20 -2.09 4.80
C MET A 57 4.77 -1.81 6.19
N ALA A 58 4.05 -2.24 7.21
CA ALA A 58 4.48 -2.03 8.59
C ALA A 58 4.68 -3.37 9.31
N GLU A 59 5.40 -3.33 10.43
CA GLU A 59 5.65 -4.53 11.21
C GLU A 59 4.36 -5.05 11.84
N GLY A 60 3.79 -6.10 11.26
CA GLY A 60 2.57 -6.67 11.78
C GLY A 60 1.55 -5.62 12.15
N SER A 61 0.64 -5.97 13.06
CA SER A 61 -0.40 -5.05 13.49
C SER A 61 0.19 -3.96 14.40
N ASN A 62 0.74 -4.39 15.53
CA ASN A 62 1.34 -3.46 16.49
C ASN A 62 2.46 -2.65 15.83
N GLY A 63 2.85 -1.56 16.48
CA GLY A 63 3.92 -0.73 15.96
C GLY A 63 3.54 -0.10 14.63
N ASN A 64 3.37 1.22 14.62
CA ASN A 64 3.02 1.94 13.41
C ASN A 64 4.27 2.44 12.68
N LYS A 65 4.95 1.52 12.00
CA LYS A 65 6.15 1.86 11.26
C LYS A 65 5.95 1.65 9.77
N TRP A 66 5.39 2.67 9.11
CA TRP A 66 5.14 2.60 7.68
C TRP A 66 6.26 3.27 6.90
N GLU A 67 6.75 2.59 5.87
CA GLU A 67 7.84 3.11 5.04
C GLU A 67 7.75 2.58 3.61
N MET A 68 8.34 3.30 2.67
CA MET A 68 8.32 2.90 1.28
C MET A 68 9.04 1.57 1.08
N ILE A 69 8.42 0.67 0.33
CA ILE A 69 8.99 -0.64 0.08
C ILE A 69 9.11 -0.90 -1.43
N TYR A 70 8.12 -0.44 -2.18
CA TYR A 70 8.12 -0.64 -3.63
C TYR A 70 7.48 0.57 -4.33
N SER A 71 7.83 0.75 -5.60
CA SER A 71 7.28 1.86 -6.38
C SER A 71 7.34 1.54 -7.87
N GLY A 72 6.25 1.85 -8.58
CA GLY A 72 6.18 1.59 -10.00
C GLY A 72 4.78 1.65 -10.54
N ALA A 73 4.63 1.41 -11.84
CA ALA A 73 3.32 1.44 -12.48
C ALA A 73 2.53 0.16 -12.18
N THR A 74 3.16 -0.99 -12.39
CA THR A 74 2.52 -2.27 -12.15
C THR A 74 1.63 -2.21 -10.92
N ARG A 75 0.48 -2.86 -11.00
CA ARG A 75 -0.47 -2.88 -9.88
C ARG A 75 -0.29 -4.14 -9.04
N GLU A 76 0.97 -4.51 -8.81
CA GLU A 76 1.28 -5.70 -8.02
C GLU A 76 2.78 -5.82 -7.78
N HIS A 77 3.15 -6.36 -6.62
CA HIS A 77 4.55 -6.53 -6.27
C HIS A 77 4.71 -7.54 -5.14
N LEU A 78 5.86 -8.20 -5.09
CA LEU A 78 6.15 -9.19 -4.06
C LEU A 78 6.99 -8.60 -2.94
N CYS A 79 6.36 -8.33 -1.81
CA CYS A 79 7.06 -7.75 -0.66
C CYS A 79 7.95 -8.79 0.00
N ASP A 80 9.19 -8.89 -0.47
CA ASP A 80 10.14 -9.85 0.09
C ASP A 80 10.70 -9.35 1.43
N ARG A 81 11.67 -10.09 1.96
CA ARG A 81 12.27 -9.73 3.24
C ARG A 81 11.24 -9.76 4.36
N LEU A 82 10.47 -10.84 4.42
CA LEU A 82 9.45 -11.00 5.45
C LEU A 82 9.64 -12.30 6.22
N ASN A 83 9.55 -12.22 7.54
CA ASN A 83 9.72 -13.40 8.39
C ASN A 83 8.45 -14.26 8.37
N PRO A 84 8.65 -15.58 8.23
CA PRO A 84 7.55 -16.54 8.20
C PRO A 84 6.86 -16.69 9.55
N GLY A 85 5.54 -16.87 9.53
CA GLY A 85 4.79 -17.01 10.75
C GLY A 85 4.65 -15.71 11.52
N CYS A 86 4.29 -14.64 10.81
CA CYS A 86 4.13 -13.33 11.42
C CYS A 86 3.12 -12.50 10.66
N PHE A 87 2.60 -11.46 11.30
CA PHE A 87 1.62 -10.58 10.68
C PHE A 87 2.31 -9.40 9.97
N TYR A 88 1.54 -8.69 9.15
CA TYR A 88 2.07 -7.56 8.41
C TYR A 88 0.94 -6.73 7.80
N ARG A 89 1.00 -5.42 8.00
CA ARG A 89 -0.02 -4.52 7.47
C ARG A 89 0.54 -3.69 6.31
N LEU A 90 -0.06 -3.85 5.13
CA LEU A 90 0.38 -3.12 3.95
C LEU A 90 -0.68 -2.10 3.52
N ARG A 91 -0.25 -1.10 2.78
CA ARG A 91 -1.15 -0.05 2.30
C ARG A 91 -0.75 0.41 0.90
N VAL A 92 -1.72 0.42 -0.01
CA VAL A 92 -1.47 0.84 -1.39
C VAL A 92 -2.18 2.15 -1.69
N TYR A 93 -1.48 3.06 -2.36
CA TYR A 93 -2.04 4.35 -2.71
C TYR A 93 -1.53 4.82 -4.07
N CYS A 94 -2.18 5.82 -4.64
CA CYS A 94 -1.80 6.36 -5.94
C CYS A 94 -1.14 7.73 -5.79
N ILE A 95 -0.33 8.11 -6.78
CA ILE A 95 0.36 9.40 -6.75
C ILE A 95 0.24 10.11 -8.09
N SER A 96 -0.82 10.89 -8.24
CA SER A 96 -1.04 11.63 -9.48
C SER A 96 -0.54 13.07 -9.36
N ASP A 97 -0.51 13.77 -10.48
CA ASP A 97 -0.04 15.15 -10.51
C ASP A 97 -0.47 15.89 -9.24
N GLY A 98 -1.78 16.12 -9.12
CA GLY A 98 -2.29 16.82 -7.96
C GLY A 98 -1.54 16.47 -6.68
N GLY A 99 -1.25 15.19 -6.50
CA GLY A 99 -0.53 14.75 -5.32
C GLY A 99 -0.76 13.29 -5.01
N GLN A 100 -0.89 12.97 -3.73
CA GLN A 100 -1.12 11.59 -3.30
C GLN A 100 -2.51 11.42 -2.71
N SER A 101 -3.04 10.21 -2.81
CA SER A 101 -4.38 9.92 -2.29
C SER A 101 -4.29 9.08 -1.02
N ALA A 102 -5.36 9.11 -0.22
CA ALA A 102 -5.40 8.36 1.03
C ALA A 102 -5.15 6.88 0.77
N VAL A 103 -4.43 6.24 1.69
CA VAL A 103 -4.11 4.82 1.57
C VAL A 103 -5.37 3.97 1.70
N SER A 104 -5.41 2.86 0.96
CA SER A 104 -6.56 1.96 0.99
C SER A 104 -6.51 1.08 2.23
N GLU A 105 -7.59 0.31 2.43
CA GLU A 105 -7.67 -0.58 3.59
C GLU A 105 -6.38 -1.36 3.78
N SER A 106 -6.12 -1.78 5.01
CA SER A 106 -4.92 -2.53 5.33
C SER A 106 -5.06 -3.99 4.92
N LEU A 107 -4.02 -4.53 4.30
CA LEU A 107 -4.03 -5.93 3.86
C LEU A 107 -3.32 -6.82 4.87
N LEU A 108 -4.10 -7.52 5.68
CA LEU A 108 -3.55 -8.42 6.69
C LEU A 108 -3.28 -9.79 6.11
N VAL A 109 -2.00 -10.18 6.07
CA VAL A 109 -1.61 -11.48 5.54
C VAL A 109 -0.69 -12.22 6.52
N GLN A 110 -1.10 -13.41 6.90
CA GLN A 110 -0.31 -14.23 7.83
C GLN A 110 0.45 -15.32 7.08
N THR A 111 1.76 -15.16 7.00
CA THR A 111 2.61 -16.13 6.31
C THR A 111 2.83 -17.36 7.17
N PRO A 112 2.75 -18.55 6.54
CA PRO A 112 2.94 -19.83 7.23
C PRO A 112 4.39 -20.05 7.65
N ALA A 113 4.57 -20.62 8.84
CA ALA A 113 5.91 -20.88 9.36
C ALA A 113 6.53 -22.09 8.67
N VAL A 114 7.82 -22.02 8.37
CA VAL A 114 8.54 -23.11 7.72
C VAL A 114 8.93 -24.18 8.72
N SER A 115 7.96 -24.63 9.52
CA SER A 115 8.21 -25.65 10.52
C SER A 115 7.15 -26.76 10.45
N GLY A 116 7.60 -27.99 10.30
CA GLY A 116 6.69 -29.11 10.21
C GLY A 116 7.17 -30.19 9.26
N PRO A 117 6.85 -31.46 9.57
CA PRO A 117 7.24 -32.60 8.75
C PRO A 117 6.50 -32.63 7.42
N SER A 118 5.68 -31.63 7.17
CA SER A 118 4.90 -31.55 5.94
C SER A 118 5.82 -31.38 4.74
N SER A 119 6.62 -30.31 4.74
CA SER A 119 7.54 -30.04 3.66
C SER A 119 8.41 -31.26 3.35
N GLY A 120 8.12 -31.93 2.23
CA GLY A 120 8.88 -33.09 1.85
C GLY A 120 10.26 -32.75 1.32
N GLY A 1 -8.27 26.79 18.68
CA GLY A 1 -7.82 27.67 17.61
C GLY A 1 -8.48 29.04 17.68
N SER A 2 -9.24 29.38 16.64
CA SER A 2 -9.92 30.68 16.60
C SER A 2 -11.42 30.50 16.80
N SER A 3 -11.80 29.64 17.73
CA SER A 3 -13.20 29.38 18.02
C SER A 3 -13.92 28.84 16.78
N GLY A 4 -13.26 27.93 16.08
CA GLY A 4 -13.84 27.35 14.89
C GLY A 4 -12.81 27.05 13.82
N SER A 5 -13.21 27.19 12.56
CA SER A 5 -12.31 26.93 11.44
C SER A 5 -12.54 27.94 10.32
N SER A 6 -11.53 28.78 10.07
CA SER A 6 -11.61 29.80 9.04
C SER A 6 -10.24 30.04 8.41
N GLY A 7 -10.24 30.36 7.12
CA GLY A 7 -9.00 30.63 6.42
C GLY A 7 -8.62 29.50 5.48
N VAL A 8 -9.59 29.04 4.69
CA VAL A 8 -9.35 27.95 3.74
C VAL A 8 -8.58 28.45 2.53
N VAL A 9 -7.41 27.85 2.29
CA VAL A 9 -6.58 28.24 1.16
C VAL A 9 -7.24 27.87 -0.16
N GLU A 10 -6.97 28.66 -1.20
CA GLU A 10 -7.55 28.42 -2.52
C GLU A 10 -6.53 27.74 -3.43
N PHE A 11 -6.94 26.63 -4.04
CA PHE A 11 -6.07 25.89 -4.94
C PHE A 11 -6.75 25.67 -6.29
N THR A 12 -6.15 26.23 -7.34
CA THR A 12 -6.69 26.10 -8.68
C THR A 12 -6.26 24.78 -9.32
N THR A 13 -7.18 24.15 -10.05
CA THR A 13 -6.89 22.88 -10.70
C THR A 13 -7.94 22.57 -11.77
N CYS A 14 -7.48 22.13 -12.94
CA CYS A 14 -8.38 21.79 -14.03
C CYS A 14 -9.10 20.48 -13.76
N PRO A 15 -8.32 19.39 -13.63
CA PRO A 15 -8.87 18.06 -13.37
C PRO A 15 -9.44 17.93 -11.96
N ASP A 16 -9.85 16.72 -11.60
CA ASP A 16 -10.42 16.46 -10.29
C ASP A 16 -9.45 15.65 -9.43
N LYS A 17 -9.65 15.71 -8.11
CA LYS A 17 -8.80 14.98 -7.17
C LYS A 17 -8.96 13.48 -7.37
N PRO A 18 -7.84 12.75 -7.24
CA PRO A 18 -7.82 11.29 -7.39
C PRO A 18 -8.53 10.58 -6.23
N GLY A 19 -8.75 9.28 -6.39
CA GLY A 19 -9.41 8.51 -5.36
C GLY A 19 -8.48 7.56 -4.64
N ILE A 20 -9.01 6.44 -4.17
CA ILE A 20 -8.21 5.46 -3.46
C ILE A 20 -8.15 4.14 -4.22
N PRO A 21 -6.95 3.54 -4.29
CA PRO A 21 -6.72 2.28 -4.99
C PRO A 21 -7.38 1.10 -4.26
N VAL A 22 -7.73 0.07 -5.02
CA VAL A 22 -8.36 -1.12 -4.46
C VAL A 22 -7.42 -1.84 -3.50
N LYS A 23 -7.93 -2.18 -2.32
CA LYS A 23 -7.13 -2.87 -1.31
C LYS A 23 -6.25 -3.94 -1.95
N PRO A 24 -4.97 -3.97 -1.56
CA PRO A 24 -4.01 -4.95 -2.09
C PRO A 24 -4.29 -6.37 -1.60
N SER A 25 -4.62 -7.25 -2.54
CA SER A 25 -4.91 -8.64 -2.21
C SER A 25 -3.79 -9.56 -2.64
N VAL A 26 -3.89 -10.83 -2.27
CA VAL A 26 -2.87 -11.81 -2.63
C VAL A 26 -3.11 -12.37 -4.03
N LYS A 27 -2.03 -12.59 -4.77
CA LYS A 27 -2.13 -13.12 -6.12
C LYS A 27 -1.38 -14.45 -6.24
N GLY A 28 -2.08 -15.54 -5.95
CA GLY A 28 -1.47 -16.86 -6.03
C GLY A 28 -1.29 -17.50 -4.67
N LYS A 29 -0.10 -18.02 -4.42
CA LYS A 29 0.21 -18.67 -3.15
C LYS A 29 1.14 -17.81 -2.32
N ILE A 30 1.01 -17.90 -1.00
CA ILE A 30 1.85 -17.12 -0.09
C ILE A 30 2.94 -17.99 0.53
N HIS A 31 4.17 -17.81 0.05
CA HIS A 31 5.31 -18.57 0.56
C HIS A 31 5.62 -18.19 2.00
N SER A 32 6.53 -18.93 2.63
CA SER A 32 6.92 -18.67 4.00
C SER A 32 7.07 -17.17 4.25
N HIS A 33 8.07 -16.57 3.61
CA HIS A 33 8.32 -15.14 3.75
C HIS A 33 8.55 -14.49 2.39
N SER A 34 7.57 -14.61 1.50
CA SER A 34 7.68 -14.04 0.17
C SER A 34 6.37 -14.22 -0.60
N PHE A 35 5.74 -13.11 -0.95
CA PHE A 35 4.47 -13.14 -1.68
C PHE A 35 4.25 -11.83 -2.45
N LYS A 36 3.59 -11.93 -3.59
CA LYS A 36 3.31 -10.76 -4.42
C LYS A 36 1.92 -10.21 -4.13
N ILE A 37 1.81 -8.89 -4.09
CA ILE A 37 0.53 -8.23 -3.82
C ILE A 37 0.17 -7.27 -4.94
N THR A 38 -1.05 -7.40 -5.45
CA THR A 38 -1.53 -6.54 -6.53
C THR A 38 -2.83 -5.87 -6.16
N TRP A 39 -2.92 -4.56 -6.39
CA TRP A 39 -4.11 -3.80 -6.08
C TRP A 39 -4.86 -3.41 -7.35
N ASP A 40 -6.14 -3.78 -7.42
CA ASP A 40 -6.96 -3.46 -8.58
C ASP A 40 -7.12 -1.94 -8.75
N PRO A 41 -7.35 -1.52 -10.00
CA PRO A 41 -7.52 -0.10 -10.32
C PRO A 41 -8.82 0.48 -9.77
N PRO A 42 -8.80 1.78 -9.46
CA PRO A 42 -9.97 2.48 -8.91
C PRO A 42 -11.08 2.64 -9.95
N LYS A 43 -12.30 2.30 -9.56
CA LYS A 43 -13.45 2.42 -10.45
C LYS A 43 -13.74 3.88 -10.79
N ASP A 44 -13.78 4.72 -9.77
CA ASP A 44 -14.04 6.14 -9.96
C ASP A 44 -12.94 6.98 -9.31
N ASN A 45 -11.99 7.42 -10.13
CA ASN A 45 -10.89 8.24 -9.65
C ASN A 45 -11.29 9.71 -9.59
N GLY A 46 -11.96 10.19 -10.63
CA GLY A 46 -12.39 11.57 -10.67
C GLY A 46 -12.08 12.24 -12.01
N GLY A 47 -10.85 12.69 -12.16
CA GLY A 47 -10.45 13.34 -13.41
C GLY A 47 -9.03 13.02 -13.80
N ALA A 48 -8.13 12.99 -12.82
CA ALA A 48 -6.73 12.70 -13.06
C ALA A 48 -6.50 11.20 -13.20
N THR A 49 -5.42 10.83 -13.88
CA THR A 49 -5.09 9.42 -14.08
C THR A 49 -3.81 9.04 -13.33
N ILE A 50 -3.90 8.01 -12.50
CA ILE A 50 -2.76 7.55 -11.72
C ILE A 50 -1.56 7.29 -12.63
N ASN A 51 -0.35 7.56 -12.11
CA ASN A 51 0.87 7.35 -12.87
C ASN A 51 1.86 6.48 -12.09
N LYS A 52 1.94 6.72 -10.79
CA LYS A 52 2.84 5.95 -9.93
C LYS A 52 2.07 5.27 -8.81
N TYR A 53 2.40 4.00 -8.56
CA TYR A 53 1.73 3.24 -7.51
C TYR A 53 2.73 2.81 -6.44
N VAL A 54 2.75 3.54 -5.33
CA VAL A 54 3.65 3.23 -4.22
C VAL A 54 3.00 2.27 -3.23
N VAL A 55 3.83 1.62 -2.43
CA VAL A 55 3.32 0.68 -1.43
C VAL A 55 4.02 0.89 -0.08
N GLU A 56 3.23 0.78 1.00
CA GLU A 56 3.78 0.96 2.34
C GLU A 56 3.49 -0.26 3.21
N MET A 57 4.53 -0.79 3.85
CA MET A 57 4.39 -1.95 4.71
C MET A 57 4.88 -1.65 6.13
N ALA A 58 4.35 -2.38 7.10
CA ALA A 58 4.74 -2.19 8.50
C ALA A 58 4.95 -3.53 9.19
N GLU A 59 5.73 -3.51 10.27
CA GLU A 59 6.01 -4.73 11.03
C GLU A 59 4.76 -5.23 11.73
N GLY A 60 4.19 -6.31 11.21
CA GLY A 60 2.99 -6.88 11.79
C GLY A 60 1.95 -5.82 12.11
N SER A 61 0.90 -6.22 12.83
CA SER A 61 -0.18 -5.30 13.18
C SER A 61 0.37 -4.07 13.90
N ASN A 62 -0.46 -3.05 14.04
CA ASN A 62 -0.06 -1.81 14.69
C ASN A 62 1.06 -1.13 13.92
N GLY A 63 0.93 -1.09 12.60
CA GLY A 63 1.94 -0.47 11.77
C GLY A 63 1.82 1.05 11.75
N ASN A 64 2.34 1.69 12.78
CA ASN A 64 2.28 3.15 12.88
C ASN A 64 3.41 3.79 12.07
N LYS A 65 4.55 3.12 12.01
CA LYS A 65 5.70 3.62 11.26
C LYS A 65 5.80 2.95 9.90
N TRP A 66 5.18 3.56 8.90
CA TRP A 66 5.20 3.00 7.55
C TRP A 66 6.48 3.41 6.81
N GLU A 67 6.95 2.54 5.94
CA GLU A 67 8.17 2.81 5.17
C GLU A 67 8.06 2.24 3.76
N MET A 68 8.17 3.11 2.76
CA MET A 68 8.09 2.69 1.37
C MET A 68 8.94 1.45 1.12
N ILE A 69 8.38 0.50 0.40
CA ILE A 69 9.09 -0.73 0.08
C ILE A 69 9.27 -0.91 -1.42
N TYR A 70 8.26 -0.49 -2.18
CA TYR A 70 8.30 -0.60 -3.64
C TYR A 70 7.57 0.57 -4.29
N SER A 71 7.98 0.91 -5.50
CA SER A 71 7.37 2.01 -6.24
C SER A 71 7.57 1.85 -7.74
N GLY A 72 6.76 2.56 -8.52
CA GLY A 72 6.88 2.47 -9.97
C GLY A 72 5.53 2.54 -10.66
N ALA A 73 5.41 1.83 -11.78
CA ALA A 73 4.16 1.82 -12.54
C ALA A 73 3.36 0.56 -12.23
N THR A 74 3.89 -0.60 -12.63
CA THR A 74 3.22 -1.86 -12.40
C THR A 74 2.46 -1.86 -11.08
N ARG A 75 1.27 -2.46 -11.09
CA ARG A 75 0.43 -2.52 -9.90
C ARG A 75 0.62 -3.84 -9.17
N GLU A 76 1.85 -4.34 -9.16
CA GLU A 76 2.16 -5.60 -8.50
C GLU A 76 3.61 -5.64 -8.05
N HIS A 77 3.82 -5.93 -6.77
CA HIS A 77 5.17 -6.01 -6.21
C HIS A 77 5.33 -7.24 -5.32
N LEU A 78 6.58 -7.67 -5.16
CA LEU A 78 6.87 -8.85 -4.34
C LEU A 78 7.43 -8.44 -2.99
N CYS A 79 6.78 -8.88 -1.91
CA CYS A 79 7.21 -8.57 -0.56
C CYS A 79 8.21 -9.62 -0.05
N ASP A 80 9.48 -9.38 -0.31
CA ASP A 80 10.54 -10.29 0.13
C ASP A 80 11.08 -9.89 1.49
N ARG A 81 11.88 -10.77 2.09
CA ARG A 81 12.47 -10.51 3.40
C ARG A 81 11.38 -10.36 4.46
N LEU A 82 10.50 -11.35 4.53
CA LEU A 82 9.41 -11.34 5.50
C LEU A 82 9.58 -12.45 6.53
N ASN A 83 8.67 -12.48 7.51
CA ASN A 83 8.72 -13.50 8.56
C ASN A 83 7.46 -14.36 8.54
N PRO A 84 7.65 -15.68 8.50
CA PRO A 84 6.53 -16.64 8.48
C PRO A 84 5.79 -16.69 9.82
N GLY A 85 4.64 -17.34 9.83
CA GLY A 85 3.85 -17.45 11.04
C GLY A 85 3.76 -16.13 11.79
N CYS A 86 3.54 -15.04 11.06
CA CYS A 86 3.44 -13.72 11.66
C CYS A 86 2.50 -12.83 10.84
N PHE A 87 2.18 -11.67 11.40
CA PHE A 87 1.29 -10.72 10.73
C PHE A 87 2.10 -9.63 10.02
N TYR A 88 1.41 -8.85 9.19
CA TYR A 88 2.06 -7.77 8.46
C TYR A 88 1.03 -6.84 7.83
N ARG A 89 1.13 -5.55 8.16
CA ARG A 89 0.20 -4.56 7.63
C ARG A 89 0.77 -3.87 6.39
N LEU A 90 -0.01 -3.84 5.31
CA LEU A 90 0.43 -3.22 4.07
C LEU A 90 -0.61 -2.22 3.57
N ARG A 91 -0.17 -1.27 2.77
CA ARG A 91 -1.06 -0.25 2.23
C ARG A 91 -0.63 0.15 0.81
N VAL A 92 -1.58 0.68 0.04
CA VAL A 92 -1.29 1.11 -1.33
C VAL A 92 -2.01 2.41 -1.66
N TYR A 93 -1.28 3.35 -2.25
CA TYR A 93 -1.84 4.64 -2.62
C TYR A 93 -1.34 5.08 -4.00
N CYS A 94 -2.12 5.92 -4.66
CA CYS A 94 -1.76 6.42 -5.98
C CYS A 94 -1.22 7.84 -5.90
N ILE A 95 -0.49 8.26 -6.94
CA ILE A 95 0.09 9.59 -6.97
C ILE A 95 -0.30 10.33 -8.25
N SER A 96 -1.46 10.98 -8.21
CA SER A 96 -1.95 11.73 -9.37
C SER A 96 -1.71 13.22 -9.20
N ASP A 97 -1.65 13.93 -10.32
CA ASP A 97 -1.42 15.37 -10.30
C ASP A 97 -0.40 15.75 -9.23
N GLY A 98 0.73 15.03 -9.22
CA GLY A 98 1.77 15.28 -8.24
C GLY A 98 1.25 15.26 -6.82
N GLY A 99 0.47 14.24 -6.49
CA GLY A 99 -0.08 14.13 -5.15
C GLY A 99 -0.76 12.78 -4.92
N GLN A 100 -0.78 12.35 -3.66
CA GLN A 100 -1.39 11.08 -3.31
C GLN A 100 -2.59 11.29 -2.38
N SER A 101 -3.61 10.46 -2.55
CA SER A 101 -4.82 10.55 -1.73
C SER A 101 -4.75 9.59 -0.55
N ALA A 102 -5.72 9.70 0.35
CA ALA A 102 -5.77 8.84 1.53
C ALA A 102 -5.23 7.44 1.21
N VAL A 103 -4.40 6.92 2.10
CA VAL A 103 -3.83 5.60 1.92
C VAL A 103 -4.87 4.51 2.10
N SER A 104 -5.03 3.67 1.08
CA SER A 104 -5.99 2.58 1.13
C SER A 104 -5.89 1.81 2.43
N GLU A 105 -7.00 1.18 2.83
CA GLU A 105 -7.03 0.41 4.07
C GLU A 105 -5.79 -0.49 4.17
N SER A 106 -5.57 -1.03 5.37
CA SER A 106 -4.42 -1.91 5.61
C SER A 106 -4.74 -3.34 5.18
N LEU A 107 -3.71 -4.06 4.76
CA LEU A 107 -3.88 -5.45 4.32
C LEU A 107 -3.30 -6.42 5.34
N LEU A 108 -4.12 -7.39 5.76
CA LEU A 108 -3.69 -8.37 6.74
C LEU A 108 -3.37 -9.71 6.06
N VAL A 109 -2.08 -10.04 6.00
CA VAL A 109 -1.65 -11.28 5.38
C VAL A 109 -0.82 -12.12 6.35
N GLN A 110 -1.36 -13.28 6.72
CA GLN A 110 -0.66 -14.17 7.64
C GLN A 110 0.14 -15.22 6.88
N THR A 111 1.47 -15.15 7.03
CA THR A 111 2.35 -16.09 6.36
C THR A 111 2.40 -17.42 7.09
N PRO A 112 2.58 -18.51 6.32
CA PRO A 112 2.64 -19.86 6.86
C PRO A 112 3.91 -20.10 7.68
N ALA A 113 3.74 -20.34 8.97
CA ALA A 113 4.87 -20.59 9.86
C ALA A 113 5.83 -21.61 9.26
N VAL A 114 7.12 -21.43 9.50
CA VAL A 114 8.13 -22.34 8.98
C VAL A 114 8.69 -23.22 10.09
N SER A 115 8.66 -24.54 9.87
CA SER A 115 9.15 -25.48 10.85
C SER A 115 9.24 -26.89 10.25
N GLY A 116 10.25 -27.64 10.67
CA GLY A 116 10.42 -28.99 10.16
C GLY A 116 10.35 -29.06 8.65
N PRO A 117 10.41 -30.29 8.11
CA PRO A 117 10.36 -30.51 6.66
C PRO A 117 8.98 -30.21 6.07
N SER A 118 8.92 -30.08 4.76
CA SER A 118 7.67 -29.79 4.07
C SER A 118 7.45 -30.75 2.90
N SER A 119 6.40 -31.56 2.98
CA SER A 119 6.09 -32.52 1.92
C SER A 119 4.59 -32.80 1.88
N GLY A 120 4.13 -33.33 0.75
CA GLY A 120 2.72 -33.64 0.60
C GLY A 120 2.19 -33.29 -0.78
N GLY A 1 8.36 38.48 6.77
CA GLY A 1 7.37 38.91 7.73
C GLY A 1 6.35 37.82 8.04
N SER A 2 6.03 37.66 9.31
CA SER A 2 5.07 36.64 9.73
C SER A 2 3.70 36.91 9.11
N SER A 3 2.89 35.85 9.02
CA SER A 3 1.56 35.95 8.44
C SER A 3 0.54 36.36 9.50
N GLY A 4 -0.70 36.58 9.06
CA GLY A 4 -1.76 36.95 9.98
C GLY A 4 -2.18 35.82 10.88
N SER A 5 -3.48 35.74 11.15
CA SER A 5 -4.02 34.69 12.01
C SER A 5 -4.60 33.55 11.18
N SER A 6 -4.52 32.34 11.72
CA SER A 6 -5.04 31.17 11.02
C SER A 6 -5.06 29.95 11.94
N GLY A 7 -5.67 28.87 11.47
CA GLY A 7 -5.76 27.66 12.27
C GLY A 7 -5.88 26.41 11.42
N VAL A 8 -6.79 26.45 10.44
CA VAL A 8 -7.01 25.32 9.55
C VAL A 8 -6.63 25.66 8.11
N VAL A 9 -6.11 24.68 7.38
CA VAL A 9 -5.72 24.89 6.00
C VAL A 9 -6.44 23.90 5.07
N GLU A 10 -6.22 24.05 3.78
CA GLU A 10 -6.84 23.18 2.79
C GLU A 10 -6.13 23.27 1.44
N PHE A 11 -5.56 22.15 1.01
CA PHE A 11 -4.84 22.10 -0.27
C PHE A 11 -5.63 21.32 -1.30
N THR A 12 -6.40 22.04 -2.12
CA THR A 12 -7.21 21.43 -3.16
C THR A 12 -6.72 21.83 -4.55
N THR A 13 -5.93 20.96 -5.17
CA THR A 13 -5.41 21.22 -6.50
C THR A 13 -6.51 21.63 -7.46
N CYS A 14 -6.15 22.43 -8.47
CA CYS A 14 -7.12 22.90 -9.45
C CYS A 14 -8.05 21.76 -9.88
N PRO A 15 -7.46 20.70 -10.44
CA PRO A 15 -8.22 19.53 -10.91
C PRO A 15 -8.80 18.72 -9.76
N ASP A 16 -9.49 17.64 -10.10
CA ASP A 16 -10.10 16.78 -9.09
C ASP A 16 -9.11 15.72 -8.60
N LYS A 17 -9.46 15.06 -7.51
CA LYS A 17 -8.60 14.03 -6.94
C LYS A 17 -9.10 12.63 -7.34
N PRO A 18 -8.16 11.69 -7.50
CA PRO A 18 -8.47 10.32 -7.89
C PRO A 18 -9.17 9.55 -6.77
N GLY A 19 -9.50 8.29 -7.03
CA GLY A 19 -10.18 7.48 -6.04
C GLY A 19 -9.25 6.45 -5.41
N ILE A 20 -9.16 6.47 -4.09
CA ILE A 20 -8.31 5.54 -3.36
C ILE A 20 -8.26 4.18 -4.05
N PRO A 21 -7.06 3.60 -4.15
CA PRO A 21 -6.87 2.30 -4.79
C PRO A 21 -7.45 1.15 -3.97
N VAL A 22 -8.13 0.23 -4.63
CA VAL A 22 -8.73 -0.91 -3.96
C VAL A 22 -7.69 -1.70 -3.18
N LYS A 23 -8.02 -2.04 -1.93
CA LYS A 23 -7.12 -2.80 -1.09
C LYS A 23 -6.39 -3.87 -1.88
N PRO A 24 -5.07 -3.99 -1.66
CA PRO A 24 -4.24 -4.98 -2.35
C PRO A 24 -4.53 -6.40 -1.91
N SER A 25 -4.64 -7.32 -2.87
CA SER A 25 -4.92 -8.72 -2.57
C SER A 25 -3.73 -9.60 -2.90
N VAL A 26 -3.81 -10.88 -2.54
CA VAL A 26 -2.74 -11.82 -2.79
C VAL A 26 -3.00 -12.60 -4.09
N LYS A 27 -2.11 -12.46 -5.05
CA LYS A 27 -2.23 -13.14 -6.33
C LYS A 27 -1.34 -14.38 -6.38
N GLY A 28 -1.96 -15.55 -6.27
CA GLY A 28 -1.19 -16.79 -6.30
C GLY A 28 -1.08 -17.43 -4.94
N LYS A 29 0.07 -18.03 -4.66
CA LYS A 29 0.31 -18.69 -3.38
C LYS A 29 1.19 -17.83 -2.48
N ILE A 30 0.99 -17.94 -1.17
CA ILE A 30 1.78 -17.17 -0.21
C ILE A 30 2.92 -17.99 0.34
N HIS A 31 4.14 -17.62 -0.03
CA HIS A 31 5.34 -18.31 0.43
C HIS A 31 5.54 -18.12 1.92
N SER A 32 6.61 -18.70 2.46
CA SER A 32 6.92 -18.60 3.88
C SER A 32 7.12 -17.14 4.28
N HIS A 33 8.12 -16.50 3.69
CA HIS A 33 8.41 -15.09 3.98
C HIS A 33 8.49 -14.28 2.70
N SER A 34 7.50 -14.46 1.83
CA SER A 34 7.47 -13.73 0.55
C SER A 34 6.17 -14.04 -0.20
N PHE A 35 5.50 -12.99 -0.65
CA PHE A 35 4.25 -13.15 -1.40
C PHE A 35 4.02 -11.97 -2.34
N LYS A 36 3.16 -12.16 -3.33
CA LYS A 36 2.85 -11.11 -4.29
C LYS A 36 1.54 -10.43 -3.95
N ILE A 37 1.49 -9.11 -4.14
CA ILE A 37 0.29 -8.33 -3.86
C ILE A 37 -0.10 -7.47 -5.05
N THR A 38 -1.40 -7.40 -5.32
CA THR A 38 -1.91 -6.61 -6.43
C THR A 38 -2.96 -5.61 -5.96
N TRP A 39 -2.75 -4.34 -6.30
CA TRP A 39 -3.68 -3.29 -5.91
C TRP A 39 -4.47 -2.79 -7.12
N ASP A 40 -5.66 -3.32 -7.31
CA ASP A 40 -6.52 -2.93 -8.42
C ASP A 40 -6.50 -1.41 -8.61
N PRO A 41 -6.92 -0.97 -9.81
CA PRO A 41 -6.95 0.46 -10.14
C PRO A 41 -8.04 1.21 -9.37
N PRO A 42 -8.00 2.55 -9.45
CA PRO A 42 -8.97 3.40 -8.76
C PRO A 42 -10.36 3.30 -9.39
N LYS A 43 -11.34 3.88 -8.70
CA LYS A 43 -12.72 3.87 -9.19
C LYS A 43 -12.99 5.04 -10.11
N ASP A 44 -12.63 4.89 -11.38
CA ASP A 44 -12.84 5.93 -12.37
C ASP A 44 -12.23 7.25 -11.89
N ASN A 45 -10.96 7.21 -11.50
CA ASN A 45 -10.27 8.40 -11.01
C ASN A 45 -10.64 9.62 -11.85
N GLY A 46 -10.68 10.78 -11.21
CA GLY A 46 -11.03 12.00 -11.90
C GLY A 46 -10.14 13.17 -11.51
N GLY A 47 -9.99 14.14 -12.42
CA GLY A 47 -9.15 15.29 -12.14
C GLY A 47 -7.70 15.05 -12.47
N ALA A 48 -7.05 14.22 -11.66
CA ALA A 48 -5.64 13.90 -11.87
C ALA A 48 -5.44 12.41 -12.15
N THR A 49 -4.90 12.09 -13.33
CA THR A 49 -4.67 10.72 -13.71
C THR A 49 -3.43 10.15 -13.01
N ILE A 50 -3.60 9.01 -12.35
CA ILE A 50 -2.50 8.37 -11.65
C ILE A 50 -1.31 8.11 -12.59
N ASN A 51 -0.12 8.06 -12.02
CA ASN A 51 1.09 7.83 -12.81
C ASN A 51 1.93 6.72 -12.19
N LYS A 52 2.17 6.81 -10.89
CA LYS A 52 2.96 5.82 -10.17
C LYS A 52 2.17 5.23 -9.00
N TYR A 53 2.52 4.02 -8.61
CA TYR A 53 1.84 3.35 -7.50
C TYR A 53 2.84 2.91 -6.43
N VAL A 54 2.82 3.61 -5.30
CA VAL A 54 3.73 3.30 -4.20
C VAL A 54 3.09 2.28 -3.24
N VAL A 55 3.94 1.50 -2.58
CA VAL A 55 3.47 0.50 -1.63
C VAL A 55 4.10 0.70 -0.26
N GLU A 56 3.26 0.65 0.78
CA GLU A 56 3.74 0.82 2.14
C GLU A 56 3.64 -0.48 2.93
N MET A 57 4.63 -0.72 3.79
CA MET A 57 4.66 -1.93 4.60
C MET A 57 4.79 -1.60 6.08
N ALA A 58 4.16 -2.40 6.93
CA ALA A 58 4.22 -2.20 8.37
C ALA A 58 4.43 -3.51 9.10
N GLU A 59 5.09 -3.43 10.26
CA GLU A 59 5.35 -4.63 11.06
C GLU A 59 4.08 -5.11 11.75
N GLY A 60 3.53 -6.21 11.25
CA GLY A 60 2.32 -6.76 11.83
C GLY A 60 1.28 -5.69 12.12
N SER A 61 0.32 -6.02 12.98
CA SER A 61 -0.74 -5.09 13.34
C SER A 61 -0.26 -4.09 14.37
N ASN A 62 0.39 -4.60 15.42
CA ASN A 62 0.91 -3.75 16.48
C ASN A 62 2.25 -3.13 16.09
N GLY A 63 2.30 -1.80 16.09
CA GLY A 63 3.51 -1.10 15.73
C GLY A 63 3.33 -0.19 14.52
N ASN A 64 3.01 1.07 14.79
CA ASN A 64 2.79 2.04 13.72
C ASN A 64 4.12 2.43 13.07
N LYS A 65 4.52 1.67 12.05
CA LYS A 65 5.77 1.93 11.34
C LYS A 65 5.63 1.59 9.86
N TRP A 66 5.64 2.62 9.02
CA TRP A 66 5.53 2.43 7.58
C TRP A 66 6.73 3.02 6.86
N GLU A 67 7.20 2.31 5.84
CA GLU A 67 8.35 2.77 5.06
C GLU A 67 8.25 2.28 3.62
N MET A 68 8.58 3.17 2.68
CA MET A 68 8.53 2.83 1.26
C MET A 68 9.26 1.51 0.99
N ILE A 69 8.59 0.62 0.27
CA ILE A 69 9.17 -0.67 -0.06
C ILE A 69 9.29 -0.85 -1.57
N TYR A 70 8.30 -0.36 -2.29
CA TYR A 70 8.28 -0.47 -3.75
C TYR A 70 7.61 0.74 -4.39
N SER A 71 7.90 0.98 -5.65
CA SER A 71 7.32 2.11 -6.38
C SER A 71 7.33 1.85 -7.88
N GLY A 72 6.24 2.24 -8.54
CA GLY A 72 6.13 2.05 -9.97
C GLY A 72 4.70 1.97 -10.44
N ALA A 73 4.51 1.99 -11.76
CA ALA A 73 3.17 1.92 -12.34
C ALA A 73 2.54 0.55 -12.09
N THR A 74 3.19 -0.49 -12.58
CA THR A 74 2.68 -1.86 -12.42
C THR A 74 1.96 -2.02 -11.08
N ARG A 75 0.73 -2.49 -11.13
CA ARG A 75 -0.07 -2.69 -9.92
C ARG A 75 0.15 -4.09 -9.35
N GLU A 76 1.37 -4.60 -9.52
CA GLU A 76 1.71 -5.94 -9.02
C GLU A 76 3.18 -6.02 -8.63
N HIS A 77 3.43 -6.26 -7.35
CA HIS A 77 4.79 -6.35 -6.85
C HIS A 77 4.93 -7.48 -5.83
N LEU A 78 6.13 -8.00 -5.67
CA LEU A 78 6.39 -9.09 -4.74
C LEU A 78 6.97 -8.55 -3.43
N CYS A 79 6.18 -8.66 -2.36
CA CYS A 79 6.62 -8.19 -1.05
C CYS A 79 7.56 -9.20 -0.40
N ASP A 80 8.85 -8.89 -0.41
CA ASP A 80 9.86 -9.77 0.18
C ASP A 80 10.25 -9.28 1.57
N ARG A 81 11.24 -9.93 2.16
CA ARG A 81 11.72 -9.57 3.49
C ARG A 81 10.61 -9.73 4.53
N LEU A 82 9.99 -10.91 4.55
CA LEU A 82 8.91 -11.18 5.48
C LEU A 82 9.35 -12.23 6.52
N ASN A 83 8.50 -12.45 7.53
CA ASN A 83 8.79 -13.42 8.57
C ASN A 83 7.64 -14.38 8.75
N PRO A 84 7.94 -15.69 8.74
CA PRO A 84 6.93 -16.74 8.91
C PRO A 84 6.38 -16.79 10.33
N GLY A 85 5.09 -17.12 10.45
CA GLY A 85 4.46 -17.19 11.75
C GLY A 85 4.32 -15.83 12.41
N CYS A 86 4.04 -14.81 11.60
CA CYS A 86 3.88 -13.45 12.11
C CYS A 86 2.88 -12.67 11.26
N PHE A 87 2.44 -11.53 11.78
CA PHE A 87 1.49 -10.68 11.06
C PHE A 87 2.21 -9.63 10.24
N TYR A 88 1.46 -8.88 9.44
CA TYR A 88 2.03 -7.84 8.59
C TYR A 88 0.93 -6.98 7.98
N ARG A 89 1.10 -5.66 8.10
CA ARG A 89 0.12 -4.72 7.56
C ARG A 89 0.70 -3.94 6.38
N LEU A 90 0.12 -4.14 5.20
CA LEU A 90 0.58 -3.46 4.00
C LEU A 90 -0.46 -2.48 3.49
N ARG A 91 -0.02 -1.50 2.70
CA ARG A 91 -0.93 -0.50 2.15
C ARG A 91 -0.48 -0.08 0.75
N VAL A 92 -1.37 0.59 0.02
CA VAL A 92 -1.07 1.04 -1.33
C VAL A 92 -1.87 2.29 -1.67
N TYR A 93 -1.18 3.31 -2.19
CA TYR A 93 -1.82 4.57 -2.55
C TYR A 93 -1.38 5.00 -3.95
N CYS A 94 -2.12 5.95 -4.52
CA CYS A 94 -1.82 6.46 -5.85
C CYS A 94 -1.15 7.83 -5.76
N ILE A 95 -0.52 8.25 -6.86
CA ILE A 95 0.16 9.53 -6.91
C ILE A 95 -0.09 10.23 -8.24
N SER A 96 -0.90 11.29 -8.20
CA SER A 96 -1.22 12.05 -9.40
C SER A 96 -0.87 13.52 -9.22
N ASP A 97 -0.09 14.06 -10.16
CA ASP A 97 0.32 15.46 -10.10
C ASP A 97 1.14 15.73 -8.86
N GLY A 98 2.00 14.79 -8.49
CA GLY A 98 2.82 14.95 -7.31
C GLY A 98 2.08 14.62 -6.03
N GLY A 99 0.80 14.98 -5.98
CA GLY A 99 0.01 14.72 -4.79
C GLY A 99 -0.54 13.30 -4.77
N GLN A 100 -0.91 12.83 -3.58
CA GLN A 100 -1.45 11.49 -3.43
C GLN A 100 -2.76 11.51 -2.66
N SER A 101 -3.51 10.41 -2.74
CA SER A 101 -4.79 10.31 -2.06
C SER A 101 -4.67 9.42 -0.82
N ALA A 102 -5.71 9.45 0.02
CA ALA A 102 -5.73 8.67 1.24
C ALA A 102 -5.29 7.23 0.96
N VAL A 103 -4.34 6.75 1.75
CA VAL A 103 -3.82 5.39 1.59
C VAL A 103 -4.95 4.36 1.66
N SER A 104 -4.69 3.18 1.13
CA SER A 104 -5.69 2.11 1.13
C SER A 104 -5.64 1.31 2.43
N GLU A 105 -6.77 0.74 2.81
CA GLU A 105 -6.85 -0.05 4.03
C GLU A 105 -5.63 -0.96 4.17
N SER A 106 -5.40 -1.44 5.39
CA SER A 106 -4.26 -2.31 5.67
C SER A 106 -4.56 -3.74 5.21
N LEU A 107 -3.56 -4.36 4.59
CA LEU A 107 -3.70 -5.73 4.10
C LEU A 107 -3.14 -6.73 5.10
N LEU A 108 -4.04 -7.41 5.81
CA LEU A 108 -3.63 -8.40 6.80
C LEU A 108 -3.32 -9.74 6.14
N VAL A 109 -2.05 -10.14 6.20
CA VAL A 109 -1.63 -11.40 5.61
C VAL A 109 -0.86 -12.25 6.62
N GLN A 110 -1.34 -13.46 6.85
CA GLN A 110 -0.69 -14.37 7.79
C GLN A 110 0.23 -15.35 7.06
N THR A 111 1.52 -15.30 7.38
CA THR A 111 2.50 -16.18 6.76
C THR A 111 2.53 -17.55 7.44
N PRO A 112 2.68 -18.61 6.64
CA PRO A 112 2.73 -19.98 7.15
C PRO A 112 4.00 -20.27 7.93
N ALA A 113 3.87 -20.37 9.25
CA ALA A 113 5.01 -20.65 10.11
C ALA A 113 5.88 -21.75 9.52
N VAL A 114 7.20 -21.57 9.65
CA VAL A 114 8.15 -22.55 9.13
C VAL A 114 7.76 -23.97 9.54
N SER A 115 7.91 -24.91 8.61
CA SER A 115 7.57 -26.31 8.87
C SER A 115 8.75 -27.04 9.52
N GLY A 116 9.84 -27.16 8.78
CA GLY A 116 11.02 -27.83 9.30
C GLY A 116 11.58 -28.85 8.32
N PRO A 117 12.47 -29.72 8.82
CA PRO A 117 13.10 -30.75 7.99
C PRO A 117 12.12 -31.84 7.56
N SER A 118 11.98 -32.02 6.26
CA SER A 118 11.07 -33.04 5.72
C SER A 118 11.59 -34.44 6.00
N SER A 119 10.67 -35.39 6.13
CA SER A 119 11.04 -36.77 6.40
C SER A 119 12.13 -37.24 5.43
N GLY A 120 13.12 -37.94 5.98
CA GLY A 120 14.21 -38.44 5.16
C GLY A 120 15.36 -37.45 5.06
N GLY A 1 -8.84 28.35 16.59
CA GLY A 1 -8.53 27.05 16.04
C GLY A 1 -7.04 26.86 15.80
N SER A 2 -6.70 25.95 14.89
CA SER A 2 -5.30 25.67 14.58
C SER A 2 -5.04 25.82 13.08
N SER A 3 -3.78 25.74 12.70
CA SER A 3 -3.39 25.88 11.30
C SER A 3 -3.57 24.56 10.55
N GLY A 4 -4.02 24.64 9.30
CA GLY A 4 -4.24 23.45 8.50
C GLY A 4 -5.09 22.41 9.21
N SER A 5 -6.40 22.49 9.01
CA SER A 5 -7.33 21.56 9.64
C SER A 5 -8.57 21.35 8.78
N SER A 6 -9.30 20.28 9.04
CA SER A 6 -10.50 19.97 8.29
C SER A 6 -11.53 21.08 8.41
N GLY A 7 -12.44 21.16 7.44
CA GLY A 7 -13.46 22.19 7.46
C GLY A 7 -13.53 22.96 6.16
N VAL A 8 -12.37 23.41 5.68
CA VAL A 8 -12.31 24.16 4.43
C VAL A 8 -11.35 23.51 3.45
N VAL A 9 -11.31 24.04 2.23
CA VAL A 9 -10.42 23.52 1.20
C VAL A 9 -8.99 23.40 1.71
N GLU A 10 -8.20 22.59 1.01
CA GLU A 10 -6.81 22.37 1.40
C GLU A 10 -6.06 21.56 0.34
N PHE A 11 -4.98 22.13 -0.19
CA PHE A 11 -4.19 21.46 -1.20
C PHE A 11 -5.03 21.17 -2.45
N THR A 12 -5.84 22.15 -2.84
CA THR A 12 -6.69 22.00 -4.01
C THR A 12 -5.98 22.44 -5.28
N THR A 13 -5.99 21.58 -6.29
CA THR A 13 -5.34 21.88 -7.56
C THR A 13 -6.33 21.81 -8.72
N CYS A 14 -5.99 22.49 -9.81
CA CYS A 14 -6.85 22.51 -10.99
C CYS A 14 -7.57 21.18 -11.16
N PRO A 15 -6.80 20.10 -11.31
CA PRO A 15 -7.35 18.75 -11.49
C PRO A 15 -7.99 18.21 -10.22
N ASP A 16 -8.75 17.13 -10.36
CA ASP A 16 -9.43 16.52 -9.22
C ASP A 16 -8.64 15.33 -8.69
N LYS A 17 -8.66 15.15 -7.37
CA LYS A 17 -7.95 14.05 -6.73
C LYS A 17 -8.53 12.70 -7.15
N PRO A 18 -7.65 11.71 -7.35
CA PRO A 18 -8.06 10.37 -7.76
C PRO A 18 -8.78 9.62 -6.64
N GLY A 19 -9.33 8.46 -6.98
CA GLY A 19 -10.04 7.67 -5.99
C GLY A 19 -9.17 6.61 -5.35
N ILE A 20 -9.27 6.49 -4.03
CA ILE A 20 -8.48 5.51 -3.29
C ILE A 20 -8.32 4.22 -4.08
N PRO A 21 -7.08 3.72 -4.16
CA PRO A 21 -6.77 2.48 -4.89
C PRO A 21 -7.33 1.25 -4.19
N VAL A 22 -7.89 0.33 -4.98
CA VAL A 22 -8.46 -0.90 -4.43
C VAL A 22 -7.47 -1.59 -3.50
N LYS A 23 -7.98 -2.11 -2.38
CA LYS A 23 -7.14 -2.80 -1.41
C LYS A 23 -6.37 -3.93 -2.07
N PRO A 24 -5.06 -4.00 -1.77
CA PRO A 24 -4.18 -5.04 -2.33
C PRO A 24 -4.49 -6.43 -1.77
N SER A 25 -4.61 -7.40 -2.66
CA SER A 25 -4.91 -8.78 -2.26
C SER A 25 -3.78 -9.72 -2.65
N VAL A 26 -3.82 -10.93 -2.13
CA VAL A 26 -2.79 -11.93 -2.43
C VAL A 26 -3.13 -12.70 -3.71
N LYS A 27 -2.18 -12.72 -4.63
CA LYS A 27 -2.37 -13.42 -5.90
C LYS A 27 -1.49 -14.67 -5.97
N GLY A 28 -2.11 -15.83 -5.76
CA GLY A 28 -1.37 -17.08 -5.81
C GLY A 28 -1.12 -17.65 -4.42
N LYS A 29 -0.08 -18.46 -4.30
CA LYS A 29 0.25 -19.08 -3.02
C LYS A 29 1.22 -18.20 -2.23
N ILE A 30 1.04 -18.17 -0.91
CA ILE A 30 1.89 -17.37 -0.05
C ILE A 30 3.04 -18.20 0.50
N HIS A 31 4.26 -17.83 0.11
CA HIS A 31 5.46 -18.54 0.56
C HIS A 31 5.74 -18.26 2.04
N SER A 32 6.84 -18.79 2.55
CA SER A 32 7.21 -18.60 3.95
C SER A 32 7.20 -17.12 4.31
N HIS A 33 8.13 -16.37 3.73
CA HIS A 33 8.22 -14.94 3.99
C HIS A 33 8.32 -14.15 2.68
N SER A 34 7.47 -14.52 1.72
CA SER A 34 7.46 -13.85 0.43
C SER A 34 6.16 -14.14 -0.32
N PHE A 35 5.50 -13.08 -0.78
CA PHE A 35 4.24 -13.23 -1.52
C PHE A 35 4.03 -12.05 -2.45
N LYS A 36 3.21 -12.26 -3.48
CA LYS A 36 2.92 -11.21 -4.46
C LYS A 36 1.58 -10.56 -4.17
N ILE A 37 1.54 -9.24 -4.17
CA ILE A 37 0.32 -8.50 -3.91
C ILE A 37 -0.03 -7.58 -5.09
N THR A 38 -1.30 -7.61 -5.48
CA THR A 38 -1.77 -6.78 -6.60
C THR A 38 -3.02 -6.00 -6.21
N TRP A 39 -3.02 -4.71 -6.53
CA TRP A 39 -4.16 -3.86 -6.22
C TRP A 39 -4.82 -3.35 -7.50
N ASP A 40 -6.15 -3.27 -7.48
CA ASP A 40 -6.90 -2.79 -8.64
C ASP A 40 -6.92 -1.27 -8.69
N PRO A 41 -6.95 -0.71 -9.91
CA PRO A 41 -6.97 0.74 -10.13
C PRO A 41 -8.28 1.36 -9.70
N PRO A 42 -8.32 2.71 -9.67
CA PRO A 42 -9.51 3.46 -9.27
C PRO A 42 -10.63 3.37 -10.31
N LYS A 43 -11.78 2.85 -9.89
CA LYS A 43 -12.92 2.70 -10.78
C LYS A 43 -13.06 3.92 -11.69
N ASP A 44 -12.95 5.11 -11.09
CA ASP A 44 -13.06 6.35 -11.85
C ASP A 44 -11.90 7.30 -11.53
N ASN A 45 -10.76 7.08 -12.19
CA ASN A 45 -9.59 7.90 -11.96
C ASN A 45 -9.93 9.38 -12.09
N GLY A 46 -9.87 10.09 -10.95
CA GLY A 46 -10.18 11.52 -10.96
C GLY A 46 -9.45 12.26 -12.05
N GLY A 47 -9.81 13.53 -12.25
CA GLY A 47 -9.18 14.33 -13.27
C GLY A 47 -7.69 14.08 -13.38
N ALA A 48 -7.04 13.90 -12.24
CA ALA A 48 -5.61 13.64 -12.20
C ALA A 48 -5.30 12.19 -12.55
N THR A 49 -4.52 11.99 -13.62
CA THR A 49 -4.17 10.65 -14.06
C THR A 49 -3.02 10.09 -13.22
N ILE A 50 -3.29 9.00 -12.51
CA ILE A 50 -2.27 8.37 -11.68
C ILE A 50 -0.88 8.50 -12.29
N ASN A 51 0.11 8.77 -11.44
CA ASN A 51 1.48 8.92 -11.91
C ASN A 51 2.32 7.70 -11.55
N LYS A 52 2.24 7.29 -10.29
CA LYS A 52 3.00 6.12 -9.82
C LYS A 52 2.21 5.37 -8.75
N TYR A 53 2.50 4.08 -8.61
CA TYR A 53 1.82 3.24 -7.63
C TYR A 53 2.78 2.79 -6.54
N VAL A 54 2.71 3.43 -5.38
CA VAL A 54 3.58 3.09 -4.26
C VAL A 54 2.85 2.19 -3.26
N VAL A 55 3.63 1.52 -2.41
CA VAL A 55 3.07 0.62 -1.41
C VAL A 55 3.79 0.75 -0.08
N GLU A 56 3.04 1.02 0.99
CA GLU A 56 3.62 1.18 2.31
C GLU A 56 3.26 -0.01 3.20
N MET A 57 4.29 -0.67 3.74
CA MET A 57 4.09 -1.82 4.60
C MET A 57 4.75 -1.60 5.96
N ALA A 58 4.05 -2.00 7.02
CA ALA A 58 4.56 -1.85 8.38
C ALA A 58 4.83 -3.21 9.02
N GLU A 59 5.73 -3.23 9.99
CA GLU A 59 6.08 -4.47 10.68
C GLU A 59 4.91 -4.95 11.54
N GLY A 60 4.26 -6.02 11.07
CA GLY A 60 3.13 -6.57 11.82
C GLY A 60 2.05 -5.53 12.07
N SER A 61 0.99 -5.94 12.76
CA SER A 61 -0.12 -5.06 13.06
C SER A 61 0.34 -3.93 13.99
N ASN A 62 1.09 -4.28 15.02
CA ASN A 62 1.59 -3.30 15.98
C ASN A 62 2.98 -2.81 15.58
N GLY A 63 3.23 -1.53 15.83
CA GLY A 63 4.52 -0.95 15.49
C GLY A 63 4.42 0.48 15.01
N ASN A 64 3.45 0.73 14.14
CA ASN A 64 3.24 2.08 13.60
C ASN A 64 4.47 2.56 12.85
N LYS A 65 5.06 1.66 12.06
CA LYS A 65 6.24 2.00 11.28
C LYS A 65 6.02 1.71 9.79
N TRP A 66 5.45 2.68 9.09
CA TRP A 66 5.19 2.54 7.66
C TRP A 66 6.41 2.92 6.83
N GLU A 67 6.75 2.08 5.86
CA GLU A 67 7.90 2.34 5.00
C GLU A 67 7.67 1.78 3.60
N MET A 68 7.73 2.65 2.61
CA MET A 68 7.51 2.25 1.22
C MET A 68 8.37 1.04 0.87
N ILE A 69 7.77 0.06 0.20
CA ILE A 69 8.48 -1.15 -0.19
C ILE A 69 8.79 -1.14 -1.68
N TYR A 70 7.85 -0.64 -2.48
CA TYR A 70 8.02 -0.58 -3.93
C TYR A 70 7.31 0.65 -4.50
N SER A 71 7.74 1.06 -5.69
CA SER A 71 7.16 2.22 -6.36
C SER A 71 7.38 2.16 -7.86
N GLY A 72 6.29 2.22 -8.62
CA GLY A 72 6.40 2.17 -10.06
C GLY A 72 5.04 2.08 -10.73
N ALA A 73 4.88 1.08 -11.60
CA ALA A 73 3.61 0.88 -12.30
C ALA A 73 2.99 -0.47 -11.95
N THR A 74 3.64 -1.54 -12.38
CA THR A 74 3.14 -2.89 -12.11
C THR A 74 2.46 -2.96 -10.75
N ARG A 75 1.31 -3.62 -10.70
CA ARG A 75 0.56 -3.77 -9.46
C ARG A 75 0.97 -5.04 -8.71
N GLU A 76 1.30 -6.08 -9.46
CA GLU A 76 1.70 -7.35 -8.88
C GLU A 76 3.15 -7.29 -8.41
N HIS A 77 3.35 -6.87 -7.16
CA HIS A 77 4.69 -6.78 -6.60
C HIS A 77 4.94 -7.90 -5.59
N LEU A 78 6.16 -8.40 -5.57
CA LEU A 78 6.54 -9.48 -4.66
C LEU A 78 7.15 -8.92 -3.37
N CYS A 79 6.42 -9.02 -2.27
CA CYS A 79 6.89 -8.53 -0.99
C CYS A 79 7.82 -9.54 -0.32
N ASP A 80 9.11 -9.46 -0.62
CA ASP A 80 10.09 -10.37 -0.05
C ASP A 80 10.71 -9.78 1.21
N ARG A 81 11.64 -10.52 1.81
CA ARG A 81 12.31 -10.07 3.03
C ARG A 81 11.30 -9.89 4.16
N LEU A 82 10.44 -10.89 4.34
CA LEU A 82 9.42 -10.84 5.40
C LEU A 82 9.74 -11.84 6.50
N ASN A 83 8.87 -11.91 7.49
CA ASN A 83 9.05 -12.84 8.61
C ASN A 83 7.91 -13.85 8.68
N PRO A 84 8.26 -15.14 8.68
CA PRO A 84 7.28 -16.22 8.73
C PRO A 84 6.59 -16.31 10.09
N GLY A 85 5.38 -16.86 10.10
CA GLY A 85 4.64 -16.99 11.34
C GLY A 85 4.46 -15.66 12.05
N CYS A 86 4.12 -14.62 11.29
CA CYS A 86 3.92 -13.30 11.86
C CYS A 86 2.89 -12.51 11.05
N PHE A 87 2.50 -11.35 11.58
CA PHE A 87 1.52 -10.50 10.90
C PHE A 87 2.21 -9.39 10.12
N TYR A 88 1.43 -8.64 9.35
CA TYR A 88 1.97 -7.54 8.56
C TYR A 88 0.85 -6.69 7.97
N ARG A 89 1.04 -5.38 7.99
CA ARG A 89 0.04 -4.45 7.46
C ARG A 89 0.58 -3.73 6.23
N LEU A 90 -0.11 -3.89 5.10
CA LEU A 90 0.29 -3.26 3.86
C LEU A 90 -0.82 -2.34 3.33
N ARG A 91 -0.42 -1.23 2.72
CA ARG A 91 -1.37 -0.27 2.16
C ARG A 91 -0.84 0.37 0.89
N VAL A 92 -1.63 0.32 -0.16
CA VAL A 92 -1.23 0.90 -1.45
C VAL A 92 -1.89 2.25 -1.67
N TYR A 93 -1.10 3.22 -2.13
CA TYR A 93 -1.61 4.57 -2.38
C TYR A 93 -1.12 5.08 -3.73
N CYS A 94 -1.91 5.97 -4.34
CA CYS A 94 -1.56 6.54 -5.63
C CYS A 94 -1.03 7.96 -5.47
N ILE A 95 -0.25 8.40 -6.45
CA ILE A 95 0.32 9.74 -6.42
C ILE A 95 -0.11 10.55 -7.64
N SER A 96 -0.78 11.67 -7.41
CA SER A 96 -1.24 12.54 -8.49
C SER A 96 -1.07 14.01 -8.12
N ASP A 97 -1.13 14.87 -9.13
CA ASP A 97 -0.98 16.30 -8.91
C ASP A 97 0.14 16.59 -7.92
N GLY A 98 1.25 15.87 -8.05
CA GLY A 98 2.37 16.06 -7.16
C GLY A 98 2.17 15.36 -5.82
N GLY A 99 0.96 15.45 -5.28
CA GLY A 99 0.67 14.81 -4.01
C GLY A 99 0.13 13.41 -4.17
N GLN A 100 -0.57 12.92 -3.14
CA GLN A 100 -1.14 11.59 -3.17
C GLN A 100 -2.50 11.56 -2.48
N SER A 101 -3.30 10.55 -2.80
CA SER A 101 -4.63 10.41 -2.22
C SER A 101 -4.59 9.49 -1.00
N ALA A 102 -5.56 9.66 -0.11
CA ALA A 102 -5.64 8.84 1.10
C ALA A 102 -5.21 7.41 0.82
N VAL A 103 -4.67 6.75 1.84
CA VAL A 103 -4.22 5.37 1.71
C VAL A 103 -5.40 4.41 1.69
N SER A 104 -5.16 3.19 1.20
CA SER A 104 -6.20 2.18 1.11
C SER A 104 -6.22 1.31 2.36
N GLU A 105 -7.29 0.54 2.53
CA GLU A 105 -7.42 -0.34 3.68
C GLU A 105 -6.14 -1.13 3.91
N SER A 106 -6.00 -1.67 5.12
CA SER A 106 -4.82 -2.46 5.47
C SER A 106 -4.95 -3.90 5.00
N LEU A 107 -3.86 -4.46 4.48
CA LEU A 107 -3.86 -5.83 3.99
C LEU A 107 -3.21 -6.77 5.01
N LEU A 108 -4.05 -7.51 5.73
CA LEU A 108 -3.57 -8.44 6.73
C LEU A 108 -3.23 -9.79 6.11
N VAL A 109 -1.94 -10.10 6.05
CA VAL A 109 -1.48 -11.36 5.46
C VAL A 109 -0.61 -12.13 6.45
N GLN A 110 -1.09 -13.30 6.87
CA GLN A 110 -0.36 -14.14 7.81
C GLN A 110 0.56 -15.10 7.08
N THR A 111 1.83 -15.15 7.51
CA THR A 111 2.81 -16.02 6.89
C THR A 111 2.92 -17.35 7.64
N PRO A 112 3.09 -18.44 6.89
CA PRO A 112 3.20 -19.79 7.47
C PRO A 112 4.51 -19.98 8.23
N ALA A 113 4.42 -20.06 9.55
CA ALA A 113 5.59 -20.25 10.38
C ALA A 113 6.36 -21.51 9.98
N VAL A 114 7.67 -21.38 9.81
CA VAL A 114 8.51 -22.50 9.42
C VAL A 114 9.04 -23.24 10.65
N SER A 115 8.86 -22.64 11.82
CA SER A 115 9.31 -23.24 13.07
C SER A 115 8.16 -23.92 13.80
N GLY A 116 7.11 -23.14 14.07
CA GLY A 116 5.95 -23.69 14.78
C GLY A 116 5.31 -22.69 15.71
N PRO A 117 4.57 -23.19 16.70
CA PRO A 117 3.89 -22.35 17.69
C PRO A 117 4.87 -21.66 18.64
N SER A 118 5.41 -20.52 18.20
CA SER A 118 6.35 -19.77 19.02
C SER A 118 6.01 -19.86 20.50
N SER A 119 4.75 -19.59 20.82
CA SER A 119 4.30 -19.64 22.21
C SER A 119 3.58 -20.96 22.49
N GLY A 120 4.35 -21.97 22.88
CA GLY A 120 3.77 -23.27 23.18
C GLY A 120 2.68 -23.19 24.22
N GLY A 1 13.61 11.66 11.43
CA GLY A 1 13.95 12.83 12.22
C GLY A 1 12.75 13.46 12.89
N SER A 2 12.29 14.57 12.34
CA SER A 2 11.14 15.27 12.90
C SER A 2 10.24 15.82 11.78
N SER A 3 9.06 16.28 12.16
CA SER A 3 8.11 16.82 11.19
C SER A 3 7.56 18.16 11.67
N GLY A 4 7.30 19.06 10.72
CA GLY A 4 6.78 20.38 11.06
C GLY A 4 5.30 20.50 10.78
N SER A 5 4.72 21.63 11.15
CA SER A 5 3.30 21.87 10.95
C SER A 5 3.03 23.33 10.59
N SER A 6 2.29 23.55 9.51
CA SER A 6 1.97 24.89 9.06
C SER A 6 0.48 25.04 8.80
N GLY A 7 -0.12 26.08 9.38
CA GLY A 7 -1.55 26.31 9.20
C GLY A 7 -1.84 27.59 8.46
N VAL A 8 -1.33 27.69 7.22
CA VAL A 8 -1.54 28.87 6.41
C VAL A 8 -2.41 28.57 5.19
N VAL A 9 -3.38 29.44 4.92
CA VAL A 9 -4.27 29.25 3.79
C VAL A 9 -4.04 30.32 2.72
N GLU A 10 -4.07 29.91 1.46
CA GLU A 10 -3.86 30.83 0.35
C GLU A 10 -4.70 30.41 -0.86
N PHE A 11 -4.74 31.28 -1.87
CA PHE A 11 -5.49 31.01 -3.08
C PHE A 11 -4.62 30.32 -4.12
N THR A 12 -5.09 29.18 -4.62
CA THR A 12 -4.35 28.42 -5.62
C THR A 12 -5.28 27.50 -6.41
N THR A 13 -5.05 27.44 -7.72
CA THR A 13 -5.87 26.61 -8.59
C THR A 13 -5.24 25.25 -8.80
N CYS A 14 -5.72 24.26 -8.05
CA CYS A 14 -5.20 22.90 -8.14
C CYS A 14 -6.31 21.91 -8.47
N PRO A 15 -5.95 20.83 -9.19
CA PRO A 15 -6.91 19.79 -9.58
C PRO A 15 -7.40 18.97 -8.39
N ASP A 16 -8.45 18.18 -8.62
CA ASP A 16 -9.01 17.35 -7.56
C ASP A 16 -8.20 16.06 -7.40
N LYS A 17 -8.30 15.46 -6.21
CA LYS A 17 -7.58 14.23 -5.92
C LYS A 17 -8.29 13.02 -6.52
N PRO A 18 -7.52 12.01 -6.93
CA PRO A 18 -8.07 10.78 -7.52
C PRO A 18 -8.81 9.93 -6.51
N GLY A 19 -9.25 8.75 -6.93
CA GLY A 19 -9.97 7.85 -6.05
C GLY A 19 -9.05 6.83 -5.38
N ILE A 20 -9.47 6.34 -4.22
CA ILE A 20 -8.69 5.35 -3.49
C ILE A 20 -8.66 4.01 -4.23
N PRO A 21 -7.44 3.49 -4.44
CA PRO A 21 -7.25 2.21 -5.13
C PRO A 21 -7.73 1.03 -4.30
N VAL A 22 -8.44 0.10 -4.95
CA VAL A 22 -8.96 -1.08 -4.27
C VAL A 22 -7.89 -1.73 -3.40
N LYS A 23 -8.28 -2.14 -2.20
CA LYS A 23 -7.35 -2.78 -1.27
C LYS A 23 -6.58 -3.90 -1.96
N PRO A 24 -5.26 -3.96 -1.70
CA PRO A 24 -4.39 -4.98 -2.28
C PRO A 24 -4.67 -6.37 -1.73
N SER A 25 -4.66 -7.37 -2.61
CA SER A 25 -4.92 -8.75 -2.22
C SER A 25 -3.74 -9.64 -2.57
N VAL A 26 -3.80 -10.90 -2.13
CA VAL A 26 -2.74 -11.86 -2.41
C VAL A 26 -2.97 -12.58 -3.73
N LYS A 27 -1.89 -12.81 -4.47
CA LYS A 27 -1.98 -13.48 -5.76
C LYS A 27 -1.17 -14.77 -5.74
N GLY A 28 -1.81 -15.87 -6.16
CA GLY A 28 -1.14 -17.15 -6.20
C GLY A 28 -1.03 -17.78 -4.82
N LYS A 29 0.17 -18.20 -4.45
CA LYS A 29 0.41 -18.83 -3.16
C LYS A 29 1.38 -18.00 -2.32
N ILE A 30 1.14 -17.96 -1.02
CA ILE A 30 2.00 -17.20 -0.11
C ILE A 30 3.10 -18.09 0.46
N HIS A 31 4.33 -17.87 0.01
CA HIS A 31 5.47 -18.65 0.49
C HIS A 31 5.79 -18.31 1.94
N SER A 32 6.79 -18.99 2.49
CA SER A 32 7.20 -18.77 3.87
C SER A 32 7.31 -17.27 4.18
N HIS A 33 8.32 -16.64 3.59
CA HIS A 33 8.55 -15.21 3.80
C HIS A 33 8.69 -14.48 2.47
N SER A 34 7.69 -14.62 1.61
CA SER A 34 7.70 -13.98 0.31
C SER A 34 6.38 -14.20 -0.43
N PHE A 35 5.62 -13.12 -0.60
CA PHE A 35 4.33 -13.20 -1.29
C PHE A 35 4.07 -11.93 -2.09
N LYS A 36 3.45 -12.10 -3.25
CA LYS A 36 3.14 -10.97 -4.13
C LYS A 36 1.73 -10.46 -3.88
N ILE A 37 1.54 -9.14 -4.02
CA ILE A 37 0.24 -8.53 -3.80
C ILE A 37 -0.18 -7.71 -5.03
N THR A 38 -1.49 -7.68 -5.29
CA THR A 38 -2.02 -6.92 -6.41
C THR A 38 -3.28 -6.17 -6.03
N TRP A 39 -3.45 -4.98 -6.58
CA TRP A 39 -4.62 -4.15 -6.29
C TRP A 39 -5.31 -3.71 -7.58
N ASP A 40 -6.58 -3.35 -7.47
CA ASP A 40 -7.34 -2.90 -8.63
C ASP A 40 -7.39 -1.37 -8.69
N PRO A 41 -7.51 -0.83 -9.92
CA PRO A 41 -7.56 0.62 -10.13
C PRO A 41 -8.87 1.23 -9.63
N PRO A 42 -8.86 2.55 -9.42
CA PRO A 42 -10.03 3.29 -8.93
C PRO A 42 -11.13 3.36 -9.98
N LYS A 43 -12.35 3.00 -9.58
CA LYS A 43 -13.50 3.04 -10.48
C LYS A 43 -13.72 4.45 -11.01
N ASP A 44 -13.71 5.43 -10.11
CA ASP A 44 -13.91 6.82 -10.49
C ASP A 44 -12.66 7.64 -10.22
N ASN A 45 -11.85 7.83 -11.26
CA ASN A 45 -10.61 8.59 -11.14
C ASN A 45 -10.92 10.09 -11.07
N GLY A 46 -9.88 10.88 -10.81
CA GLY A 46 -10.05 12.32 -10.72
C GLY A 46 -9.41 13.07 -11.88
N GLY A 47 -9.39 14.39 -11.80
CA GLY A 47 -8.82 15.19 -12.85
C GLY A 47 -7.42 14.73 -13.22
N ALA A 48 -6.63 14.36 -12.22
CA ALA A 48 -5.27 13.90 -12.45
C ALA A 48 -5.25 12.44 -12.87
N THR A 49 -4.17 12.04 -13.56
CA THR A 49 -4.03 10.67 -14.03
C THR A 49 -2.87 9.97 -13.34
N ILE A 50 -3.19 9.07 -12.41
CA ILE A 50 -2.17 8.34 -11.67
C ILE A 50 -0.96 8.05 -12.55
N ASN A 51 0.23 8.14 -11.96
CA ASN A 51 1.46 7.90 -12.69
C ASN A 51 2.28 6.79 -12.02
N LYS A 52 2.54 6.97 -10.72
CA LYS A 52 3.31 5.99 -9.96
C LYS A 52 2.46 5.40 -8.84
N TYR A 53 2.60 4.10 -8.62
CA TYR A 53 1.85 3.42 -7.57
C TYR A 53 2.78 2.96 -6.45
N VAL A 54 2.83 3.73 -5.38
CA VAL A 54 3.67 3.41 -4.23
C VAL A 54 2.92 2.55 -3.22
N VAL A 55 3.67 1.81 -2.40
CA VAL A 55 3.08 0.95 -1.39
C VAL A 55 3.75 1.16 -0.04
N GLU A 56 2.94 1.22 1.01
CA GLU A 56 3.46 1.41 2.36
C GLU A 56 3.23 0.17 3.22
N MET A 57 4.33 -0.47 3.62
CA MET A 57 4.24 -1.67 4.44
C MET A 57 4.61 -1.37 5.89
N ALA A 58 4.02 -2.12 6.81
CA ALA A 58 4.28 -1.93 8.24
C ALA A 58 4.69 -3.24 8.90
N GLU A 59 5.27 -3.13 10.09
CA GLU A 59 5.71 -4.31 10.83
C GLU A 59 4.51 -5.15 11.27
N GLY A 60 4.74 -6.45 11.43
CA GLY A 60 3.68 -7.34 11.85
C GLY A 60 2.79 -6.73 12.92
N SER A 61 1.63 -6.22 12.50
CA SER A 61 0.70 -5.59 13.43
C SER A 61 1.44 -4.93 14.58
N ASN A 62 2.39 -4.05 14.25
CA ASN A 62 3.17 -3.35 15.25
C ASN A 62 2.48 -2.06 15.67
N GLY A 63 2.49 -1.07 14.80
CA GLY A 63 1.86 0.20 15.09
C GLY A 63 1.68 1.07 13.87
N ASN A 64 2.31 2.23 13.85
CA ASN A 64 2.22 3.14 12.73
C ASN A 64 3.57 3.31 12.04
N LYS A 65 4.25 2.20 11.80
CA LYS A 65 5.55 2.21 11.16
C LYS A 65 5.43 1.90 9.66
N TRP A 66 5.20 2.93 8.87
CA TRP A 66 5.05 2.77 7.43
C TRP A 66 6.25 3.37 6.68
N GLU A 67 6.94 2.54 5.91
CA GLU A 67 8.09 2.99 5.15
C GLU A 67 8.08 2.42 3.73
N MET A 68 8.45 3.24 2.76
CA MET A 68 8.48 2.81 1.37
C MET A 68 9.07 1.41 1.24
N ILE A 69 8.46 0.60 0.39
CA ILE A 69 8.92 -0.76 0.18
C ILE A 69 9.07 -1.07 -1.32
N TYR A 70 8.18 -0.50 -2.13
CA TYR A 70 8.22 -0.71 -3.57
C TYR A 70 7.73 0.52 -4.31
N SER A 71 8.09 0.63 -5.58
CA SER A 71 7.69 1.76 -6.41
C SER A 71 7.72 1.40 -7.89
N GLY A 72 6.74 1.92 -8.64
CA GLY A 72 6.67 1.63 -10.06
C GLY A 72 5.33 2.02 -10.66
N ALA A 73 4.94 1.34 -11.73
CA ALA A 73 3.68 1.62 -12.40
C ALA A 73 2.66 0.51 -12.13
N THR A 74 2.99 -0.70 -12.55
CA THR A 74 2.10 -1.84 -12.37
C THR A 74 1.46 -1.81 -10.98
N ARG A 75 0.35 -2.53 -10.83
CA ARG A 75 -0.36 -2.58 -9.56
C ARG A 75 -0.10 -3.91 -8.85
N GLU A 76 1.14 -4.38 -8.93
CA GLU A 76 1.53 -5.63 -8.29
C GLU A 76 3.01 -5.64 -7.94
N HIS A 77 3.31 -5.94 -6.68
CA HIS A 77 4.69 -5.98 -6.21
C HIS A 77 4.92 -7.18 -5.29
N LEU A 78 6.18 -7.59 -5.17
CA LEU A 78 6.53 -8.73 -4.33
C LEU A 78 7.03 -8.25 -2.97
N CYS A 79 6.45 -8.81 -1.91
CA CYS A 79 6.84 -8.44 -0.55
C CYS A 79 7.93 -9.37 -0.03
N ASP A 80 9.18 -9.00 -0.28
CA ASP A 80 10.32 -9.80 0.17
C ASP A 80 10.77 -9.38 1.57
N ARG A 81 11.78 -10.06 2.09
CA ARG A 81 12.30 -9.77 3.42
C ARG A 81 11.23 -9.95 4.48
N LEU A 82 10.37 -10.95 4.28
CA LEU A 82 9.28 -11.23 5.22
C LEU A 82 9.68 -12.34 6.18
N ASN A 83 8.74 -12.73 7.04
CA ASN A 83 8.99 -13.79 8.01
C ASN A 83 7.73 -14.62 8.25
N PRO A 84 7.88 -15.95 8.27
CA PRO A 84 6.76 -16.87 8.49
C PRO A 84 6.24 -16.81 9.91
N GLY A 85 4.98 -17.22 10.09
CA GLY A 85 4.38 -17.22 11.41
C GLY A 85 4.37 -15.84 12.03
N CYS A 86 4.02 -14.82 11.24
CA CYS A 86 3.97 -13.45 11.71
C CYS A 86 2.97 -12.63 10.91
N PHE A 87 2.61 -11.46 11.43
CA PHE A 87 1.66 -10.59 10.77
C PHE A 87 2.38 -9.55 9.91
N TYR A 88 1.61 -8.78 9.14
CA TYR A 88 2.18 -7.76 8.27
C TYR A 88 1.08 -6.89 7.68
N ARG A 89 1.29 -5.58 7.72
CA ARG A 89 0.32 -4.63 7.18
C ARG A 89 0.82 -3.99 5.90
N LEU A 90 -0.07 -3.82 4.93
CA LEU A 90 0.29 -3.23 3.65
C LEU A 90 -0.80 -2.28 3.16
N ARG A 91 -0.40 -1.24 2.45
CA ARG A 91 -1.35 -0.26 1.93
C ARG A 91 -0.87 0.29 0.58
N VAL A 92 -1.78 0.34 -0.39
CA VAL A 92 -1.45 0.85 -1.72
C VAL A 92 -2.15 2.17 -1.99
N TYR A 93 -1.46 3.07 -2.69
CA TYR A 93 -2.01 4.37 -3.02
C TYR A 93 -1.41 4.91 -4.31
N CYS A 94 -2.16 5.79 -4.98
CA CYS A 94 -1.70 6.38 -6.23
C CYS A 94 -1.17 7.79 -6.00
N ILE A 95 -0.23 8.21 -6.85
CA ILE A 95 0.36 9.54 -6.73
C ILE A 95 0.02 10.39 -7.95
N SER A 96 -0.75 11.45 -7.74
CA SER A 96 -1.14 12.34 -8.83
C SER A 96 -0.22 13.56 -8.88
N ASP A 97 -0.36 14.35 -9.94
CA ASP A 97 0.44 15.55 -10.12
C ASP A 97 0.19 16.55 -9.00
N GLY A 98 0.73 16.26 -7.82
CA GLY A 98 0.54 17.15 -6.67
C GLY A 98 0.34 16.39 -5.38
N GLY A 99 0.97 15.23 -5.27
CA GLY A 99 0.83 14.43 -4.07
C GLY A 99 0.02 13.16 -4.30
N GLN A 100 -0.31 12.46 -3.22
CA GLN A 100 -1.09 11.24 -3.32
C GLN A 100 -2.43 11.38 -2.63
N SER A 101 -3.34 10.45 -2.90
CA SER A 101 -4.68 10.48 -2.31
C SER A 101 -4.76 9.53 -1.12
N ALA A 102 -5.87 9.61 -0.39
CA ALA A 102 -6.08 8.75 0.78
C ALA A 102 -5.49 7.37 0.55
N VAL A 103 -5.04 6.73 1.63
CA VAL A 103 -4.46 5.40 1.55
C VAL A 103 -5.54 4.33 1.63
N SER A 104 -5.21 3.14 1.13
CA SER A 104 -6.16 2.03 1.14
C SER A 104 -6.00 1.19 2.41
N GLU A 105 -7.12 0.66 2.90
CA GLU A 105 -7.10 -0.16 4.11
C GLU A 105 -5.86 -1.04 4.15
N SER A 106 -5.47 -1.45 5.35
CA SER A 106 -4.30 -2.29 5.54
C SER A 106 -4.61 -3.75 5.18
N LEU A 107 -3.60 -4.46 4.70
CA LEU A 107 -3.77 -5.86 4.31
C LEU A 107 -3.02 -6.79 5.27
N LEU A 108 -3.74 -7.39 6.20
CA LEU A 108 -3.13 -8.28 7.17
C LEU A 108 -3.03 -9.70 6.61
N VAL A 109 -1.80 -10.16 6.40
CA VAL A 109 -1.57 -11.50 5.87
C VAL A 109 -0.65 -12.31 6.79
N GLN A 110 -1.15 -13.43 7.28
CA GLN A 110 -0.37 -14.29 8.17
C GLN A 110 0.36 -15.37 7.37
N THR A 111 1.69 -15.32 7.41
CA THR A 111 2.51 -16.29 6.69
C THR A 111 2.55 -17.62 7.43
N PRO A 112 2.79 -18.70 6.67
CA PRO A 112 2.87 -20.06 7.24
C PRO A 112 4.11 -20.26 8.10
N ALA A 113 3.91 -20.61 9.37
CA ALA A 113 5.01 -20.84 10.28
C ALA A 113 5.69 -22.18 10.01
N VAL A 114 6.95 -22.11 9.59
CA VAL A 114 7.72 -23.32 9.29
C VAL A 114 8.20 -24.00 10.57
N SER A 115 8.51 -25.29 10.47
CA SER A 115 8.97 -26.05 11.62
C SER A 115 10.14 -25.35 12.30
N GLY A 116 10.20 -25.45 13.63
CA GLY A 116 11.27 -24.82 14.37
C GLY A 116 12.64 -25.19 13.85
N PRO A 117 13.68 -24.52 14.36
CA PRO A 117 15.07 -24.76 13.95
C PRO A 117 15.58 -26.11 14.43
N SER A 118 16.20 -26.85 13.52
CA SER A 118 16.75 -28.17 13.86
C SER A 118 18.21 -28.28 13.43
N SER A 119 19.11 -28.13 14.39
CA SER A 119 20.54 -28.20 14.11
C SER A 119 21.08 -29.60 14.43
N GLY A 120 21.06 -30.47 13.43
CA GLY A 120 21.55 -31.82 13.61
C GLY A 120 21.01 -32.79 12.57
N GLY A 1 8.65 26.08 3.23
CA GLY A 1 7.84 26.92 2.35
C GLY A 1 6.50 27.27 2.97
N SER A 2 5.99 28.44 2.63
CA SER A 2 4.71 28.89 3.15
C SER A 2 3.71 29.14 2.02
N SER A 3 2.44 29.29 2.39
CA SER A 3 1.39 29.52 1.40
C SER A 3 0.30 30.43 1.96
N GLY A 4 -0.46 31.06 1.08
CA GLY A 4 -1.52 31.95 1.50
C GLY A 4 -2.65 32.03 0.50
N SER A 5 -3.75 31.33 0.79
CA SER A 5 -4.90 31.33 -0.11
C SER A 5 -6.13 30.80 0.62
N SER A 6 -7.24 31.52 0.49
CA SER A 6 -8.50 31.13 1.13
C SER A 6 -8.71 29.63 1.02
N GLY A 7 -9.60 29.10 1.86
CA GLY A 7 -9.89 27.68 1.83
C GLY A 7 -10.48 27.23 0.52
N VAL A 8 -9.62 26.84 -0.42
CA VAL A 8 -10.08 26.39 -1.73
C VAL A 8 -9.58 24.97 -2.01
N VAL A 9 -10.31 24.26 -2.87
CA VAL A 9 -9.95 22.89 -3.23
C VAL A 9 -9.29 22.84 -4.60
N GLU A 10 -9.71 23.74 -5.49
CA GLU A 10 -9.15 23.80 -6.83
C GLU A 10 -7.96 24.74 -6.90
N PHE A 11 -6.77 24.20 -6.64
CA PHE A 11 -5.55 25.00 -6.66
C PHE A 11 -5.02 25.15 -8.08
N THR A 12 -5.77 25.85 -8.91
CA THR A 12 -5.38 26.07 -10.30
C THR A 12 -5.20 24.74 -11.03
N THR A 13 -6.05 23.76 -10.70
CA THR A 13 -5.99 22.45 -11.32
C THR A 13 -7.13 22.25 -12.32
N CYS A 14 -6.79 21.90 -13.55
CA CYS A 14 -7.79 21.69 -14.58
C CYS A 14 -8.63 20.46 -14.29
N PRO A 15 -7.96 19.29 -14.20
CA PRO A 15 -8.62 18.02 -13.92
C PRO A 15 -9.14 17.94 -12.48
N ASP A 16 -9.70 16.79 -12.12
CA ASP A 16 -10.22 16.57 -10.78
C ASP A 16 -9.23 15.82 -9.92
N LYS A 17 -9.44 15.86 -8.60
CA LYS A 17 -8.56 15.17 -7.66
C LYS A 17 -8.80 13.66 -7.69
N PRO A 18 -7.72 12.89 -7.48
CA PRO A 18 -7.79 11.42 -7.48
C PRO A 18 -8.53 10.89 -6.27
N GLY A 19 -8.60 9.55 -6.16
CA GLY A 19 -9.28 8.94 -5.04
C GLY A 19 -8.44 7.87 -4.37
N ILE A 20 -9.11 6.89 -3.77
CA ILE A 20 -8.41 5.81 -3.09
C ILE A 20 -8.51 4.50 -3.87
N PRO A 21 -7.36 3.83 -4.06
CA PRO A 21 -7.30 2.56 -4.79
C PRO A 21 -7.96 1.41 -4.03
N VAL A 22 -8.07 0.27 -4.68
CA VAL A 22 -8.67 -0.91 -4.07
C VAL A 22 -7.70 -1.62 -3.14
N LYS A 23 -8.22 -2.22 -2.08
CA LYS A 23 -7.39 -2.95 -1.12
C LYS A 23 -6.58 -4.03 -1.81
N PRO A 24 -5.26 -4.07 -1.53
CA PRO A 24 -4.36 -5.06 -2.13
C PRO A 24 -4.61 -6.46 -1.59
N SER A 25 -4.77 -7.42 -2.50
CA SER A 25 -5.01 -8.81 -2.12
C SER A 25 -3.84 -9.70 -2.50
N VAL A 26 -3.89 -10.95 -2.08
CA VAL A 26 -2.83 -11.91 -2.38
C VAL A 26 -2.95 -12.44 -3.80
N LYS A 27 -1.81 -12.76 -4.40
CA LYS A 27 -1.79 -13.28 -5.77
C LYS A 27 -0.98 -14.58 -5.84
N GLY A 28 -1.61 -15.65 -6.29
CA GLY A 28 -0.93 -16.92 -6.41
C GLY A 28 -0.78 -17.61 -5.07
N LYS A 29 0.46 -17.95 -4.72
CA LYS A 29 0.75 -18.63 -3.46
C LYS A 29 1.62 -17.76 -2.57
N ILE A 30 1.39 -17.84 -1.26
CA ILE A 30 2.16 -17.05 -0.31
C ILE A 30 3.28 -17.89 0.31
N HIS A 31 4.50 -17.71 -0.22
CA HIS A 31 5.65 -18.44 0.28
C HIS A 31 5.86 -18.19 1.77
N SER A 32 6.95 -18.74 2.30
CA SER A 32 7.26 -18.57 3.72
C SER A 32 7.42 -17.09 4.07
N HIS A 33 8.34 -16.42 3.39
CA HIS A 33 8.59 -15.01 3.63
C HIS A 33 8.69 -14.25 2.31
N SER A 34 7.68 -14.40 1.46
CA SER A 34 7.66 -13.74 0.17
C SER A 34 6.34 -14.00 -0.56
N PHE A 35 5.58 -12.95 -0.81
CA PHE A 35 4.29 -13.06 -1.49
C PHE A 35 4.00 -11.81 -2.32
N LYS A 36 3.37 -12.00 -3.47
CA LYS A 36 3.03 -10.90 -4.35
C LYS A 36 1.61 -10.40 -4.09
N ILE A 37 1.44 -9.09 -4.04
CA ILE A 37 0.13 -8.49 -3.80
C ILE A 37 -0.28 -7.57 -4.95
N THR A 38 -1.52 -7.72 -5.41
CA THR A 38 -2.02 -6.91 -6.50
C THR A 38 -3.33 -6.23 -6.12
N TRP A 39 -3.42 -4.93 -6.40
CA TRP A 39 -4.62 -4.16 -6.08
C TRP A 39 -5.32 -3.68 -7.35
N ASP A 40 -6.64 -3.57 -7.29
CA ASP A 40 -7.43 -3.13 -8.44
C ASP A 40 -7.29 -1.62 -8.63
N PRO A 41 -7.24 -1.20 -9.90
CA PRO A 41 -7.11 0.22 -10.26
C PRO A 41 -8.37 1.02 -9.94
N PRO A 42 -8.21 2.35 -9.78
CA PRO A 42 -9.33 3.24 -9.47
C PRO A 42 -10.29 3.40 -10.65
N LYS A 43 -11.54 2.98 -10.44
CA LYS A 43 -12.56 3.07 -11.48
C LYS A 43 -12.87 4.52 -11.80
N ASP A 44 -13.10 5.32 -10.77
CA ASP A 44 -13.42 6.73 -10.94
C ASP A 44 -12.18 7.60 -10.72
N ASN A 45 -11.03 7.10 -11.17
CA ASN A 45 -9.78 7.83 -11.02
C ASN A 45 -10.00 9.34 -11.13
N GLY A 46 -10.88 9.73 -12.05
CA GLY A 46 -11.16 11.14 -12.24
C GLY A 46 -10.51 11.70 -13.49
N GLY A 47 -10.22 13.00 -13.47
CA GLY A 47 -9.59 13.63 -14.61
C GLY A 47 -8.09 13.39 -14.67
N ALA A 48 -7.48 13.18 -13.51
CA ALA A 48 -6.05 12.93 -13.43
C ALA A 48 -5.74 11.45 -13.64
N THR A 49 -4.74 11.17 -14.48
CA THR A 49 -4.34 9.80 -14.75
C THR A 49 -3.19 9.37 -13.85
N ILE A 50 -3.41 8.28 -13.10
CA ILE A 50 -2.39 7.77 -12.20
C ILE A 50 -1.00 7.94 -12.78
N ASN A 51 -0.03 8.19 -11.91
CA ASN A 51 1.36 8.37 -12.33
C ASN A 51 2.25 7.27 -11.78
N LYS A 52 2.11 6.99 -10.50
CA LYS A 52 2.90 5.95 -9.85
C LYS A 52 2.10 5.24 -8.76
N TYR A 53 2.38 3.96 -8.56
CA TYR A 53 1.68 3.17 -7.55
C TYR A 53 2.63 2.71 -6.46
N VAL A 54 2.70 3.48 -5.37
CA VAL A 54 3.57 3.14 -4.25
C VAL A 54 2.84 2.31 -3.22
N VAL A 55 3.60 1.59 -2.39
CA VAL A 55 3.02 0.75 -1.35
C VAL A 55 3.87 0.80 -0.08
N GLU A 56 3.21 0.68 1.07
CA GLU A 56 3.90 0.71 2.35
C GLU A 56 3.48 -0.48 3.22
N MET A 57 4.44 -1.02 3.97
CA MET A 57 4.17 -2.16 4.84
C MET A 57 4.68 -1.90 6.26
N ALA A 58 4.06 -2.54 7.23
CA ALA A 58 4.45 -2.37 8.62
C ALA A 58 4.56 -3.73 9.33
N GLU A 59 5.31 -3.75 10.43
CA GLU A 59 5.51 -4.98 11.18
C GLU A 59 4.21 -5.43 11.85
N GLY A 60 3.56 -6.43 11.25
CA GLY A 60 2.31 -6.93 11.79
C GLY A 60 1.47 -5.84 12.41
N SER A 61 0.70 -6.20 13.44
CA SER A 61 -0.16 -5.23 14.12
C SER A 61 0.66 -4.29 14.99
N ASN A 62 1.17 -3.24 14.38
CA ASN A 62 1.98 -2.25 15.10
C ASN A 62 1.42 -0.85 14.92
N GLY A 63 1.99 0.12 15.63
CA GLY A 63 1.53 1.49 15.54
C GLY A 63 1.73 2.07 14.15
N ASN A 64 1.76 3.39 14.07
CA ASN A 64 1.94 4.07 12.79
C ASN A 64 3.38 3.97 12.32
N LYS A 65 3.72 2.83 11.71
CA LYS A 65 5.07 2.59 11.22
C LYS A 65 5.04 2.12 9.76
N TRP A 66 5.03 3.08 8.84
CA TRP A 66 4.99 2.76 7.42
C TRP A 66 6.28 3.21 6.74
N GLU A 67 6.68 2.47 5.70
CA GLU A 67 7.90 2.79 4.97
C GLU A 67 7.82 2.26 3.53
N MET A 68 8.21 3.10 2.57
CA MET A 68 8.19 2.72 1.17
C MET A 68 8.82 1.36 0.96
N ILE A 69 8.14 0.49 0.22
CA ILE A 69 8.65 -0.85 -0.05
C ILE A 69 8.68 -1.13 -1.55
N TYR A 70 7.74 -0.52 -2.27
CA TYR A 70 7.67 -0.71 -3.72
C TYR A 70 7.30 0.60 -4.42
N SER A 71 7.80 0.78 -5.63
CA SER A 71 7.54 1.99 -6.41
C SER A 71 7.71 1.72 -7.90
N GLY A 72 6.68 2.04 -8.67
CA GLY A 72 6.74 1.84 -10.11
C GLY A 72 5.38 1.95 -10.76
N ALA A 73 5.22 1.33 -11.93
CA ALA A 73 3.97 1.37 -12.66
C ALA A 73 3.10 0.16 -12.32
N THR A 74 3.58 -1.03 -12.68
CA THR A 74 2.84 -2.25 -12.42
C THR A 74 2.09 -2.18 -11.09
N ARG A 75 0.93 -2.81 -11.04
CA ARG A 75 0.11 -2.81 -9.83
C ARG A 75 0.28 -4.12 -9.06
N GLU A 76 1.49 -4.67 -9.10
CA GLU A 76 1.77 -5.92 -8.41
C GLU A 76 3.24 -6.00 -8.01
N HIS A 77 3.49 -6.10 -6.71
CA HIS A 77 4.86 -6.19 -6.19
C HIS A 77 5.03 -7.42 -5.31
N LEU A 78 6.27 -7.89 -5.20
CA LEU A 78 6.57 -9.06 -4.38
C LEU A 78 7.24 -8.65 -3.08
N CYS A 79 6.54 -8.84 -1.97
CA CYS A 79 7.06 -8.49 -0.65
C CYS A 79 7.95 -9.60 -0.12
N ASP A 80 9.25 -9.52 -0.44
CA ASP A 80 10.21 -10.53 0.01
C ASP A 80 10.87 -10.10 1.31
N ARG A 81 11.61 -11.02 1.92
CA ARG A 81 12.29 -10.73 3.17
C ARG A 81 11.29 -10.41 4.28
N LEU A 82 10.24 -11.21 4.35
CA LEU A 82 9.20 -11.01 5.37
C LEU A 82 9.44 -11.91 6.57
N ASN A 83 8.71 -11.65 7.65
CA ASN A 83 8.84 -12.44 8.87
C ASN A 83 7.82 -13.58 8.89
N PRO A 84 8.29 -14.81 8.67
CA PRO A 84 7.44 -16.00 8.66
C PRO A 84 6.91 -16.35 10.05
N GLY A 85 5.60 -16.51 10.15
CA GLY A 85 4.99 -16.84 11.43
C GLY A 85 4.53 -15.61 12.19
N CYS A 86 4.25 -14.53 11.46
CA CYS A 86 3.81 -13.29 12.08
C CYS A 86 2.84 -12.55 11.17
N PHE A 87 2.30 -11.44 11.66
CA PHE A 87 1.35 -10.64 10.89
C PHE A 87 2.07 -9.55 10.11
N TYR A 88 1.33 -8.83 9.27
CA TYR A 88 1.90 -7.76 8.46
C TYR A 88 0.80 -6.90 7.85
N ARG A 89 0.96 -5.58 7.97
CA ARG A 89 -0.03 -4.65 7.43
C ARG A 89 0.53 -3.93 6.21
N LEU A 90 -0.27 -3.90 5.14
CA LEU A 90 0.15 -3.25 3.90
C LEU A 90 -0.91 -2.26 3.42
N ARG A 91 -0.47 -1.19 2.76
CA ARG A 91 -1.38 -0.17 2.26
C ARG A 91 -0.93 0.33 0.90
N VAL A 92 -1.87 0.47 -0.02
CA VAL A 92 -1.57 0.96 -1.37
C VAL A 92 -2.21 2.31 -1.63
N TYR A 93 -1.50 3.16 -2.36
CA TYR A 93 -2.01 4.50 -2.68
C TYR A 93 -1.44 4.99 -4.00
N CYS A 94 -2.17 5.89 -4.65
CA CYS A 94 -1.75 6.44 -5.93
C CYS A 94 -1.19 7.85 -5.77
N ILE A 95 -0.37 8.29 -6.72
CA ILE A 95 0.22 9.62 -6.67
C ILE A 95 -0.08 10.40 -7.95
N SER A 96 -1.17 11.14 -7.95
CA SER A 96 -1.57 11.93 -9.11
C SER A 96 -1.52 13.42 -8.80
N ASP A 97 -1.57 14.25 -9.84
CA ASP A 97 -1.54 15.69 -9.67
C ASP A 97 -0.44 16.10 -8.70
N GLY A 98 0.75 15.55 -8.90
CA GLY A 98 1.88 15.86 -8.04
C GLY A 98 1.52 15.78 -6.57
N GLY A 99 0.94 14.65 -6.17
CA GLY A 99 0.56 14.47 -4.78
C GLY A 99 0.08 13.06 -4.49
N GLN A 100 0.09 12.69 -3.21
CA GLN A 100 -0.33 11.35 -2.81
C GLN A 100 -1.77 11.38 -2.29
N SER A 101 -2.51 10.32 -2.59
CA SER A 101 -3.91 10.22 -2.15
C SER A 101 -4.01 9.44 -0.84
N ALA A 102 -5.20 9.44 -0.26
CA ALA A 102 -5.44 8.73 0.99
C ALA A 102 -5.10 7.25 0.86
N VAL A 103 -4.45 6.70 1.88
CA VAL A 103 -4.06 5.30 1.88
C VAL A 103 -5.29 4.40 1.94
N SER A 104 -5.20 3.23 1.29
CA SER A 104 -6.30 2.29 1.26
C SER A 104 -6.27 1.39 2.51
N GLU A 105 -7.39 0.72 2.77
CA GLU A 105 -7.49 -0.17 3.93
C GLU A 105 -6.22 -1.00 4.09
N SER A 106 -5.98 -1.47 5.31
CA SER A 106 -4.80 -2.27 5.60
C SER A 106 -5.00 -3.71 5.15
N LEU A 107 -3.91 -4.35 4.74
CA LEU A 107 -3.97 -5.74 4.28
C LEU A 107 -3.24 -6.66 5.26
N LEU A 108 -3.99 -7.53 5.92
CA LEU A 108 -3.41 -8.47 6.88
C LEU A 108 -3.21 -9.84 6.24
N VAL A 109 -1.96 -10.25 6.10
CA VAL A 109 -1.64 -11.54 5.51
C VAL A 109 -0.70 -12.34 6.41
N GLN A 110 -1.09 -13.58 6.71
CA GLN A 110 -0.28 -14.45 7.56
C GLN A 110 0.45 -15.50 6.73
N THR A 111 1.78 -15.50 6.82
CA THR A 111 2.59 -16.45 6.08
C THR A 111 2.83 -17.72 6.89
N PRO A 112 3.05 -18.84 6.18
CA PRO A 112 3.29 -20.14 6.82
C PRO A 112 4.65 -20.20 7.52
N ALA A 113 4.63 -20.51 8.81
CA ALA A 113 5.86 -20.59 9.59
C ALA A 113 6.58 -21.91 9.33
N VAL A 114 7.84 -21.82 8.92
CA VAL A 114 8.64 -23.00 8.63
C VAL A 114 9.14 -23.66 9.91
N SER A 115 9.18 -22.87 10.98
CA SER A 115 9.65 -23.38 12.28
C SER A 115 8.54 -24.15 12.98
N GLY A 116 8.39 -25.43 12.63
CA GLY A 116 7.37 -26.26 13.23
C GLY A 116 6.70 -27.18 12.23
N PRO A 117 5.87 -28.10 12.74
CA PRO A 117 5.15 -29.06 11.90
C PRO A 117 4.07 -28.40 11.04
N SER A 118 4.07 -28.70 9.75
CA SER A 118 3.10 -28.13 8.83
C SER A 118 2.47 -29.22 7.96
N SER A 119 1.16 -29.37 8.07
CA SER A 119 0.44 -30.38 7.29
C SER A 119 0.39 -29.99 5.81
N GLY A 120 0.33 -31.00 4.95
CA GLY A 120 0.28 -30.75 3.52
C GLY A 120 -0.69 -29.64 3.15
N GLY A 1 -19.60 31.05 -14.63
CA GLY A 1 -19.44 30.13 -13.52
C GLY A 1 -19.61 30.81 -12.17
N SER A 2 -19.59 30.02 -11.11
CA SER A 2 -19.74 30.55 -9.76
C SER A 2 -18.60 30.10 -8.86
N SER A 3 -17.65 31.00 -8.63
CA SER A 3 -16.50 30.69 -7.79
C SER A 3 -15.92 31.96 -7.16
N GLY A 4 -15.01 31.78 -6.21
CA GLY A 4 -14.40 32.92 -5.55
C GLY A 4 -14.41 32.79 -4.04
N SER A 5 -13.27 32.45 -3.47
CA SER A 5 -13.15 32.29 -2.02
C SER A 5 -11.80 32.78 -1.53
N SER A 6 -11.82 33.61 -0.48
CA SER A 6 -10.59 34.16 0.08
C SER A 6 -10.52 33.88 1.58
N GLY A 7 -9.30 33.75 2.09
CA GLY A 7 -9.10 33.49 3.51
C GLY A 7 -8.14 32.35 3.76
N VAL A 8 -8.64 31.27 4.36
CA VAL A 8 -7.81 30.11 4.67
C VAL A 8 -7.04 29.67 3.43
N VAL A 9 -5.82 29.19 3.66
CA VAL A 9 -4.97 28.71 2.57
C VAL A 9 -5.27 27.27 2.21
N GLU A 10 -5.21 26.96 0.92
CA GLU A 10 -5.49 25.61 0.45
C GLU A 10 -5.08 25.45 -1.01
N PHE A 11 -4.53 24.28 -1.35
CA PHE A 11 -4.08 24.00 -2.71
C PHE A 11 -5.27 24.00 -3.67
N THR A 12 -5.03 24.48 -4.88
CA THR A 12 -6.07 24.55 -5.90
C THR A 12 -5.74 23.65 -7.08
N THR A 13 -6.66 22.74 -7.41
CA THR A 13 -6.46 21.81 -8.52
C THR A 13 -7.71 21.74 -9.39
N CYS A 14 -7.50 21.75 -10.71
CA CYS A 14 -8.61 21.69 -11.66
C CYS A 14 -9.31 20.34 -11.58
N PRO A 15 -8.55 19.27 -11.84
CA PRO A 15 -9.09 17.89 -11.80
C PRO A 15 -9.42 17.44 -10.39
N ASP A 16 -9.99 16.24 -10.28
CA ASP A 16 -10.35 15.69 -8.98
C ASP A 16 -9.32 14.68 -8.50
N LYS A 17 -9.39 14.32 -7.23
CA LYS A 17 -8.45 13.36 -6.65
C LYS A 17 -8.68 11.96 -7.21
N PRO A 18 -7.59 11.21 -7.39
CA PRO A 18 -7.63 9.85 -7.92
C PRO A 18 -8.27 8.87 -6.95
N GLY A 19 -8.68 9.37 -5.79
CA GLY A 19 -9.31 8.52 -4.78
C GLY A 19 -8.34 7.52 -4.21
N ILE A 20 -8.87 6.50 -3.54
CA ILE A 20 -8.05 5.46 -2.93
C ILE A 20 -8.07 4.19 -3.77
N PRO A 21 -6.88 3.59 -3.95
CA PRO A 21 -6.73 2.36 -4.73
C PRO A 21 -7.34 1.15 -4.03
N VAL A 22 -7.88 0.22 -4.80
CA VAL A 22 -8.49 -0.97 -4.25
C VAL A 22 -7.51 -1.73 -3.36
N LYS A 23 -7.99 -2.18 -2.21
CA LYS A 23 -7.16 -2.92 -1.27
C LYS A 23 -6.38 -4.02 -1.98
N PRO A 24 -5.06 -4.04 -1.78
CA PRO A 24 -4.18 -5.04 -2.39
C PRO A 24 -4.38 -6.43 -1.81
N SER A 25 -4.78 -7.38 -2.66
CA SER A 25 -5.01 -8.75 -2.23
C SER A 25 -3.88 -9.66 -2.69
N VAL A 26 -3.88 -10.89 -2.18
CA VAL A 26 -2.86 -11.87 -2.54
C VAL A 26 -3.18 -12.55 -3.86
N LYS A 27 -2.18 -12.64 -4.74
CA LYS A 27 -2.36 -13.28 -6.04
C LYS A 27 -1.44 -14.47 -6.20
N GLY A 28 -2.00 -15.67 -6.06
CA GLY A 28 -1.21 -16.88 -6.19
C GLY A 28 -0.97 -17.56 -4.85
N LYS A 29 0.19 -18.18 -4.71
CA LYS A 29 0.55 -18.87 -3.48
C LYS A 29 1.42 -17.99 -2.59
N ILE A 30 1.20 -18.06 -1.28
CA ILE A 30 1.97 -17.27 -0.33
C ILE A 30 3.10 -18.08 0.28
N HIS A 31 4.33 -17.77 -0.12
CA HIS A 31 5.50 -18.48 0.39
C HIS A 31 5.73 -18.16 1.86
N SER A 32 6.82 -18.68 2.41
CA SER A 32 7.15 -18.45 3.82
C SER A 32 7.20 -16.96 4.13
N HIS A 33 8.13 -16.25 3.49
CA HIS A 33 8.27 -14.82 3.70
C HIS A 33 8.42 -14.09 2.36
N SER A 34 7.47 -14.33 1.47
CA SER A 34 7.49 -13.70 0.15
C SER A 34 6.20 -13.99 -0.62
N PHE A 35 5.44 -12.94 -0.91
CA PHE A 35 4.18 -13.10 -1.64
C PHE A 35 3.92 -11.88 -2.53
N LYS A 36 3.24 -12.11 -3.64
CA LYS A 36 2.93 -11.03 -4.58
C LYS A 36 1.53 -10.47 -4.31
N ILE A 37 1.43 -9.15 -4.27
CA ILE A 37 0.16 -8.48 -4.02
C ILE A 37 -0.19 -7.54 -5.17
N THR A 38 -1.44 -7.65 -5.65
CA THR A 38 -1.91 -6.80 -6.74
C THR A 38 -3.14 -6.00 -6.32
N TRP A 39 -3.10 -4.70 -6.56
CA TRP A 39 -4.21 -3.83 -6.21
C TRP A 39 -4.88 -3.27 -7.46
N ASP A 40 -6.19 -3.41 -7.55
CA ASP A 40 -6.94 -2.92 -8.70
C ASP A 40 -7.04 -1.40 -8.66
N PRO A 41 -6.97 -0.77 -9.85
CA PRO A 41 -7.05 0.69 -9.98
C PRO A 41 -8.45 1.22 -9.68
N PRO A 42 -8.56 2.55 -9.55
CA PRO A 42 -9.84 3.21 -9.27
C PRO A 42 -10.81 3.14 -10.43
N LYS A 43 -12.00 2.60 -10.18
CA LYS A 43 -13.02 2.49 -11.21
C LYS A 43 -13.16 3.78 -12.01
N ASP A 44 -13.16 4.90 -11.31
CA ASP A 44 -13.28 6.20 -11.95
C ASP A 44 -12.20 7.16 -11.45
N ASN A 45 -10.97 6.95 -11.91
CA ASN A 45 -9.86 7.79 -11.50
C ASN A 45 -10.30 9.24 -11.30
N GLY A 46 -11.11 9.73 -12.24
CA GLY A 46 -11.59 11.09 -12.14
C GLY A 46 -10.84 12.04 -13.06
N GLY A 47 -10.27 13.09 -12.48
CA GLY A 47 -9.53 14.06 -13.27
C GLY A 47 -8.04 13.80 -13.27
N ALA A 48 -7.51 13.41 -12.11
CA ALA A 48 -6.09 13.12 -11.97
C ALA A 48 -5.78 11.68 -12.39
N THR A 49 -5.10 11.53 -13.52
CA THR A 49 -4.75 10.21 -14.03
C THR A 49 -3.54 9.64 -13.27
N ILE A 50 -3.72 8.45 -12.72
CA ILE A 50 -2.65 7.80 -11.97
C ILE A 50 -1.30 8.00 -12.66
N ASN A 51 -0.24 8.03 -11.87
CA ASN A 51 1.11 8.21 -12.39
C ASN A 51 2.08 7.19 -11.80
N LYS A 52 1.94 6.94 -10.50
CA LYS A 52 2.80 5.98 -9.81
C LYS A 52 2.02 5.27 -8.70
N TYR A 53 2.40 4.03 -8.43
CA TYR A 53 1.76 3.23 -7.40
C TYR A 53 2.76 2.77 -6.35
N VAL A 54 2.79 3.45 -5.21
CA VAL A 54 3.71 3.11 -4.13
C VAL A 54 3.01 2.24 -3.08
N VAL A 55 3.81 1.49 -2.33
CA VAL A 55 3.28 0.62 -1.28
C VAL A 55 4.03 0.82 0.03
N GLU A 56 3.29 0.79 1.13
CA GLU A 56 3.88 0.97 2.45
C GLU A 56 3.69 -0.29 3.31
N MET A 57 4.74 -0.69 4.00
CA MET A 57 4.67 -1.87 4.86
C MET A 57 4.82 -1.49 6.33
N ALA A 58 4.09 -2.18 7.19
CA ALA A 58 4.13 -1.91 8.63
C ALA A 58 4.37 -3.19 9.42
N GLU A 59 4.95 -3.05 10.61
CA GLU A 59 5.24 -4.19 11.46
C GLU A 59 3.95 -4.82 11.98
N GLY A 60 3.55 -5.94 11.40
CA GLY A 60 2.34 -6.61 11.82
C GLY A 60 1.23 -5.64 12.14
N SER A 61 0.52 -5.90 13.24
CA SER A 61 -0.59 -5.04 13.66
C SER A 61 -0.08 -3.86 14.48
N ASN A 62 0.52 -4.16 15.63
CA ASN A 62 1.05 -3.13 16.50
C ASN A 62 2.30 -2.49 15.90
N GLY A 63 2.52 -1.22 16.22
CA GLY A 63 3.68 -0.51 15.70
C GLY A 63 3.40 0.18 14.38
N ASN A 64 3.27 1.50 14.43
CA ASN A 64 3.00 2.27 13.22
C ASN A 64 4.30 2.66 12.51
N LYS A 65 4.81 1.74 11.70
CA LYS A 65 6.04 1.97 10.96
C LYS A 65 5.84 1.74 9.47
N TRP A 66 5.33 2.75 8.77
CA TRP A 66 5.09 2.65 7.34
C TRP A 66 6.21 3.31 6.56
N GLU A 67 6.70 2.62 5.53
CA GLU A 67 7.77 3.15 4.69
C GLU A 67 7.69 2.59 3.28
N MET A 68 8.18 3.35 2.32
CA MET A 68 8.16 2.93 0.92
C MET A 68 8.97 1.65 0.73
N ILE A 69 8.38 0.67 0.06
CA ILE A 69 9.05 -0.60 -0.19
C ILE A 69 9.15 -0.88 -1.69
N TYR A 70 8.14 -0.44 -2.44
CA TYR A 70 8.12 -0.65 -3.88
C TYR A 70 7.48 0.54 -4.59
N SER A 71 7.86 0.74 -5.85
CA SER A 71 7.32 1.84 -6.65
C SER A 71 7.39 1.52 -8.13
N GLY A 72 6.39 2.00 -8.88
CA GLY A 72 6.35 1.75 -10.31
C GLY A 72 4.94 1.71 -10.86
N ALA A 73 4.82 1.61 -12.18
CA ALA A 73 3.51 1.56 -12.82
C ALA A 73 2.77 0.27 -12.46
N THR A 74 3.35 -0.86 -12.84
CA THR A 74 2.75 -2.16 -12.56
C THR A 74 2.00 -2.15 -11.23
N ARG A 75 0.83 -2.76 -11.22
CA ARG A 75 0.01 -2.82 -10.01
C ARG A 75 0.19 -4.17 -9.30
N GLU A 76 1.41 -4.68 -9.32
CA GLU A 76 1.71 -5.96 -8.67
C GLU A 76 3.18 -6.04 -8.29
N HIS A 77 3.45 -6.14 -7.00
CA HIS A 77 4.82 -6.23 -6.51
C HIS A 77 4.97 -7.39 -5.53
N LEU A 78 6.20 -7.88 -5.38
CA LEU A 78 6.48 -8.99 -4.48
C LEU A 78 7.06 -8.49 -3.16
N CYS A 79 6.28 -8.64 -2.09
CA CYS A 79 6.72 -8.20 -0.77
C CYS A 79 7.72 -9.19 -0.17
N ASP A 80 9.00 -8.91 -0.34
CA ASP A 80 10.05 -9.78 0.18
C ASP A 80 10.50 -9.32 1.56
N ARG A 81 11.42 -10.06 2.16
CA ARG A 81 11.94 -9.74 3.48
C ARG A 81 10.82 -9.77 4.52
N LEU A 82 10.00 -10.81 4.45
CA LEU A 82 8.88 -10.97 5.38
C LEU A 82 9.24 -11.95 6.49
N ASN A 83 8.39 -12.03 7.51
CA ASN A 83 8.61 -12.93 8.63
C ASN A 83 7.51 -13.99 8.70
N PRO A 84 7.91 -15.27 8.59
CA PRO A 84 6.97 -16.39 8.65
C PRO A 84 6.38 -16.59 10.04
N GLY A 85 5.09 -16.88 10.09
CA GLY A 85 4.42 -17.09 11.36
C GLY A 85 4.22 -15.80 12.13
N CYS A 86 3.93 -14.72 11.40
CA CYS A 86 3.71 -13.42 12.03
C CYS A 86 2.74 -12.58 11.21
N PHE A 87 2.36 -11.43 11.74
CA PHE A 87 1.44 -10.53 11.06
C PHE A 87 2.20 -9.48 10.24
N TYR A 88 1.48 -8.79 9.38
CA TYR A 88 2.09 -7.76 8.53
C TYR A 88 1.03 -6.89 7.88
N ARG A 89 1.11 -5.58 8.12
CA ARG A 89 0.16 -4.64 7.56
C ARG A 89 0.74 -3.94 6.34
N LEU A 90 -0.06 -3.83 5.28
CA LEU A 90 0.38 -3.18 4.05
C LEU A 90 -0.69 -2.21 3.53
N ARG A 91 -0.25 -1.19 2.81
CA ARG A 91 -1.17 -0.20 2.26
C ARG A 91 -0.65 0.35 0.94
N VAL A 92 -1.53 0.45 -0.05
CA VAL A 92 -1.16 0.96 -1.37
C VAL A 92 -1.79 2.31 -1.63
N TYR A 93 -1.04 3.19 -2.30
CA TYR A 93 -1.54 4.52 -2.61
C TYR A 93 -0.96 5.03 -3.93
N CYS A 94 -1.69 5.92 -4.59
CA CYS A 94 -1.25 6.47 -5.86
C CYS A 94 -0.71 7.88 -5.69
N ILE A 95 0.15 8.30 -6.62
CA ILE A 95 0.75 9.64 -6.56
C ILE A 95 0.48 10.41 -7.85
N SER A 96 -0.69 11.03 -7.92
CA SER A 96 -1.06 11.81 -9.10
C SER A 96 -0.87 13.31 -8.86
N ASP A 97 -1.05 14.10 -9.90
CA ASP A 97 -0.89 15.55 -9.80
C ASP A 97 -1.38 16.05 -8.45
N GLY A 98 -0.62 16.99 -7.87
CA GLY A 98 -0.99 17.53 -6.57
C GLY A 98 -0.43 16.73 -5.42
N GLY A 99 -0.54 15.41 -5.50
CA GLY A 99 -0.04 14.55 -4.45
C GLY A 99 -0.70 13.19 -4.46
N GLN A 100 -0.50 12.44 -3.37
CA GLN A 100 -1.08 11.11 -3.24
C GLN A 100 -2.40 11.16 -2.47
N SER A 101 -3.25 10.15 -2.68
CA SER A 101 -4.54 10.09 -2.01
C SER A 101 -4.46 9.21 -0.77
N ALA A 102 -5.41 9.40 0.14
CA ALA A 102 -5.45 8.62 1.37
C ALA A 102 -4.99 7.18 1.13
N VAL A 103 -4.34 6.59 2.14
CA VAL A 103 -3.85 5.23 2.03
C VAL A 103 -5.00 4.22 2.04
N SER A 104 -4.91 3.22 1.16
CA SER A 104 -5.94 2.20 1.06
C SER A 104 -5.95 1.31 2.31
N GLU A 105 -7.09 0.69 2.57
CA GLU A 105 -7.23 -0.19 3.73
C GLU A 105 -6.00 -1.07 3.90
N SER A 106 -5.74 -1.50 5.12
CA SER A 106 -4.60 -2.35 5.42
C SER A 106 -4.87 -3.80 5.00
N LEU A 107 -3.85 -4.45 4.46
CA LEU A 107 -3.98 -5.84 4.02
C LEU A 107 -3.28 -6.79 5.00
N LEU A 108 -4.08 -7.53 5.76
CA LEU A 108 -3.54 -8.48 6.73
C LEU A 108 -3.23 -9.81 6.07
N VAL A 109 -1.95 -10.17 6.04
CA VAL A 109 -1.51 -11.42 5.44
C VAL A 109 -0.70 -12.26 6.44
N GLN A 110 -1.23 -13.44 6.76
CA GLN A 110 -0.56 -14.33 7.71
C GLN A 110 0.36 -15.29 6.97
N THR A 111 1.66 -15.16 7.20
CA THR A 111 2.65 -16.02 6.56
C THR A 111 2.71 -17.38 7.24
N PRO A 112 2.86 -18.44 6.42
CA PRO A 112 2.93 -19.82 6.92
C PRO A 112 4.23 -20.09 7.68
N ALA A 113 4.10 -20.32 8.99
CA ALA A 113 5.25 -20.60 9.83
C ALA A 113 5.97 -21.87 9.38
N VAL A 114 7.25 -21.75 9.08
CA VAL A 114 8.05 -22.89 8.63
C VAL A 114 8.59 -23.67 9.83
N SER A 115 7.78 -23.81 10.87
CA SER A 115 8.18 -24.52 12.07
C SER A 115 6.97 -25.07 12.81
N GLY A 116 7.13 -26.22 13.45
CA GLY A 116 6.04 -26.82 14.19
C GLY A 116 5.29 -27.86 13.37
N PRO A 117 4.75 -28.88 14.05
CA PRO A 117 4.00 -29.96 13.41
C PRO A 117 2.66 -29.49 12.87
N SER A 118 2.09 -30.28 11.97
CA SER A 118 0.79 -29.94 11.37
C SER A 118 -0.10 -29.24 12.39
N SER A 119 -0.27 -27.93 12.22
CA SER A 119 -1.10 -27.14 13.11
C SER A 119 -2.41 -26.74 12.44
N GLY A 120 -3.50 -27.37 12.83
CA GLY A 120 -4.80 -27.06 12.25
C GLY A 120 -5.40 -25.80 12.83
N GLY A 1 -13.54 16.11 26.79
CA GLY A 1 -14.85 16.43 26.26
C GLY A 1 -14.82 16.76 24.79
N SER A 2 -15.85 16.34 24.06
CA SER A 2 -15.94 16.59 22.62
C SER A 2 -17.17 17.42 22.29
N SER A 3 -17.21 17.96 21.08
CA SER A 3 -18.34 18.78 20.64
C SER A 3 -19.10 18.08 19.51
N GLY A 4 -18.41 17.87 18.38
CA GLY A 4 -19.04 17.23 17.25
C GLY A 4 -19.68 18.21 16.29
N SER A 5 -20.43 19.16 16.84
CA SER A 5 -21.11 20.16 16.02
C SER A 5 -20.19 20.65 14.90
N SER A 6 -20.73 20.71 13.69
CA SER A 6 -19.96 21.15 12.52
C SER A 6 -20.90 21.49 11.36
N GLY A 7 -20.31 22.05 10.30
CA GLY A 7 -21.10 22.41 9.14
C GLY A 7 -20.63 23.70 8.50
N VAL A 8 -19.99 23.59 7.34
CA VAL A 8 -19.48 24.75 6.63
C VAL A 8 -18.91 24.36 5.26
N VAL A 9 -19.11 25.22 4.27
CA VAL A 9 -18.62 24.97 2.93
C VAL A 9 -17.69 26.08 2.45
N GLU A 10 -16.65 25.72 1.71
CA GLU A 10 -15.69 26.68 1.21
C GLU A 10 -15.21 26.29 -0.19
N PHE A 11 -14.84 27.29 -0.97
CA PHE A 11 -14.35 27.05 -2.34
C PHE A 11 -12.96 26.43 -2.32
N THR A 12 -12.49 26.00 -3.48
CA THR A 12 -11.19 25.38 -3.61
C THR A 12 -10.74 25.32 -5.06
N THR A 13 -9.45 25.53 -5.29
CA THR A 13 -8.89 25.50 -6.64
C THR A 13 -8.07 24.24 -6.86
N CYS A 14 -8.73 23.17 -7.32
CA CYS A 14 -8.06 21.91 -7.58
C CYS A 14 -8.91 21.01 -8.46
N PRO A 15 -8.26 20.17 -9.27
CA PRO A 15 -8.93 19.25 -10.17
C PRO A 15 -9.64 18.12 -9.43
N ASP A 16 -10.00 17.07 -10.16
CA ASP A 16 -10.69 15.93 -9.57
C ASP A 16 -9.71 15.03 -8.83
N LYS A 17 -10.20 14.37 -7.78
CA LYS A 17 -9.38 13.47 -6.99
C LYS A 17 -9.49 12.03 -7.49
N PRO A 18 -8.33 11.35 -7.59
CA PRO A 18 -8.28 9.96 -8.04
C PRO A 18 -8.88 8.98 -7.03
N GLY A 19 -8.71 9.28 -5.75
CA GLY A 19 -9.24 8.43 -4.72
C GLY A 19 -8.30 7.29 -4.36
N ILE A 20 -8.56 6.63 -3.23
CA ILE A 20 -7.74 5.53 -2.77
C ILE A 20 -7.84 4.34 -3.72
N PRO A 21 -6.69 3.72 -4.01
CA PRO A 21 -6.62 2.55 -4.91
C PRO A 21 -7.24 1.31 -4.29
N VAL A 22 -7.57 0.34 -5.13
CA VAL A 22 -8.16 -0.91 -4.66
C VAL A 22 -7.24 -1.63 -3.68
N LYS A 23 -7.82 -2.05 -2.56
CA LYS A 23 -7.06 -2.76 -1.53
C LYS A 23 -6.18 -3.84 -2.16
N PRO A 24 -4.91 -3.88 -1.73
CA PRO A 24 -3.94 -4.87 -2.23
C PRO A 24 -4.25 -6.28 -1.76
N SER A 25 -4.53 -7.18 -2.70
CA SER A 25 -4.85 -8.56 -2.37
C SER A 25 -3.72 -9.49 -2.79
N VAL A 26 -3.80 -10.74 -2.35
CA VAL A 26 -2.78 -11.74 -2.69
C VAL A 26 -3.09 -12.42 -4.01
N LYS A 27 -2.07 -12.52 -4.87
CA LYS A 27 -2.24 -13.15 -6.17
C LYS A 27 -1.31 -14.36 -6.31
N GLY A 28 -1.86 -15.55 -6.11
CA GLY A 28 -1.06 -16.76 -6.21
C GLY A 28 -0.92 -17.48 -4.88
N LYS A 29 0.25 -18.06 -4.65
CA LYS A 29 0.51 -18.78 -3.41
C LYS A 29 1.47 -17.99 -2.52
N ILE A 30 1.11 -17.89 -1.23
CA ILE A 30 1.94 -17.16 -0.28
C ILE A 30 3.02 -18.07 0.32
N HIS A 31 4.28 -17.69 0.11
CA HIS A 31 5.40 -18.47 0.63
C HIS A 31 5.63 -18.17 2.11
N SER A 32 6.68 -18.75 2.67
CA SER A 32 7.02 -18.55 4.07
C SER A 32 7.18 -17.07 4.39
N HIS A 33 8.08 -16.42 3.66
CA HIS A 33 8.33 -14.99 3.86
C HIS A 33 8.41 -14.26 2.52
N SER A 34 7.40 -14.47 1.68
CA SER A 34 7.37 -13.84 0.36
C SER A 34 6.03 -14.09 -0.32
N PHE A 35 5.41 -13.02 -0.82
CA PHE A 35 4.13 -13.13 -1.50
C PHE A 35 3.91 -11.95 -2.43
N LYS A 36 3.14 -12.17 -3.49
CA LYS A 36 2.84 -11.12 -4.47
C LYS A 36 1.49 -10.47 -4.17
N ILE A 37 1.48 -9.14 -4.15
CA ILE A 37 0.24 -8.41 -3.89
C ILE A 37 -0.05 -7.42 -5.01
N THR A 38 -1.29 -7.43 -5.50
CA THR A 38 -1.70 -6.53 -6.57
C THR A 38 -2.93 -5.72 -6.17
N TRP A 39 -2.89 -4.42 -6.44
CA TRP A 39 -4.00 -3.54 -6.11
C TRP A 39 -4.70 -3.05 -7.37
N ASP A 40 -5.89 -3.58 -7.62
CA ASP A 40 -6.67 -3.19 -8.80
C ASP A 40 -6.66 -1.67 -8.98
N PRO A 41 -6.95 -1.22 -10.21
CA PRO A 41 -6.99 0.20 -10.54
C PRO A 41 -8.16 0.92 -9.89
N PRO A 42 -8.08 2.26 -9.83
CA PRO A 42 -9.14 3.09 -9.25
C PRO A 42 -10.41 3.10 -10.09
N LYS A 43 -11.43 3.80 -9.60
CA LYS A 43 -12.70 3.90 -10.31
C LYS A 43 -12.99 5.35 -10.69
N ASP A 44 -12.69 5.69 -11.94
CA ASP A 44 -12.94 7.05 -12.44
C ASP A 44 -12.07 8.06 -11.70
N ASN A 45 -10.78 7.76 -11.60
CA ASN A 45 -9.84 8.64 -10.91
C ASN A 45 -10.23 10.10 -11.11
N GLY A 46 -10.32 10.52 -12.36
CA GLY A 46 -10.69 11.89 -12.67
C GLY A 46 -9.59 12.62 -13.43
N GLY A 47 -9.79 13.92 -13.65
CA GLY A 47 -8.80 14.71 -14.37
C GLY A 47 -7.38 14.29 -14.06
N ALA A 48 -7.12 13.96 -12.80
CA ALA A 48 -5.80 13.54 -12.38
C ALA A 48 -5.55 12.07 -12.72
N THR A 49 -4.77 11.84 -13.77
CA THR A 49 -4.46 10.49 -14.20
C THR A 49 -3.29 9.90 -13.39
N ILE A 50 -3.47 8.67 -12.92
CA ILE A 50 -2.42 8.00 -12.15
C ILE A 50 -1.06 8.17 -12.79
N ASN A 51 -0.04 8.42 -11.97
CA ASN A 51 1.32 8.60 -12.47
C ASN A 51 2.22 7.47 -11.97
N LYS A 52 2.10 7.13 -10.70
CA LYS A 52 2.91 6.07 -10.10
C LYS A 52 2.20 5.46 -8.89
N TYR A 53 2.52 4.20 -8.61
CA TYR A 53 1.92 3.51 -7.48
C TYR A 53 2.97 3.18 -6.42
N VAL A 54 2.64 3.50 -5.17
CA VAL A 54 3.55 3.24 -4.06
C VAL A 54 2.85 2.47 -2.94
N VAL A 55 3.56 1.52 -2.33
CA VAL A 55 3.01 0.72 -1.25
C VAL A 55 3.74 0.99 0.06
N GLU A 56 3.04 0.78 1.17
CA GLU A 56 3.62 1.01 2.49
C GLU A 56 3.28 -0.15 3.43
N MET A 57 4.32 -0.90 3.82
CA MET A 57 4.13 -2.04 4.72
C MET A 57 4.71 -1.73 6.09
N ALA A 58 4.05 -2.25 7.13
CA ALA A 58 4.51 -2.03 8.51
C ALA A 58 4.74 -3.36 9.22
N GLU A 59 5.51 -3.32 10.30
CA GLU A 59 5.81 -4.51 11.08
C GLU A 59 4.57 -5.04 11.77
N GLY A 60 3.98 -6.09 11.21
CA GLY A 60 2.79 -6.68 11.80
C GLY A 60 1.67 -5.66 11.95
N SER A 61 1.12 -5.57 13.15
CA SER A 61 0.02 -4.64 13.42
C SER A 61 0.50 -3.49 14.31
N ASN A 62 0.77 -3.79 15.57
CA ASN A 62 1.22 -2.78 16.51
C ASN A 62 2.29 -1.89 15.89
N GLY A 63 3.33 -2.52 15.35
CA GLY A 63 4.40 -1.77 14.72
C GLY A 63 3.89 -0.74 13.73
N ASN A 64 4.08 0.54 14.04
CA ASN A 64 3.63 1.61 13.17
C ASN A 64 4.77 2.12 12.29
N LYS A 65 5.52 1.17 11.71
CA LYS A 65 6.64 1.52 10.84
C LYS A 65 6.23 1.47 9.37
N TRP A 66 5.65 2.55 8.89
CA TRP A 66 5.21 2.63 7.50
C TRP A 66 6.26 3.32 6.63
N GLU A 67 6.90 2.54 5.76
CA GLU A 67 7.94 3.08 4.88
C GLU A 67 7.82 2.48 3.48
N MET A 68 7.97 3.33 2.47
CA MET A 68 7.88 2.87 1.08
C MET A 68 8.68 1.59 0.88
N ILE A 69 8.06 0.60 0.25
CA ILE A 69 8.72 -0.67 0.00
C ILE A 69 8.83 -0.94 -1.51
N TYR A 70 7.85 -0.46 -2.26
CA TYR A 70 7.84 -0.64 -3.70
C TYR A 70 7.30 0.59 -4.41
N SER A 71 7.66 0.76 -5.67
CA SER A 71 7.22 1.91 -6.46
C SER A 71 7.26 1.59 -7.95
N GLY A 72 6.28 2.09 -8.69
CA GLY A 72 6.23 1.86 -10.13
C GLY A 72 4.82 1.69 -10.63
N ALA A 73 4.68 1.21 -11.87
CA ALA A 73 3.37 1.01 -12.46
C ALA A 73 2.80 -0.36 -12.11
N THR A 74 3.50 -1.41 -12.54
CA THR A 74 3.07 -2.77 -12.27
C THR A 74 2.38 -2.88 -10.91
N ARG A 75 1.13 -3.33 -10.92
CA ARG A 75 0.37 -3.48 -9.68
C ARG A 75 0.80 -4.72 -8.92
N GLU A 76 1.10 -5.78 -9.64
CA GLU A 76 1.54 -7.04 -9.03
C GLU A 76 2.99 -6.95 -8.58
N HIS A 77 3.19 -6.63 -7.30
CA HIS A 77 4.52 -6.51 -6.75
C HIS A 77 4.77 -7.60 -5.70
N LEU A 78 6.02 -8.04 -5.61
CA LEU A 78 6.40 -9.08 -4.65
C LEU A 78 7.07 -8.47 -3.42
N CYS A 79 6.45 -8.65 -2.26
CA CYS A 79 6.99 -8.12 -1.02
C CYS A 79 7.83 -9.18 -0.30
N ASP A 80 9.14 -9.10 -0.50
CA ASP A 80 10.06 -10.05 0.13
C ASP A 80 10.53 -9.53 1.48
N ARG A 81 11.46 -10.25 2.10
CA ARG A 81 12.00 -9.87 3.40
C ARG A 81 10.90 -9.86 4.46
N LEU A 82 10.11 -10.93 4.50
CA LEU A 82 9.02 -11.04 5.46
C LEU A 82 9.39 -12.00 6.59
N ASN A 83 8.45 -12.22 7.50
CA ASN A 83 8.68 -13.12 8.63
C ASN A 83 7.58 -14.19 8.71
N PRO A 84 8.00 -15.46 8.61
CA PRO A 84 7.08 -16.59 8.67
C PRO A 84 6.48 -16.79 10.05
N GLY A 85 5.15 -16.87 10.12
CA GLY A 85 4.48 -17.05 11.40
C GLY A 85 4.23 -15.74 12.11
N CYS A 86 3.91 -14.70 11.34
CA CYS A 86 3.64 -13.38 11.91
C CYS A 86 2.68 -12.60 11.03
N PHE A 87 2.20 -11.47 11.55
CA PHE A 87 1.27 -10.63 10.82
C PHE A 87 2.00 -9.52 10.07
N TYR A 88 1.27 -8.76 9.26
CA TYR A 88 1.85 -7.67 8.49
C TYR A 88 0.77 -6.81 7.85
N ARG A 89 0.90 -5.50 8.00
CA ARG A 89 -0.07 -4.56 7.43
C ARG A 89 0.52 -3.82 6.24
N LEU A 90 -0.24 -3.75 5.16
CA LEU A 90 0.20 -3.07 3.94
C LEU A 90 -0.86 -2.08 3.45
N ARG A 91 -0.40 -1.00 2.83
CA ARG A 91 -1.31 0.02 2.32
C ARG A 91 -0.80 0.57 0.99
N VAL A 92 -1.69 0.68 0.01
CA VAL A 92 -1.34 1.19 -1.30
C VAL A 92 -2.04 2.51 -1.59
N TYR A 93 -1.34 3.42 -2.25
CA TYR A 93 -1.89 4.73 -2.58
C TYR A 93 -1.39 5.20 -3.94
N CYS A 94 -2.17 6.07 -4.58
CA CYS A 94 -1.81 6.61 -5.89
C CYS A 94 -1.23 8.01 -5.76
N ILE A 95 -0.38 8.38 -6.70
CA ILE A 95 0.25 9.69 -6.71
C ILE A 95 -0.10 10.47 -7.97
N SER A 96 -1.27 11.09 -7.97
CA SER A 96 -1.73 11.87 -9.12
C SER A 96 -1.32 13.34 -8.98
N ASP A 97 -1.38 14.06 -10.09
CA ASP A 97 -1.03 15.48 -10.09
C ASP A 97 -1.45 16.15 -8.78
N GLY A 98 -2.76 16.33 -8.61
CA GLY A 98 -3.27 16.95 -7.40
C GLY A 98 -2.47 16.57 -6.17
N GLY A 99 -1.97 15.34 -6.14
CA GLY A 99 -1.20 14.88 -5.00
C GLY A 99 -1.36 13.39 -4.76
N GLN A 100 -1.04 12.97 -3.54
CA GLN A 100 -1.14 11.56 -3.18
C GLN A 100 -2.49 11.25 -2.55
N SER A 101 -2.92 10.00 -2.65
CA SER A 101 -4.21 9.58 -2.10
C SER A 101 -4.02 8.89 -0.75
N ALA A 102 -5.04 8.95 0.09
CA ALA A 102 -5.00 8.33 1.41
C ALA A 102 -4.53 6.87 1.31
N VAL A 103 -3.76 6.44 2.31
CA VAL A 103 -3.24 5.08 2.34
C VAL A 103 -4.38 4.07 2.45
N SER A 104 -4.59 3.31 1.37
CA SER A 104 -5.64 2.30 1.36
C SER A 104 -5.64 1.48 2.64
N GLU A 105 -6.77 0.84 2.93
CA GLU A 105 -6.89 0.02 4.13
C GLU A 105 -5.66 -0.86 4.31
N SER A 106 -5.51 -1.41 5.51
CA SER A 106 -4.37 -2.27 5.82
C SER A 106 -4.64 -3.70 5.39
N LEU A 107 -3.65 -4.32 4.76
CA LEU A 107 -3.78 -5.70 4.29
C LEU A 107 -3.10 -6.66 5.26
N LEU A 108 -3.92 -7.42 6.01
CA LEU A 108 -3.40 -8.38 6.97
C LEU A 108 -3.17 -9.74 6.30
N VAL A 109 -1.91 -10.18 6.29
CA VAL A 109 -1.56 -11.46 5.70
C VAL A 109 -0.79 -12.33 6.68
N GLN A 110 -1.32 -13.52 6.94
CA GLN A 110 -0.68 -14.45 7.87
C GLN A 110 0.15 -15.49 7.12
N THR A 111 1.47 -15.39 7.24
CA THR A 111 2.37 -16.32 6.57
C THR A 111 2.49 -17.62 7.35
N PRO A 112 2.68 -18.74 6.62
CA PRO A 112 2.82 -20.07 7.22
C PRO A 112 4.13 -20.22 7.99
N ALA A 113 4.03 -20.41 9.30
CA ALA A 113 5.21 -20.59 10.13
C ALA A 113 5.87 -21.95 9.88
N VAL A 114 7.14 -21.91 9.48
CA VAL A 114 7.89 -23.13 9.22
C VAL A 114 8.46 -23.72 10.50
N SER A 115 8.99 -24.93 10.40
CA SER A 115 9.57 -25.61 11.55
C SER A 115 10.88 -26.31 11.17
N GLY A 116 11.70 -26.59 12.17
CA GLY A 116 12.97 -27.25 11.93
C GLY A 116 12.90 -28.75 12.15
N PRO A 117 13.62 -29.51 11.31
CA PRO A 117 13.65 -30.97 11.41
C PRO A 117 14.39 -31.46 12.64
N SER A 118 14.96 -30.52 13.40
CA SER A 118 15.71 -30.85 14.60
C SER A 118 14.87 -30.59 15.86
N SER A 119 15.35 -31.07 16.99
CA SER A 119 14.65 -30.88 18.26
C SER A 119 15.02 -29.56 18.90
N GLY A 120 14.07 -28.96 19.62
CA GLY A 120 14.32 -27.70 20.28
C GLY A 120 13.05 -27.11 20.91
N GLY A 1 7.70 26.33 19.71
CA GLY A 1 7.76 25.57 18.48
C GLY A 1 6.99 26.24 17.35
N SER A 2 6.59 25.45 16.36
CA SER A 2 5.84 25.96 15.23
C SER A 2 4.40 26.28 15.62
N SER A 3 3.66 26.86 14.69
CA SER A 3 2.26 27.21 14.94
C SER A 3 1.37 26.80 13.77
N GLY A 4 0.15 26.40 14.08
CA GLY A 4 -0.78 25.98 13.05
C GLY A 4 -1.71 27.09 12.61
N SER A 5 -2.47 26.85 11.55
CA SER A 5 -3.39 27.84 11.02
C SER A 5 -4.81 27.27 10.91
N SER A 6 -5.77 28.14 10.61
CA SER A 6 -7.16 27.72 10.49
C SER A 6 -7.80 28.35 9.25
N GLY A 7 -8.90 27.75 8.79
CA GLY A 7 -9.59 28.26 7.62
C GLY A 7 -9.22 27.51 6.36
N VAL A 8 -10.23 26.96 5.69
CA VAL A 8 -10.00 26.20 4.46
C VAL A 8 -10.30 27.07 3.24
N VAL A 9 -9.30 27.18 2.35
CA VAL A 9 -9.46 27.98 1.14
C VAL A 9 -8.60 27.41 0.01
N GLU A 10 -9.18 27.38 -1.20
CA GLU A 10 -8.47 26.87 -2.36
C GLU A 10 -8.51 27.87 -3.52
N PHE A 11 -7.39 28.53 -3.76
CA PHE A 11 -7.31 29.52 -4.83
C PHE A 11 -6.85 28.86 -6.13
N THR A 12 -5.64 28.30 -6.12
CA THR A 12 -5.09 27.65 -7.30
C THR A 12 -5.98 26.49 -7.74
N THR A 13 -6.71 26.69 -8.84
CA THR A 13 -7.60 25.67 -9.36
C THR A 13 -6.95 24.28 -9.27
N CYS A 14 -7.67 23.33 -8.69
CA CYS A 14 -7.17 21.98 -8.54
C CYS A 14 -8.14 20.96 -9.15
N PRO A 15 -7.60 19.95 -9.83
CA PRO A 15 -8.40 18.91 -10.47
C PRO A 15 -9.07 17.98 -9.46
N ASP A 16 -9.73 16.94 -9.95
CA ASP A 16 -10.41 15.98 -9.09
C ASP A 16 -9.44 14.93 -8.57
N LYS A 17 -9.67 14.48 -7.35
CA LYS A 17 -8.82 13.46 -6.73
C LYS A 17 -8.89 12.14 -7.49
N PRO A 18 -7.76 11.43 -7.56
CA PRO A 18 -7.67 10.15 -8.27
C PRO A 18 -8.45 9.04 -7.54
N GLY A 19 -8.84 9.31 -6.30
CA GLY A 19 -9.58 8.33 -5.52
C GLY A 19 -8.71 7.19 -5.07
N ILE A 20 -8.80 6.87 -3.78
CA ILE A 20 -8.01 5.79 -3.20
C ILE A 20 -8.15 4.50 -4.02
N PRO A 21 -7.02 3.83 -4.28
CA PRO A 21 -6.99 2.59 -5.05
C PRO A 21 -7.62 1.42 -4.30
N VAL A 22 -8.02 0.40 -5.04
CA VAL A 22 -8.64 -0.78 -4.45
C VAL A 22 -7.66 -1.52 -3.55
N LYS A 23 -8.11 -1.88 -2.36
CA LYS A 23 -7.28 -2.60 -1.40
C LYS A 23 -6.54 -3.75 -2.09
N PRO A 24 -5.24 -3.86 -1.81
CA PRO A 24 -4.40 -4.92 -2.39
C PRO A 24 -4.73 -6.30 -1.83
N SER A 25 -4.67 -7.31 -2.69
CA SER A 25 -4.97 -8.68 -2.29
C SER A 25 -3.85 -9.63 -2.68
N VAL A 26 -3.95 -10.88 -2.25
CA VAL A 26 -2.94 -11.88 -2.56
C VAL A 26 -3.36 -12.72 -3.76
N LYS A 27 -2.38 -13.05 -4.60
CA LYS A 27 -2.65 -13.85 -5.79
C LYS A 27 -1.66 -15.02 -5.89
N GLY A 28 -2.19 -16.24 -5.73
CA GLY A 28 -1.34 -17.41 -5.81
C GLY A 28 -1.07 -18.02 -4.44
N LYS A 29 0.15 -18.53 -4.26
CA LYS A 29 0.52 -19.15 -2.99
C LYS A 29 1.49 -18.25 -2.22
N ILE A 30 1.25 -18.11 -0.92
CA ILE A 30 2.10 -17.28 -0.07
C ILE A 30 3.23 -18.11 0.53
N HIS A 31 4.45 -17.89 0.03
CA HIS A 31 5.62 -18.62 0.53
C HIS A 31 5.87 -18.28 2.00
N SER A 32 6.96 -18.80 2.54
CA SER A 32 7.33 -18.57 3.94
C SER A 32 7.52 -17.08 4.20
N HIS A 33 8.48 -16.48 3.49
CA HIS A 33 8.76 -15.06 3.65
C HIS A 33 8.81 -14.36 2.30
N SER A 34 7.75 -14.50 1.52
CA SER A 34 7.68 -13.90 0.20
C SER A 34 6.30 -14.12 -0.43
N PHE A 35 5.65 -13.03 -0.82
CA PHE A 35 4.32 -13.10 -1.43
C PHE A 35 4.04 -11.87 -2.27
N LYS A 36 3.37 -12.07 -3.40
CA LYS A 36 3.03 -10.96 -4.29
C LYS A 36 1.64 -10.42 -3.98
N ILE A 37 1.45 -9.13 -4.22
CA ILE A 37 0.16 -8.48 -3.97
C ILE A 37 -0.23 -7.59 -5.14
N THR A 38 -1.43 -7.80 -5.67
CA THR A 38 -1.93 -7.01 -6.79
C THR A 38 -3.24 -6.33 -6.43
N TRP A 39 -3.33 -5.03 -6.72
CA TRP A 39 -4.52 -4.26 -6.43
C TRP A 39 -5.20 -3.80 -7.72
N ASP A 40 -6.31 -3.09 -7.57
CA ASP A 40 -7.06 -2.59 -8.73
C ASP A 40 -7.11 -1.06 -8.73
N PRO A 41 -6.97 -0.47 -9.91
CA PRO A 41 -7.00 0.99 -10.07
C PRO A 41 -8.39 1.58 -9.83
N PRO A 42 -8.43 2.89 -9.56
CA PRO A 42 -9.68 3.60 -9.30
C PRO A 42 -10.55 3.72 -10.56
N LYS A 43 -11.44 2.77 -10.75
CA LYS A 43 -12.34 2.77 -11.91
C LYS A 43 -12.92 4.17 -12.14
N ASP A 44 -13.34 4.81 -11.06
CA ASP A 44 -13.92 6.15 -11.15
C ASP A 44 -12.84 7.21 -11.01
N ASN A 45 -11.70 6.98 -11.65
CA ASN A 45 -10.58 7.92 -11.60
C ASN A 45 -11.07 9.35 -11.85
N GLY A 46 -10.17 10.31 -11.66
CA GLY A 46 -10.52 11.70 -11.87
C GLY A 46 -9.53 12.42 -12.78
N GLY A 47 -9.61 13.74 -12.80
CA GLY A 47 -8.73 14.52 -13.63
C GLY A 47 -7.27 14.16 -13.41
N ALA A 48 -6.91 13.93 -12.16
CA ALA A 48 -5.53 13.57 -11.81
C ALA A 48 -5.25 12.11 -12.13
N THR A 49 -4.60 11.87 -13.27
CA THR A 49 -4.28 10.52 -13.69
C THR A 49 -3.10 9.97 -12.89
N ILE A 50 -3.30 8.81 -12.26
CA ILE A 50 -2.26 8.17 -11.46
C ILE A 50 -1.01 7.94 -12.29
N ASN A 51 0.15 8.10 -11.67
CA ASN A 51 1.42 7.91 -12.35
C ASN A 51 2.25 6.83 -11.64
N LYS A 52 2.42 7.00 -10.34
CA LYS A 52 3.21 6.05 -9.55
C LYS A 52 2.33 5.39 -8.48
N TYR A 53 2.63 4.14 -8.16
CA TYR A 53 1.87 3.40 -7.16
C TYR A 53 2.79 2.88 -6.05
N VAL A 54 2.91 3.66 -4.99
CA VAL A 54 3.77 3.28 -3.86
C VAL A 54 2.97 2.52 -2.81
N VAL A 55 3.65 1.60 -2.12
CA VAL A 55 3.01 0.80 -1.09
C VAL A 55 3.71 0.97 0.26
N GLU A 56 2.92 0.99 1.33
CA GLU A 56 3.47 1.15 2.67
C GLU A 56 3.12 -0.05 3.55
N MET A 57 4.13 -0.80 3.95
CA MET A 57 3.93 -1.98 4.80
C MET A 57 4.53 -1.76 6.19
N ALA A 58 3.79 -2.18 7.21
CA ALA A 58 4.25 -2.03 8.59
C ALA A 58 4.58 -3.39 9.20
N GLU A 59 5.41 -3.36 10.24
CA GLU A 59 5.80 -4.60 10.92
C GLU A 59 4.64 -5.19 11.71
N GLY A 60 4.02 -6.22 11.15
CA GLY A 60 2.90 -6.86 11.81
C GLY A 60 1.75 -5.90 12.08
N SER A 61 0.72 -6.37 12.77
CA SER A 61 -0.43 -5.55 13.08
C SER A 61 -0.02 -4.31 13.87
N ASN A 62 0.51 -4.53 15.07
CA ASN A 62 0.94 -3.43 15.92
C ASN A 62 2.28 -2.88 15.47
N GLY A 63 2.37 -1.56 15.35
CA GLY A 63 3.61 -0.93 14.92
C GLY A 63 3.38 0.21 13.94
N ASN A 64 3.68 1.42 14.37
CA ASN A 64 3.50 2.59 13.53
C ASN A 64 4.74 2.86 12.68
N LYS A 65 5.30 1.79 12.11
CA LYS A 65 6.49 1.91 11.28
C LYS A 65 6.16 1.63 9.81
N TRP A 66 5.76 2.68 9.10
CA TRP A 66 5.42 2.56 7.69
C TRP A 66 6.46 3.25 6.81
N GLU A 67 6.98 2.51 5.83
CA GLU A 67 7.98 3.06 4.92
C GLU A 67 7.83 2.44 3.52
N MET A 68 8.16 3.23 2.50
CA MET A 68 8.07 2.77 1.13
C MET A 68 8.80 1.44 0.95
N ILE A 69 8.10 0.46 0.37
CA ILE A 69 8.69 -0.86 0.15
C ILE A 69 8.81 -1.17 -1.34
N TYR A 70 7.91 -0.59 -2.13
CA TYR A 70 7.92 -0.80 -3.57
C TYR A 70 7.43 0.44 -4.31
N SER A 71 7.84 0.59 -5.56
CA SER A 71 7.45 1.74 -6.36
C SER A 71 7.54 1.41 -7.86
N GLY A 72 6.60 1.94 -8.64
CA GLY A 72 6.60 1.69 -10.06
C GLY A 72 5.20 1.76 -10.66
N ALA A 73 4.88 0.80 -11.51
CA ALA A 73 3.57 0.76 -12.16
C ALA A 73 2.89 -0.58 -11.92
N THR A 74 3.51 -1.66 -12.39
CA THR A 74 2.97 -3.00 -12.23
C THR A 74 2.25 -3.14 -10.90
N ARG A 75 1.04 -3.69 -10.94
CA ARG A 75 0.25 -3.88 -9.73
C ARG A 75 0.71 -5.13 -8.97
N GLU A 76 1.04 -6.17 -9.72
CA GLU A 76 1.50 -7.43 -9.12
C GLU A 76 2.96 -7.32 -8.69
N HIS A 77 3.16 -6.81 -7.48
CA HIS A 77 4.51 -6.66 -6.93
C HIS A 77 4.81 -7.75 -5.92
N LEU A 78 6.10 -8.05 -5.72
CA LEU A 78 6.52 -9.07 -4.78
C LEU A 78 7.15 -8.45 -3.53
N CYS A 79 6.53 -8.67 -2.38
CA CYS A 79 7.03 -8.14 -1.13
C CYS A 79 7.96 -9.14 -0.44
N ASP A 80 9.25 -9.05 -0.77
CA ASP A 80 10.25 -9.95 -0.18
C ASP A 80 10.78 -9.39 1.13
N ARG A 81 11.63 -10.17 1.80
CA ARG A 81 12.20 -9.74 3.06
C ARG A 81 11.13 -9.66 4.15
N LEU A 82 10.32 -10.71 4.26
CA LEU A 82 9.25 -10.75 5.25
C LEU A 82 9.56 -11.78 6.33
N ASN A 83 8.81 -11.73 7.43
CA ASN A 83 9.00 -12.66 8.53
C ASN A 83 7.86 -13.68 8.60
N PRO A 84 8.23 -14.97 8.54
CA PRO A 84 7.25 -16.06 8.59
C PRO A 84 6.60 -16.20 9.96
N GLY A 85 5.43 -16.83 10.00
CA GLY A 85 4.73 -17.02 11.26
C GLY A 85 4.45 -15.71 11.97
N CYS A 86 4.08 -14.70 11.20
CA CYS A 86 3.79 -13.38 11.77
C CYS A 86 2.79 -12.62 10.91
N PHE A 87 2.24 -11.55 11.46
CA PHE A 87 1.26 -10.73 10.75
C PHE A 87 1.94 -9.60 9.99
N TYR A 88 1.17 -8.83 9.25
CA TYR A 88 1.69 -7.71 8.47
C TYR A 88 0.56 -6.86 7.91
N ARG A 89 0.81 -5.56 7.80
CA ARG A 89 -0.18 -4.63 7.28
C ARG A 89 0.39 -3.83 6.12
N LEU A 90 -0.25 -3.97 4.95
CA LEU A 90 0.20 -3.26 3.75
C LEU A 90 -0.91 -2.34 3.23
N ARG A 91 -0.50 -1.22 2.63
CA ARG A 91 -1.45 -0.25 2.09
C ARG A 91 -0.94 0.33 0.78
N VAL A 92 -1.77 0.28 -0.26
CA VAL A 92 -1.41 0.80 -1.56
C VAL A 92 -2.12 2.11 -1.85
N TYR A 93 -1.38 3.09 -2.35
CA TYR A 93 -1.95 4.39 -2.67
C TYR A 93 -1.39 4.93 -3.99
N CYS A 94 -2.09 5.90 -4.57
CA CYS A 94 -1.66 6.48 -5.84
C CYS A 94 -0.98 7.83 -5.61
N ILE A 95 -0.11 8.22 -6.53
CA ILE A 95 0.61 9.48 -6.42
C ILE A 95 0.43 10.31 -7.68
N SER A 96 -0.64 11.10 -7.72
CA SER A 96 -0.92 11.96 -8.87
C SER A 96 -0.31 13.34 -8.68
N ASP A 97 -0.28 14.12 -9.76
CA ASP A 97 0.27 15.47 -9.71
C ASP A 97 -0.08 16.15 -8.40
N GLY A 98 0.94 16.55 -7.64
CA GLY A 98 0.72 17.21 -6.37
C GLY A 98 1.16 16.36 -5.19
N GLY A 99 0.58 15.17 -5.09
CA GLY A 99 0.93 14.28 -4.00
C GLY A 99 0.27 12.92 -4.13
N GLN A 100 -0.29 12.41 -3.03
CA GLN A 100 -0.93 11.11 -3.03
C GLN A 100 -2.30 11.19 -2.35
N SER A 101 -3.10 10.13 -2.51
CA SER A 101 -4.42 10.09 -1.92
C SER A 101 -4.42 9.22 -0.65
N ALA A 102 -5.44 9.41 0.18
CA ALA A 102 -5.55 8.66 1.43
C ALA A 102 -5.07 7.22 1.24
N VAL A 103 -4.54 6.63 2.31
CA VAL A 103 -4.04 5.27 2.26
C VAL A 103 -5.18 4.27 2.25
N SER A 104 -5.09 3.26 1.39
CA SER A 104 -6.13 2.25 1.27
C SER A 104 -6.09 1.30 2.47
N GLU A 105 -7.24 0.73 2.80
CA GLU A 105 -7.34 -0.19 3.93
C GLU A 105 -6.06 -1.03 4.06
N SER A 106 -5.77 -1.46 5.28
CA SER A 106 -4.59 -2.25 5.54
C SER A 106 -4.82 -3.71 5.17
N LEU A 107 -3.82 -4.32 4.54
CA LEU A 107 -3.91 -5.72 4.12
C LEU A 107 -3.40 -6.65 5.21
N LEU A 108 -4.26 -7.56 5.66
CA LEU A 108 -3.90 -8.51 6.70
C LEU A 108 -3.39 -9.81 6.09
N VAL A 109 -2.08 -9.92 5.91
CA VAL A 109 -1.48 -11.11 5.33
C VAL A 109 -0.51 -11.76 6.32
N GLN A 110 -0.87 -12.94 6.80
CA GLN A 110 -0.04 -13.68 7.75
C GLN A 110 0.77 -14.76 7.05
N THR A 111 2.09 -14.68 7.17
CA THR A 111 2.98 -15.65 6.54
C THR A 111 3.03 -16.95 7.35
N PRO A 112 3.12 -18.08 6.64
CA PRO A 112 3.17 -19.41 7.27
C PRO A 112 4.49 -19.65 8.00
N ALA A 113 4.40 -20.27 9.17
CA ALA A 113 5.59 -20.56 9.97
C ALA A 113 6.22 -21.88 9.55
N VAL A 114 7.49 -21.81 9.13
CA VAL A 114 8.21 -22.99 8.70
C VAL A 114 8.59 -23.87 9.89
N SER A 115 8.51 -25.18 9.70
CA SER A 115 8.84 -26.13 10.77
C SER A 115 10.33 -26.09 11.07
N GLY A 116 10.72 -25.21 12.00
CA GLY A 116 12.12 -25.09 12.38
C GLY A 116 12.79 -23.91 11.71
N PRO A 117 14.13 -23.99 11.60
CA PRO A 117 14.93 -22.92 10.98
C PRO A 117 14.70 -22.83 9.47
N SER A 118 14.72 -21.61 8.95
CA SER A 118 14.52 -21.38 7.52
C SER A 118 15.63 -22.04 6.71
N SER A 119 16.87 -21.73 7.07
CA SER A 119 18.03 -22.28 6.37
C SER A 119 18.07 -23.80 6.48
N GLY A 120 18.08 -24.47 5.35
CA GLY A 120 18.12 -25.92 5.34
C GLY A 120 18.90 -26.48 4.17
N GLY A 1 -12.69 35.68 -6.29
CA GLY A 1 -13.07 34.68 -5.31
C GLY A 1 -13.39 35.28 -3.96
N SER A 2 -14.31 36.24 -3.94
CA SER A 2 -14.70 36.89 -2.71
C SER A 2 -16.18 36.64 -2.40
N SER A 3 -16.60 35.38 -2.57
CA SER A 3 -17.99 35.01 -2.32
C SER A 3 -18.44 35.49 -0.94
N GLY A 4 -17.60 35.22 0.06
CA GLY A 4 -17.93 35.62 1.42
C GLY A 4 -19.30 35.17 1.85
N SER A 5 -19.59 33.88 1.66
CA SER A 5 -20.88 33.32 2.02
C SER A 5 -20.75 31.84 2.38
N SER A 6 -21.78 31.30 3.01
CA SER A 6 -21.79 29.89 3.40
C SER A 6 -21.16 29.02 2.31
N GLY A 7 -20.51 27.94 2.74
CA GLY A 7 -19.86 27.05 1.79
C GLY A 7 -20.87 26.32 0.93
N VAL A 8 -20.85 26.61 -0.38
CA VAL A 8 -21.76 25.97 -1.31
C VAL A 8 -21.04 25.59 -2.60
N VAL A 9 -21.77 24.91 -3.49
CA VAL A 9 -21.20 24.48 -4.76
C VAL A 9 -20.68 25.68 -5.56
N GLU A 10 -19.37 25.67 -5.83
CA GLU A 10 -18.75 26.76 -6.59
C GLU A 10 -18.24 26.27 -7.94
N PHE A 11 -18.53 27.02 -8.98
CA PHE A 11 -18.11 26.66 -10.33
C PHE A 11 -16.60 26.77 -10.48
N THR A 12 -15.93 25.63 -10.58
CA THR A 12 -14.48 25.59 -10.72
C THR A 12 -14.06 24.69 -11.87
N THR A 13 -12.82 24.86 -12.32
CA THR A 13 -12.29 24.06 -13.43
C THR A 13 -11.17 23.15 -12.96
N CYS A 14 -11.50 21.88 -12.74
CA CYS A 14 -10.51 20.91 -12.28
C CYS A 14 -11.03 19.48 -12.44
N PRO A 15 -10.12 18.54 -12.71
CA PRO A 15 -10.47 17.13 -12.90
C PRO A 15 -10.90 16.47 -11.60
N ASP A 16 -11.31 15.21 -11.69
CA ASP A 16 -11.75 14.46 -10.52
C ASP A 16 -10.58 13.80 -9.82
N LYS A 17 -10.74 13.52 -8.53
CA LYS A 17 -9.69 12.89 -7.74
C LYS A 17 -9.69 11.38 -7.95
N PRO A 18 -8.49 10.77 -7.89
CA PRO A 18 -8.34 9.32 -8.06
C PRO A 18 -8.90 8.53 -6.88
N GLY A 19 -9.21 9.24 -5.80
CA GLY A 19 -9.75 8.59 -4.61
C GLY A 19 -8.82 7.53 -4.06
N ILE A 20 -9.37 6.62 -3.27
CA ILE A 20 -8.59 5.54 -2.68
C ILE A 20 -8.59 4.30 -3.56
N PRO A 21 -7.38 3.79 -3.87
CA PRO A 21 -7.22 2.60 -4.71
C PRO A 21 -7.68 1.32 -4.01
N VAL A 22 -8.15 0.37 -4.79
CA VAL A 22 -8.63 -0.90 -4.25
C VAL A 22 -7.58 -1.52 -3.33
N LYS A 23 -8.03 -1.98 -2.16
CA LYS A 23 -7.13 -2.60 -1.19
C LYS A 23 -6.30 -3.71 -1.85
N PRO A 24 -5.01 -3.76 -1.52
CA PRO A 24 -4.09 -4.76 -2.06
C PRO A 24 -4.38 -6.16 -1.52
N SER A 25 -4.72 -7.07 -2.42
CA SER A 25 -5.02 -8.46 -2.04
C SER A 25 -3.93 -9.40 -2.49
N VAL A 26 -3.96 -10.63 -1.98
CA VAL A 26 -2.97 -11.64 -2.35
C VAL A 26 -3.25 -12.22 -3.73
N LYS A 27 -2.19 -12.48 -4.48
CA LYS A 27 -2.32 -13.04 -5.82
C LYS A 27 -1.44 -14.28 -5.98
N GLY A 28 -2.08 -15.43 -6.11
CA GLY A 28 -1.34 -16.68 -6.27
C GLY A 28 -1.18 -17.43 -4.97
N LYS A 29 0.02 -17.93 -4.72
CA LYS A 29 0.31 -18.67 -3.50
C LYS A 29 1.26 -17.87 -2.59
N ILE A 30 0.99 -17.92 -1.28
CA ILE A 30 1.81 -17.22 -0.31
C ILE A 30 2.86 -18.14 0.29
N HIS A 31 4.12 -17.94 -0.09
CA HIS A 31 5.22 -18.75 0.42
C HIS A 31 5.60 -18.33 1.84
N SER A 32 6.48 -19.11 2.46
CA SER A 32 6.91 -18.81 3.82
C SER A 32 7.05 -17.30 4.04
N HIS A 33 8.02 -16.71 3.35
CA HIS A 33 8.25 -15.27 3.47
C HIS A 33 8.44 -14.63 2.08
N SER A 34 7.45 -14.82 1.22
CA SER A 34 7.50 -14.27 -0.13
C SER A 34 6.14 -14.37 -0.81
N PHE A 35 5.44 -13.25 -0.91
CA PHE A 35 4.13 -13.22 -1.54
C PHE A 35 3.90 -11.90 -2.27
N LYS A 36 3.23 -11.96 -3.41
CA LYS A 36 2.95 -10.78 -4.21
C LYS A 36 1.57 -10.20 -3.88
N ILE A 37 1.45 -8.89 -3.96
CA ILE A 37 0.17 -8.23 -3.67
C ILE A 37 -0.20 -7.25 -4.78
N THR A 38 -1.41 -7.41 -5.32
CA THR A 38 -1.89 -6.54 -6.39
C THR A 38 -3.12 -5.77 -5.96
N TRP A 39 -3.12 -4.47 -6.21
CA TRP A 39 -4.26 -3.62 -5.85
C TRP A 39 -4.99 -3.13 -7.09
N ASP A 40 -6.20 -3.67 -7.30
CA ASP A 40 -7.00 -3.29 -8.46
C ASP A 40 -6.96 -1.77 -8.67
N PRO A 41 -7.09 -1.36 -9.94
CA PRO A 41 -7.08 0.07 -10.31
C PRO A 41 -8.32 0.80 -9.83
N PRO A 42 -8.21 2.14 -9.73
CA PRO A 42 -9.32 2.99 -9.27
C PRO A 42 -10.44 3.06 -10.30
N LYS A 43 -11.58 3.61 -9.87
CA LYS A 43 -12.74 3.73 -10.75
C LYS A 43 -12.40 4.57 -11.98
N ASP A 44 -11.70 3.95 -12.93
CA ASP A 44 -11.32 4.63 -14.16
C ASP A 44 -10.45 5.85 -13.86
N ASN A 45 -9.44 5.66 -13.02
CA ASN A 45 -8.54 6.75 -12.65
C ASN A 45 -9.29 8.07 -12.56
N GLY A 46 -10.50 8.03 -12.02
CA GLY A 46 -11.31 9.24 -11.88
C GLY A 46 -11.13 10.17 -13.07
N GLY A 47 -10.28 11.17 -12.92
CA GLY A 47 -10.06 12.12 -13.99
C GLY A 47 -8.59 12.24 -14.36
N ALA A 48 -7.73 12.33 -13.35
CA ALA A 48 -6.30 12.46 -13.57
C ALA A 48 -5.66 11.09 -13.83
N THR A 49 -4.67 11.06 -14.72
CA THR A 49 -3.99 9.82 -15.06
C THR A 49 -2.89 9.51 -14.05
N ILE A 50 -2.95 8.30 -13.47
CA ILE A 50 -1.96 7.88 -12.50
C ILE A 50 -0.54 8.22 -12.95
N ASN A 51 0.39 8.26 -12.00
CA ASN A 51 1.78 8.58 -12.31
C ASN A 51 2.72 7.52 -11.74
N LYS A 52 2.35 6.99 -10.58
CA LYS A 52 3.17 5.96 -9.93
C LYS A 52 2.39 5.32 -8.77
N TYR A 53 2.79 4.11 -8.41
CA TYR A 53 2.14 3.39 -7.32
C TYR A 53 3.15 2.99 -6.25
N VAL A 54 3.01 3.59 -5.07
CA VAL A 54 3.90 3.31 -3.95
C VAL A 54 3.23 2.40 -2.92
N VAL A 55 4.03 1.51 -2.32
CA VAL A 55 3.50 0.60 -1.31
C VAL A 55 4.18 0.82 0.04
N GLU A 56 3.45 0.52 1.11
CA GLU A 56 3.98 0.69 2.46
C GLU A 56 3.83 -0.59 3.27
N MET A 57 4.71 -0.77 4.25
CA MET A 57 4.68 -1.96 5.09
C MET A 57 4.94 -1.59 6.55
N ALA A 58 4.25 -2.29 7.46
CA ALA A 58 4.40 -2.04 8.89
C ALA A 58 4.63 -3.33 9.65
N GLU A 59 5.20 -3.22 10.85
CA GLU A 59 5.47 -4.38 11.69
C GLU A 59 4.18 -5.03 12.16
N GLY A 60 3.81 -6.14 11.52
CA GLY A 60 2.60 -6.83 11.90
C GLY A 60 1.44 -5.89 12.16
N SER A 61 0.60 -6.25 13.13
CA SER A 61 -0.56 -5.43 13.48
C SER A 61 -0.25 -4.54 14.67
N ASN A 62 0.91 -3.89 14.65
CA ASN A 62 1.32 -3.01 15.72
C ASN A 62 2.42 -2.05 15.27
N GLY A 63 2.23 -0.77 15.56
CA GLY A 63 3.21 0.23 15.17
C GLY A 63 2.82 0.95 13.89
N ASN A 64 2.71 2.27 13.97
CA ASN A 64 2.34 3.07 12.81
C ASN A 64 3.58 3.51 12.03
N LYS A 65 4.40 2.54 11.66
CA LYS A 65 5.63 2.82 10.91
C LYS A 65 5.47 2.39 9.45
N TRP A 66 5.10 3.34 8.60
CA TRP A 66 4.92 3.06 7.18
C TRP A 66 6.06 3.66 6.36
N GLU A 67 6.90 2.79 5.80
CA GLU A 67 8.03 3.22 5.00
C GLU A 67 8.00 2.59 3.61
N MET A 68 8.08 3.42 2.58
CA MET A 68 8.06 2.94 1.21
C MET A 68 8.86 1.66 1.06
N ILE A 69 8.29 0.68 0.37
CA ILE A 69 8.96 -0.60 0.16
C ILE A 69 9.18 -0.88 -1.33
N TYR A 70 8.23 -0.43 -2.15
CA TYR A 70 8.31 -0.62 -3.58
C TYR A 70 7.68 0.55 -4.34
N SER A 71 8.20 0.84 -5.52
CA SER A 71 7.70 1.93 -6.34
C SER A 71 7.97 1.67 -7.81
N GLY A 72 7.00 2.05 -8.66
CA GLY A 72 7.15 1.85 -10.09
C GLY A 72 5.85 2.05 -10.84
N ALA A 73 5.77 1.49 -12.04
CA ALA A 73 4.58 1.61 -12.87
C ALA A 73 3.80 0.30 -12.89
N THR A 74 3.21 -0.06 -11.76
CA THR A 74 2.43 -1.29 -11.65
C THR A 74 1.60 -1.31 -10.38
N ARG A 75 0.40 -1.87 -10.46
CA ARG A 75 -0.49 -1.95 -9.32
C ARG A 75 -0.27 -3.25 -8.55
N GLU A 76 0.98 -3.69 -8.47
CA GLU A 76 1.32 -4.91 -7.76
C GLU A 76 2.84 -5.08 -7.66
N HIS A 77 3.29 -5.74 -6.60
CA HIS A 77 4.71 -5.97 -6.39
C HIS A 77 4.93 -7.13 -5.41
N LEU A 78 6.12 -7.73 -5.50
CA LEU A 78 6.46 -8.85 -4.61
C LEU A 78 7.17 -8.36 -3.36
N CYS A 79 6.52 -8.52 -2.21
CA CYS A 79 7.10 -8.10 -0.94
C CYS A 79 7.95 -9.20 -0.34
N ASP A 80 9.23 -9.21 -0.68
CA ASP A 80 10.16 -10.22 -0.18
C ASP A 80 10.69 -9.82 1.20
N ARG A 81 11.56 -10.65 1.75
CA ARG A 81 12.13 -10.39 3.07
C ARG A 81 11.04 -10.35 4.14
N LEU A 82 10.20 -11.38 4.17
CA LEU A 82 9.12 -11.46 5.14
C LEU A 82 9.44 -12.48 6.24
N ASN A 83 8.54 -12.59 7.21
CA ASN A 83 8.73 -13.52 8.31
C ASN A 83 7.60 -14.55 8.37
N PRO A 84 7.95 -15.84 8.35
CA PRO A 84 6.97 -16.93 8.39
C PRO A 84 6.29 -17.04 9.75
N GLY A 85 4.97 -17.23 9.73
CA GLY A 85 4.21 -17.35 10.97
C GLY A 85 4.13 -16.04 11.71
N CYS A 86 3.88 -14.95 10.98
CA CYS A 86 3.78 -13.64 11.59
C CYS A 86 2.84 -12.74 10.80
N PHE A 87 2.40 -11.64 11.41
CA PHE A 87 1.49 -10.71 10.75
C PHE A 87 2.27 -9.60 10.04
N TYR A 88 1.57 -8.83 9.22
CA TYR A 88 2.19 -7.74 8.48
C TYR A 88 1.13 -6.85 7.84
N ARG A 89 1.18 -5.56 8.17
CA ARG A 89 0.22 -4.60 7.63
C ARG A 89 0.82 -3.83 6.46
N LEU A 90 0.08 -3.76 5.36
CA LEU A 90 0.55 -3.05 4.17
C LEU A 90 -0.50 -2.06 3.68
N ARG A 91 -0.05 -1.06 2.92
CA ARG A 91 -0.94 -0.03 2.40
C ARG A 91 -0.51 0.39 1.00
N VAL A 92 -1.49 0.78 0.18
CA VAL A 92 -1.21 1.22 -1.19
C VAL A 92 -1.92 2.53 -1.50
N TYR A 93 -1.28 3.36 -2.31
CA TYR A 93 -1.84 4.66 -2.69
C TYR A 93 -1.31 5.11 -4.05
N CYS A 94 -2.10 5.93 -4.74
CA CYS A 94 -1.71 6.42 -6.05
C CYS A 94 -1.20 7.87 -5.94
N ILE A 95 -0.44 8.30 -6.96
CA ILE A 95 0.11 9.65 -6.98
C ILE A 95 -0.30 10.39 -8.25
N SER A 96 -1.47 11.01 -8.22
CA SER A 96 -1.97 11.74 -9.37
C SER A 96 -1.75 13.24 -9.19
N ASP A 97 -1.78 13.98 -10.30
CA ASP A 97 -1.59 15.42 -10.27
C ASP A 97 -2.16 16.02 -8.99
N GLY A 98 -1.33 16.76 -8.26
CA GLY A 98 -1.79 17.37 -7.03
C GLY A 98 -1.11 16.79 -5.80
N GLY A 99 -0.78 15.50 -5.87
CA GLY A 99 -0.13 14.84 -4.74
C GLY A 99 -0.46 13.37 -4.67
N GLN A 100 -0.77 12.89 -3.47
CA GLN A 100 -1.10 11.48 -3.27
C GLN A 100 -2.49 11.34 -2.64
N SER A 101 -3.06 10.14 -2.76
CA SER A 101 -4.38 9.87 -2.21
C SER A 101 -4.28 9.13 -0.88
N ALA A 102 -5.37 9.14 -0.11
CA ALA A 102 -5.39 8.46 1.17
C ALA A 102 -4.92 7.02 1.05
N VAL A 103 -4.22 6.53 2.07
CA VAL A 103 -3.71 5.17 2.08
C VAL A 103 -4.84 4.16 2.24
N SER A 104 -5.07 3.37 1.19
CA SER A 104 -6.12 2.35 1.22
C SER A 104 -6.02 1.49 2.47
N GLU A 105 -7.13 0.90 2.88
CA GLU A 105 -7.17 0.04 4.05
C GLU A 105 -5.91 -0.84 4.12
N SER A 106 -5.59 -1.30 5.33
CA SER A 106 -4.42 -2.13 5.54
C SER A 106 -4.69 -3.57 5.09
N LEU A 107 -3.65 -4.23 4.60
CA LEU A 107 -3.76 -5.62 4.14
C LEU A 107 -3.17 -6.59 5.15
N LEU A 108 -4.04 -7.34 5.82
CA LEU A 108 -3.60 -8.31 6.82
C LEU A 108 -3.37 -9.67 6.19
N VAL A 109 -2.11 -10.10 6.15
CA VAL A 109 -1.75 -11.39 5.57
C VAL A 109 -0.89 -12.20 6.54
N GLN A 110 -1.33 -13.41 6.84
CA GLN A 110 -0.61 -14.29 7.75
C GLN A 110 0.26 -15.28 6.98
N THR A 111 1.56 -15.23 7.21
CA THR A 111 2.50 -16.12 6.53
C THR A 111 2.58 -17.47 7.24
N PRO A 112 2.72 -18.53 6.44
CA PRO A 112 2.82 -19.91 6.97
C PRO A 112 4.13 -20.16 7.71
N ALA A 113 4.03 -20.50 8.98
CA ALA A 113 5.21 -20.77 9.79
C ALA A 113 5.85 -22.09 9.40
N VAL A 114 7.11 -22.02 8.97
CA VAL A 114 7.85 -23.22 8.56
C VAL A 114 8.12 -24.13 9.75
N SER A 115 8.21 -25.42 9.48
CA SER A 115 8.47 -26.40 10.54
C SER A 115 9.95 -26.44 10.90
N GLY A 116 10.35 -25.55 11.80
CA GLY A 116 11.74 -25.49 12.21
C GLY A 116 12.27 -24.08 12.30
N PRO A 117 13.33 -23.87 13.09
CA PRO A 117 13.94 -22.56 13.28
C PRO A 117 14.67 -22.08 12.02
N SER A 118 14.28 -20.91 11.52
CA SER A 118 14.89 -20.35 10.33
C SER A 118 16.34 -20.00 10.58
N SER A 119 17.22 -20.59 9.78
CA SER A 119 18.66 -20.35 9.91
C SER A 119 19.09 -19.15 9.07
N GLY A 120 18.83 -19.23 7.77
CA GLY A 120 19.20 -18.15 6.87
C GLY A 120 18.98 -18.50 5.42
N GLY A 1 11.96 27.34 11.80
CA GLY A 1 10.76 27.83 12.45
C GLY A 1 9.50 27.30 11.80
N SER A 2 8.48 27.01 12.62
CA SER A 2 7.22 26.49 12.12
C SER A 2 6.15 27.57 12.10
N SER A 3 6.03 28.30 13.21
CA SER A 3 5.04 29.36 13.32
C SER A 3 5.25 30.41 12.23
N GLY A 4 4.58 30.22 11.10
CA GLY A 4 4.70 31.16 10.00
C GLY A 4 4.48 30.50 8.65
N SER A 5 4.86 31.20 7.58
CA SER A 5 4.69 30.67 6.23
C SER A 5 3.30 30.09 6.04
N SER A 6 2.29 30.80 6.55
CA SER A 6 0.91 30.34 6.44
C SER A 6 0.19 31.09 5.33
N GLY A 7 -0.26 30.35 4.32
CA GLY A 7 -0.96 30.97 3.20
C GLY A 7 -0.04 31.31 2.05
N VAL A 8 -0.44 30.94 0.84
CA VAL A 8 0.36 31.21 -0.35
C VAL A 8 -0.52 31.68 -1.50
N VAL A 9 0.01 32.62 -2.28
CA VAL A 9 -0.73 33.16 -3.42
C VAL A 9 -0.31 32.48 -4.72
N GLU A 10 -1.28 31.91 -5.42
CA GLU A 10 -1.02 31.21 -6.67
C GLU A 10 -2.24 31.26 -7.58
N PHE A 11 -1.99 31.31 -8.89
CA PHE A 11 -3.07 31.36 -9.87
C PHE A 11 -2.86 30.31 -10.96
N THR A 12 -3.37 29.11 -10.72
CA THR A 12 -3.24 28.02 -11.68
C THR A 12 -4.28 26.94 -11.44
N THR A 13 -5.19 26.77 -12.40
CA THR A 13 -6.24 25.76 -12.28
C THR A 13 -5.65 24.40 -11.91
N CYS A 14 -6.28 23.73 -10.95
CA CYS A 14 -5.83 22.42 -10.51
C CYS A 14 -6.89 21.36 -10.78
N PRO A 15 -6.44 20.16 -11.18
CA PRO A 15 -7.34 19.04 -11.48
C PRO A 15 -8.01 18.49 -10.23
N ASP A 16 -8.84 17.47 -10.41
CA ASP A 16 -9.56 16.85 -9.30
C ASP A 16 -8.68 15.79 -8.63
N LYS A 17 -9.05 15.41 -7.40
CA LYS A 17 -8.31 14.41 -6.65
C LYS A 17 -8.57 13.01 -7.20
N PRO A 18 -7.54 12.15 -7.12
CA PRO A 18 -7.63 10.78 -7.61
C PRO A 18 -8.55 9.92 -6.75
N GLY A 19 -8.87 8.71 -7.23
CA GLY A 19 -9.73 7.83 -6.49
C GLY A 19 -8.96 6.76 -5.74
N ILE A 20 -9.18 6.69 -4.43
CA ILE A 20 -8.49 5.71 -3.59
C ILE A 20 -8.30 4.39 -4.34
N PRO A 21 -7.06 3.87 -4.32
CA PRO A 21 -6.71 2.61 -4.99
C PRO A 21 -7.35 1.40 -4.31
N VAL A 22 -7.81 0.44 -5.11
CA VAL A 22 -8.44 -0.76 -4.58
C VAL A 22 -7.48 -1.52 -3.67
N LYS A 23 -7.93 -1.84 -2.47
CA LYS A 23 -7.11 -2.56 -1.51
C LYS A 23 -6.31 -3.66 -2.19
N PRO A 24 -5.03 -3.79 -1.79
CA PRO A 24 -4.12 -4.79 -2.37
C PRO A 24 -4.51 -6.21 -1.96
N SER A 25 -4.96 -7.00 -2.93
CA SER A 25 -5.37 -8.38 -2.68
C SER A 25 -4.24 -9.34 -3.02
N VAL A 26 -4.39 -10.60 -2.59
CA VAL A 26 -3.39 -11.62 -2.84
C VAL A 26 -3.68 -12.38 -4.12
N LYS A 27 -2.64 -12.69 -4.88
CA LYS A 27 -2.80 -13.42 -6.13
C LYS A 27 -1.76 -14.54 -6.24
N GLY A 28 -2.24 -15.76 -6.43
CA GLY A 28 -1.34 -16.90 -6.54
C GLY A 28 -1.19 -17.66 -5.24
N LYS A 29 0.05 -17.95 -4.86
CA LYS A 29 0.34 -18.67 -3.62
C LYS A 29 1.18 -17.83 -2.68
N ILE A 30 0.79 -17.79 -1.41
CA ILE A 30 1.52 -17.02 -0.40
C ILE A 30 2.58 -17.88 0.29
N HIS A 31 3.84 -17.58 0.00
CA HIS A 31 4.95 -18.33 0.59
C HIS A 31 5.05 -18.05 2.10
N SER A 32 6.10 -18.57 2.72
CA SER A 32 6.31 -18.38 4.15
C SER A 32 7.34 -17.28 4.41
N HIS A 33 8.21 -17.06 3.43
CA HIS A 33 9.25 -16.03 3.55
C HIS A 33 8.79 -14.73 2.88
N SER A 34 7.76 -14.82 2.05
CA SER A 34 7.24 -13.65 1.35
C SER A 34 5.99 -14.02 0.54
N PHE A 35 5.37 -13.02 -0.06
CA PHE A 35 4.17 -13.23 -0.85
C PHE A 35 3.95 -12.08 -1.83
N LYS A 36 3.28 -12.37 -2.95
CA LYS A 36 3.02 -11.36 -3.97
C LYS A 36 1.66 -10.72 -3.75
N ILE A 37 1.56 -9.42 -4.05
CA ILE A 37 0.30 -8.70 -3.89
C ILE A 37 0.00 -7.87 -5.12
N THR A 38 -1.30 -7.67 -5.39
CA THR A 38 -1.73 -6.88 -6.53
C THR A 38 -3.03 -6.13 -6.24
N TRP A 39 -3.00 -4.82 -6.46
CA TRP A 39 -4.18 -4.00 -6.21
C TRP A 39 -4.85 -3.60 -7.52
N ASP A 40 -6.13 -3.23 -7.45
CA ASP A 40 -6.88 -2.84 -8.63
C ASP A 40 -7.02 -1.32 -8.70
N PRO A 41 -7.08 -0.78 -9.93
CA PRO A 41 -7.21 0.66 -10.15
C PRO A 41 -8.58 1.19 -9.75
N PRO A 42 -8.66 2.50 -9.48
CA PRO A 42 -9.90 3.16 -9.08
C PRO A 42 -10.92 3.24 -10.22
N LYS A 43 -12.17 2.92 -9.92
CA LYS A 43 -13.22 2.96 -10.92
C LYS A 43 -13.15 4.23 -11.75
N ASP A 44 -12.59 5.29 -11.16
CA ASP A 44 -12.46 6.57 -11.84
C ASP A 44 -11.48 7.48 -11.10
N ASN A 45 -10.40 7.85 -11.79
CA ASN A 45 -9.38 8.71 -11.19
C ASN A 45 -9.80 10.18 -11.28
N GLY A 46 -11.07 10.45 -10.99
CA GLY A 46 -11.57 11.81 -11.05
C GLY A 46 -10.93 12.61 -12.16
N GLY A 47 -9.94 13.43 -11.80
CA GLY A 47 -9.27 14.25 -12.79
C GLY A 47 -7.78 13.95 -12.88
N ALA A 48 -7.17 13.64 -11.73
CA ALA A 48 -5.76 13.34 -11.68
C ALA A 48 -5.49 11.90 -12.14
N THR A 49 -5.04 11.76 -13.39
CA THR A 49 -4.75 10.44 -13.95
C THR A 49 -3.54 9.82 -13.27
N ILE A 50 -3.73 8.63 -12.71
CA ILE A 50 -2.64 7.92 -12.04
C ILE A 50 -1.33 8.09 -12.79
N ASN A 51 -0.24 8.19 -12.04
CA ASN A 51 1.09 8.36 -12.63
C ASN A 51 2.06 7.30 -12.10
N LYS A 52 1.95 7.01 -10.81
CA LYS A 52 2.81 6.02 -10.18
C LYS A 52 2.10 5.34 -9.01
N TYR A 53 2.42 4.07 -8.78
CA TYR A 53 1.81 3.31 -7.70
C TYR A 53 2.87 2.80 -6.73
N VAL A 54 2.82 3.29 -5.49
CA VAL A 54 3.77 2.88 -4.47
C VAL A 54 3.09 2.08 -3.36
N VAL A 55 3.78 1.07 -2.84
CA VAL A 55 3.24 0.24 -1.78
C VAL A 55 4.03 0.43 -0.48
N GLU A 56 3.31 0.48 0.64
CA GLU A 56 3.94 0.64 1.94
C GLU A 56 3.51 -0.46 2.91
N MET A 57 4.45 -0.93 3.72
CA MET A 57 4.17 -1.98 4.68
C MET A 57 4.75 -1.63 6.04
N ALA A 58 4.24 -2.29 7.08
CA ALA A 58 4.71 -2.06 8.44
C ALA A 58 4.93 -3.37 9.19
N GLU A 59 5.75 -3.32 10.23
CA GLU A 59 6.04 -4.51 11.03
C GLU A 59 4.80 -4.98 11.79
N GLY A 60 4.16 -6.02 11.28
CA GLY A 60 2.96 -6.55 11.92
C GLY A 60 1.98 -5.45 12.29
N SER A 61 0.90 -5.83 12.98
CA SER A 61 -0.12 -4.88 13.39
C SER A 61 0.25 -4.25 14.73
N ASN A 62 1.18 -3.29 14.69
CA ASN A 62 1.62 -2.61 15.90
C ASN A 62 2.53 -1.44 15.57
N GLY A 63 2.17 -0.26 16.04
CA GLY A 63 2.97 0.93 15.77
C GLY A 63 2.77 1.46 14.37
N ASN A 64 2.64 2.78 14.26
CA ASN A 64 2.44 3.41 12.96
C ASN A 64 3.78 3.66 12.26
N LYS A 65 4.61 2.62 12.21
CA LYS A 65 5.92 2.73 11.57
C LYS A 65 5.86 2.20 10.14
N TRP A 66 5.51 3.08 9.21
CA TRP A 66 5.43 2.71 7.80
C TRP A 66 6.65 3.20 7.03
N GLU A 67 6.98 2.50 5.95
CA GLU A 67 8.13 2.87 5.13
C GLU A 67 7.95 2.37 3.70
N MET A 68 8.47 3.13 2.74
CA MET A 68 8.37 2.76 1.33
C MET A 68 9.20 1.52 1.04
N ILE A 69 8.58 0.54 0.39
CA ILE A 69 9.26 -0.70 0.04
C ILE A 69 9.44 -0.84 -1.46
N TYR A 70 8.41 -0.47 -2.21
CA TYR A 70 8.44 -0.54 -3.66
C TYR A 70 7.61 0.56 -4.29
N SER A 71 8.01 1.00 -5.48
CA SER A 71 7.30 2.06 -6.18
C SER A 71 7.38 1.85 -7.70
N GLY A 72 6.41 2.43 -8.41
CA GLY A 72 6.39 2.29 -9.86
C GLY A 72 4.98 2.11 -10.41
N ALA A 73 4.88 1.96 -11.72
CA ALA A 73 3.58 1.77 -12.36
C ALA A 73 2.98 0.42 -12.01
N THR A 74 3.67 -0.65 -12.39
CA THR A 74 3.21 -2.00 -12.11
C THR A 74 2.46 -2.07 -10.78
N ARG A 75 1.25 -2.60 -10.82
CA ARG A 75 0.44 -2.73 -9.61
C ARG A 75 0.62 -4.08 -8.96
N GLU A 76 1.68 -4.79 -9.36
CA GLU A 76 1.97 -6.11 -8.83
C GLU A 76 3.43 -6.21 -8.38
N HIS A 77 3.63 -6.40 -7.08
CA HIS A 77 4.97 -6.52 -6.53
C HIS A 77 5.03 -7.59 -5.44
N LEU A 78 6.22 -8.12 -5.21
CA LEU A 78 6.41 -9.16 -4.18
C LEU A 78 7.22 -8.63 -3.02
N CYS A 79 6.63 -8.65 -1.83
CA CYS A 79 7.30 -8.17 -0.63
C CYS A 79 8.18 -9.27 -0.02
N ASP A 80 9.42 -9.33 -0.47
CA ASP A 80 10.36 -10.33 0.03
C ASP A 80 10.94 -9.92 1.38
N ARG A 81 11.58 -10.86 2.05
CA ARG A 81 12.18 -10.59 3.36
C ARG A 81 11.10 -10.51 4.44
N LEU A 82 10.26 -11.53 4.50
CA LEU A 82 9.18 -11.58 5.49
C LEU A 82 9.39 -12.74 6.45
N ASN A 83 9.13 -12.49 7.74
CA ASN A 83 9.28 -13.52 8.76
C ASN A 83 8.07 -14.45 8.79
N PRO A 84 8.32 -15.75 8.58
CA PRO A 84 7.26 -16.76 8.57
C PRO A 84 6.68 -17.00 9.97
N GLY A 85 5.39 -16.70 10.11
CA GLY A 85 4.73 -16.88 11.39
C GLY A 85 4.51 -15.57 12.12
N CYS A 86 4.22 -14.52 11.37
CA CYS A 86 3.98 -13.20 11.95
C CYS A 86 3.02 -12.38 11.09
N PHE A 87 2.51 -11.30 11.66
CA PHE A 87 1.57 -10.44 10.95
C PHE A 87 2.32 -9.33 10.20
N TYR A 88 1.58 -8.58 9.39
CA TYR A 88 2.16 -7.49 8.62
C TYR A 88 1.08 -6.62 8.00
N ARG A 89 1.16 -5.31 8.25
CA ARG A 89 0.19 -4.38 7.71
C ARG A 89 0.71 -3.70 6.44
N LEU A 90 -0.08 -3.73 5.38
CA LEU A 90 0.30 -3.13 4.11
C LEU A 90 -0.75 -2.13 3.65
N ARG A 91 -0.32 -1.19 2.81
CA ARG A 91 -1.23 -0.16 2.28
C ARG A 91 -0.70 0.41 0.97
N VAL A 92 -1.56 0.46 -0.04
CA VAL A 92 -1.18 0.98 -1.35
C VAL A 92 -1.92 2.28 -1.64
N TYR A 93 -1.16 3.32 -1.99
CA TYR A 93 -1.74 4.62 -2.30
C TYR A 93 -1.34 5.07 -3.70
N CYS A 94 -2.19 5.88 -4.32
CA CYS A 94 -1.94 6.39 -5.66
C CYS A 94 -1.41 7.82 -5.61
N ILE A 95 -0.52 8.15 -6.54
CA ILE A 95 0.05 9.48 -6.60
C ILE A 95 -0.31 10.17 -7.91
N SER A 96 -0.94 11.34 -7.80
CA SER A 96 -1.34 12.11 -8.97
C SER A 96 -1.09 13.60 -8.77
N ASP A 97 -1.23 14.36 -9.84
CA ASP A 97 -1.01 15.81 -9.77
C ASP A 97 -1.61 16.40 -8.50
N GLY A 98 -0.81 16.48 -7.46
CA GLY A 98 -1.28 17.01 -6.19
C GLY A 98 -1.04 16.07 -5.03
N GLY A 99 0.04 15.29 -5.12
CA GLY A 99 0.36 14.35 -4.06
C GLY A 99 -0.47 13.09 -4.13
N GLN A 100 -0.67 12.44 -2.99
CA GLN A 100 -1.46 11.21 -2.93
C GLN A 100 -2.72 11.41 -2.10
N SER A 101 -3.67 10.50 -2.26
CA SER A 101 -4.93 10.59 -1.54
C SER A 101 -5.03 9.50 -0.47
N ALA A 102 -6.06 9.56 0.36
CA ALA A 102 -6.26 8.58 1.41
C ALA A 102 -5.77 7.20 0.98
N VAL A 103 -4.96 6.57 1.82
CA VAL A 103 -4.42 5.25 1.52
C VAL A 103 -5.52 4.20 1.56
N SER A 104 -5.25 3.05 0.95
CA SER A 104 -6.22 1.95 0.92
C SER A 104 -6.19 1.16 2.22
N GLU A 105 -7.28 0.46 2.49
CA GLU A 105 -7.37 -0.34 3.71
C GLU A 105 -6.09 -1.14 3.94
N SER A 106 -5.91 -1.62 5.17
CA SER A 106 -4.73 -2.39 5.52
C SER A 106 -4.88 -3.85 5.11
N LEU A 107 -3.88 -4.38 4.44
CA LEU A 107 -3.90 -5.76 3.98
C LEU A 107 -3.18 -6.67 4.98
N LEU A 108 -3.94 -7.28 5.87
CA LEU A 108 -3.36 -8.19 6.87
C LEU A 108 -3.14 -9.58 6.29
N VAL A 109 -1.88 -9.90 6.01
CA VAL A 109 -1.52 -11.20 5.47
C VAL A 109 -0.56 -11.95 6.38
N GLN A 110 -1.05 -13.04 6.96
CA GLN A 110 -0.23 -13.84 7.87
C GLN A 110 0.51 -14.94 7.10
N THR A 111 1.83 -14.94 7.21
CA THR A 111 2.65 -15.93 6.52
C THR A 111 2.63 -17.26 7.27
N PRO A 112 2.57 -18.37 6.52
CA PRO A 112 2.55 -19.72 7.09
C PRO A 112 3.89 -20.11 7.71
N ALA A 113 3.92 -20.20 9.03
CA ALA A 113 5.14 -20.56 9.74
C ALA A 113 5.78 -21.79 9.12
N VAL A 114 7.03 -21.64 8.70
CA VAL A 114 7.77 -22.74 8.08
C VAL A 114 7.75 -23.98 8.97
N SER A 115 7.79 -25.15 8.35
CA SER A 115 7.77 -26.41 9.08
C SER A 115 9.19 -26.92 9.34
N GLY A 116 9.44 -27.31 10.58
CA GLY A 116 10.76 -27.81 10.95
C GLY A 116 10.75 -28.63 12.22
N PRO A 117 11.93 -29.04 12.68
CA PRO A 117 12.09 -29.84 13.89
C PRO A 117 11.77 -29.04 15.15
N SER A 118 11.31 -29.73 16.20
CA SER A 118 10.97 -29.08 17.45
C SER A 118 12.11 -29.24 18.47
N SER A 119 12.44 -30.48 18.79
CA SER A 119 13.50 -30.77 19.74
C SER A 119 14.84 -30.22 19.25
N GLY A 120 15.35 -29.20 19.94
CA GLY A 120 16.61 -28.61 19.55
C GLY A 120 16.67 -27.13 19.87
N GLY A 1 6.94 27.53 7.97
CA GLY A 1 5.57 27.09 8.08
C GLY A 1 4.86 27.71 9.26
N SER A 2 3.86 28.56 8.99
CA SER A 2 3.10 29.21 10.04
C SER A 2 1.77 29.74 9.50
N SER A 3 0.68 29.11 9.93
CA SER A 3 -0.65 29.50 9.50
C SER A 3 -1.59 29.66 10.69
N GLY A 4 -2.31 30.78 10.72
CA GLY A 4 -3.24 31.04 11.81
C GLY A 4 -4.00 32.33 11.63
N SER A 5 -5.31 32.21 11.42
CA SER A 5 -6.17 33.38 11.22
C SER A 5 -7.59 33.10 11.67
N SER A 6 -8.34 34.16 11.95
CA SER A 6 -9.72 34.02 12.40
C SER A 6 -10.69 34.55 11.34
N GLY A 7 -11.19 33.65 10.50
CA GLY A 7 -12.12 34.05 9.46
C GLY A 7 -11.42 34.37 8.15
N VAL A 8 -11.21 33.34 7.33
CA VAL A 8 -10.55 33.52 6.04
C VAL A 8 -10.66 32.27 5.19
N VAL A 9 -11.04 32.44 3.94
CA VAL A 9 -11.18 31.32 3.01
C VAL A 9 -9.90 31.09 2.22
N GLU A 10 -9.57 29.83 2.00
CA GLU A 10 -8.37 29.47 1.25
C GLU A 10 -8.71 28.90 -0.12
N PHE A 11 -8.37 29.63 -1.17
CA PHE A 11 -8.64 29.20 -2.53
C PHE A 11 -8.04 27.83 -2.80
N THR A 12 -8.84 26.92 -3.35
CA THR A 12 -8.39 25.57 -3.66
C THR A 12 -8.00 25.45 -5.12
N THR A 13 -8.91 25.85 -6.01
CA THR A 13 -8.67 25.78 -7.44
C THR A 13 -7.85 24.55 -7.81
N CYS A 14 -8.17 23.42 -7.15
CA CYS A 14 -7.46 22.18 -7.40
C CYS A 14 -8.40 21.14 -8.04
N PRO A 15 -7.81 20.19 -8.78
CA PRO A 15 -8.58 19.14 -9.46
C PRO A 15 -9.18 18.14 -8.48
N ASP A 16 -9.90 17.16 -9.01
CA ASP A 16 -10.53 16.14 -8.18
C ASP A 16 -9.53 15.04 -7.82
N LYS A 17 -9.73 14.42 -6.67
CA LYS A 17 -8.85 13.35 -6.21
C LYS A 17 -8.89 12.16 -7.17
N PRO A 18 -7.74 11.49 -7.34
CA PRO A 18 -7.63 10.33 -8.22
C PRO A 18 -8.36 9.11 -7.68
N GLY A 19 -9.01 9.28 -6.53
CA GLY A 19 -9.73 8.18 -5.92
C GLY A 19 -8.83 7.23 -5.16
N ILE A 20 -9.42 6.45 -4.26
CA ILE A 20 -8.66 5.49 -3.47
C ILE A 20 -8.54 4.15 -4.20
N PRO A 21 -7.31 3.64 -4.29
CA PRO A 21 -7.03 2.36 -4.95
C PRO A 21 -7.58 1.17 -4.17
N VAL A 22 -8.20 0.23 -4.88
CA VAL A 22 -8.77 -0.95 -4.25
C VAL A 22 -7.74 -1.65 -3.37
N LYS A 23 -8.15 -2.00 -2.15
CA LYS A 23 -7.26 -2.68 -1.22
C LYS A 23 -6.49 -3.80 -1.90
N PRO A 24 -5.19 -3.91 -1.59
CA PRO A 24 -4.32 -4.94 -2.17
C PRO A 24 -4.67 -6.34 -1.67
N SER A 25 -4.74 -7.28 -2.59
CA SER A 25 -5.06 -8.67 -2.24
C SER A 25 -3.91 -9.60 -2.59
N VAL A 26 -3.99 -10.85 -2.14
CA VAL A 26 -2.96 -11.83 -2.40
C VAL A 26 -3.12 -12.45 -3.79
N LYS A 27 -2.01 -12.75 -4.43
CA LYS A 27 -2.02 -13.35 -5.76
C LYS A 27 -1.43 -14.75 -5.74
N GLY A 28 -2.26 -15.75 -6.03
CA GLY A 28 -1.80 -17.12 -6.04
C GLY A 28 -1.60 -17.68 -4.65
N LYS A 29 -0.39 -18.17 -4.37
CA LYS A 29 -0.08 -18.74 -3.06
C LYS A 29 0.92 -17.86 -2.32
N ILE A 30 0.86 -17.90 -0.99
CA ILE A 30 1.77 -17.12 -0.16
C ILE A 30 2.87 -17.98 0.42
N HIS A 31 4.08 -17.89 -0.14
CA HIS A 31 5.21 -18.66 0.32
C HIS A 31 5.57 -18.28 1.76
N SER A 32 6.63 -18.89 2.27
CA SER A 32 7.07 -18.64 3.65
C SER A 32 7.22 -17.13 3.88
N HIS A 33 8.18 -16.52 3.20
CA HIS A 33 8.44 -15.10 3.33
C HIS A 33 8.62 -14.45 1.97
N SER A 34 7.63 -14.60 1.09
CA SER A 34 7.69 -14.04 -0.25
C SER A 34 6.36 -14.21 -0.97
N PHE A 35 5.61 -13.12 -1.09
CA PHE A 35 4.32 -13.15 -1.77
C PHE A 35 4.09 -11.88 -2.58
N LYS A 36 3.44 -12.03 -3.73
CA LYS A 36 3.16 -10.89 -4.60
C LYS A 36 1.76 -10.36 -4.36
N ILE A 37 1.64 -9.05 -4.16
CA ILE A 37 0.36 -8.41 -3.93
C ILE A 37 -0.02 -7.49 -5.08
N THR A 38 -1.25 -7.62 -5.57
CA THR A 38 -1.72 -6.80 -6.67
C THR A 38 -3.03 -6.10 -6.31
N TRP A 39 -3.07 -4.79 -6.49
CA TRP A 39 -4.26 -4.01 -6.17
C TRP A 39 -5.00 -3.61 -7.45
N ASP A 40 -6.32 -3.53 -7.38
CA ASP A 40 -7.13 -3.15 -8.52
C ASP A 40 -7.20 -1.63 -8.66
N PRO A 41 -7.21 -1.15 -9.92
CA PRO A 41 -7.28 0.27 -10.20
C PRO A 41 -8.63 0.88 -9.86
N PRO A 42 -8.69 2.21 -9.79
CA PRO A 42 -9.93 2.94 -9.47
C PRO A 42 -10.94 2.87 -10.61
N LYS A 43 -12.21 2.73 -10.24
CA LYS A 43 -13.29 2.65 -11.22
C LYS A 43 -13.02 3.57 -12.40
N ASP A 44 -12.85 4.85 -12.11
CA ASP A 44 -12.59 5.85 -13.15
C ASP A 44 -11.82 7.04 -12.58
N ASN A 45 -10.66 7.32 -13.17
CA ASN A 45 -9.84 8.43 -12.72
C ASN A 45 -10.60 9.76 -12.79
N GLY A 46 -11.18 10.16 -11.66
CA GLY A 46 -11.94 11.40 -11.62
C GLY A 46 -11.37 12.45 -12.54
N GLY A 47 -10.45 13.26 -12.02
CA GLY A 47 -9.84 14.30 -12.82
C GLY A 47 -8.36 14.09 -13.03
N ALA A 48 -7.66 13.65 -11.98
CA ALA A 48 -6.24 13.40 -12.07
C ALA A 48 -5.95 12.00 -12.60
N THR A 49 -4.75 11.82 -13.15
CA THR A 49 -4.35 10.53 -13.71
C THR A 49 -3.14 9.97 -12.98
N ILE A 50 -3.31 8.83 -12.35
CA ILE A 50 -2.22 8.18 -11.62
C ILE A 50 -0.99 8.01 -12.50
N ASN A 51 0.18 8.06 -11.88
CA ASN A 51 1.44 7.91 -12.62
C ASN A 51 2.28 6.79 -12.02
N LYS A 52 2.38 6.78 -10.69
CA LYS A 52 3.16 5.77 -9.99
C LYS A 52 2.36 5.18 -8.84
N TYR A 53 2.54 3.87 -8.61
CA TYR A 53 1.84 3.18 -7.53
C TYR A 53 2.81 2.71 -6.46
N VAL A 54 2.91 3.46 -5.37
CA VAL A 54 3.80 3.11 -4.27
C VAL A 54 3.09 2.28 -3.22
N VAL A 55 3.83 1.40 -2.54
CA VAL A 55 3.26 0.55 -1.51
C VAL A 55 4.00 0.73 -0.19
N GLU A 56 3.25 0.71 0.91
CA GLU A 56 3.83 0.87 2.24
C GLU A 56 3.41 -0.27 3.16
N MET A 57 4.34 -0.73 3.99
CA MET A 57 4.08 -1.83 4.92
C MET A 57 4.46 -1.43 6.35
N ALA A 58 3.92 -2.16 7.32
CA ALA A 58 4.21 -1.89 8.72
C ALA A 58 4.51 -3.18 9.47
N GLU A 59 5.13 -3.05 10.64
CA GLU A 59 5.46 -4.20 11.46
C GLU A 59 4.20 -4.88 12.00
N GLY A 60 3.86 -6.02 11.42
CA GLY A 60 2.68 -6.75 11.84
C GLY A 60 1.50 -5.83 12.12
N SER A 61 0.95 -5.94 13.32
CA SER A 61 -0.20 -5.12 13.70
C SER A 61 0.16 -4.19 14.85
N ASN A 62 -0.53 -3.06 14.93
CA ASN A 62 -0.28 -2.08 15.99
C ASN A 62 1.20 -1.72 16.06
N GLY A 63 1.80 -1.48 14.91
CA GLY A 63 3.21 -1.13 14.86
C GLY A 63 3.43 0.35 14.61
N ASN A 64 2.57 0.95 13.80
CA ASN A 64 2.69 2.37 13.48
C ASN A 64 4.05 2.70 12.89
N LYS A 65 4.53 1.82 12.00
CA LYS A 65 5.82 2.01 11.36
C LYS A 65 5.73 1.74 9.86
N TRP A 66 5.31 2.75 9.10
CA TRP A 66 5.17 2.62 7.66
C TRP A 66 6.37 3.23 6.95
N GLU A 67 6.86 2.54 5.92
CA GLU A 67 8.01 3.00 5.16
C GLU A 67 8.01 2.41 3.75
N MET A 68 8.11 3.28 2.75
CA MET A 68 8.13 2.85 1.36
C MET A 68 8.87 1.52 1.21
N ILE A 69 8.22 0.56 0.56
CA ILE A 69 8.83 -0.75 0.36
C ILE A 69 9.05 -1.02 -1.13
N TYR A 70 8.09 -0.60 -1.96
CA TYR A 70 8.19 -0.80 -3.40
C TYR A 70 7.52 0.35 -4.15
N SER A 71 8.08 0.70 -5.29
CA SER A 71 7.54 1.79 -6.11
C SER A 71 7.96 1.63 -7.57
N GLY A 72 7.06 1.99 -8.48
CA GLY A 72 7.36 1.88 -9.90
C GLY A 72 6.13 2.07 -10.76
N ALA A 73 6.06 1.34 -11.87
CA ALA A 73 4.94 1.44 -12.78
C ALA A 73 4.18 0.11 -12.87
N THR A 74 3.57 -0.27 -11.76
CA THR A 74 2.81 -1.52 -11.70
C THR A 74 1.93 -1.58 -10.47
N ARG A 75 0.70 -2.03 -10.64
CA ARG A 75 -0.25 -2.13 -9.53
C ARG A 75 -0.04 -3.43 -8.76
N GLU A 76 1.22 -3.82 -8.60
CA GLU A 76 1.56 -5.04 -7.87
C GLU A 76 3.06 -5.13 -7.62
N HIS A 77 3.42 -5.70 -6.47
CA HIS A 77 4.83 -5.84 -6.11
C HIS A 77 5.05 -7.13 -5.32
N LEU A 78 6.29 -7.61 -5.31
CA LEU A 78 6.63 -8.83 -4.59
C LEU A 78 7.24 -8.50 -3.23
N CYS A 79 6.48 -8.75 -2.18
CA CYS A 79 6.94 -8.48 -0.82
C CYS A 79 7.90 -9.56 -0.35
N ASP A 80 9.18 -9.37 -0.62
CA ASP A 80 10.21 -10.34 -0.22
C ASP A 80 10.90 -9.90 1.06
N ARG A 81 11.71 -10.79 1.62
CA ARG A 81 12.43 -10.50 2.86
C ARG A 81 11.47 -10.31 4.02
N LEU A 82 10.50 -11.21 4.13
CA LEU A 82 9.51 -11.15 5.19
C LEU A 82 9.78 -12.22 6.25
N ASN A 83 8.92 -12.26 7.27
CA ASN A 83 9.06 -13.24 8.34
C ASN A 83 7.86 -14.18 8.38
N PRO A 84 8.15 -15.49 8.36
CA PRO A 84 7.10 -16.52 8.39
C PRO A 84 6.40 -16.60 9.73
N GLY A 85 5.14 -17.05 9.72
CA GLY A 85 4.39 -17.16 10.95
C GLY A 85 4.25 -15.83 11.67
N CYS A 86 3.93 -14.78 10.92
CA CYS A 86 3.78 -13.45 11.50
C CYS A 86 2.83 -12.61 10.67
N PHE A 87 2.36 -11.51 11.25
CA PHE A 87 1.44 -10.61 10.56
C PHE A 87 2.19 -9.47 9.89
N TYR A 88 1.46 -8.68 9.10
CA TYR A 88 2.07 -7.56 8.39
C TYR A 88 0.98 -6.67 7.76
N ARG A 89 1.00 -5.40 8.10
CA ARG A 89 0.03 -4.44 7.57
C ARG A 89 0.57 -3.74 6.34
N LEU A 90 -0.19 -3.79 5.25
CA LEU A 90 0.22 -3.17 4.00
C LEU A 90 -0.83 -2.15 3.52
N ARG A 91 -0.38 -1.14 2.80
CA ARG A 91 -1.27 -0.10 2.29
C ARG A 91 -0.79 0.42 0.94
N VAL A 92 -1.70 0.47 -0.03
CA VAL A 92 -1.37 0.95 -1.36
C VAL A 92 -2.04 2.29 -1.64
N TYR A 93 -1.32 3.18 -2.32
CA TYR A 93 -1.85 4.50 -2.66
C TYR A 93 -1.33 4.95 -4.02
N CYS A 94 -2.10 5.83 -4.66
CA CYS A 94 -1.73 6.35 -5.98
C CYS A 94 -1.13 7.75 -5.85
N ILE A 95 -0.31 8.13 -6.82
CA ILE A 95 0.32 9.44 -6.82
C ILE A 95 -0.08 10.24 -8.06
N SER A 96 -0.90 11.27 -7.85
CA SER A 96 -1.36 12.12 -8.93
C SER A 96 -0.94 13.57 -8.71
N ASP A 97 -0.39 14.19 -9.76
CA ASP A 97 0.04 15.58 -9.68
C ASP A 97 1.06 15.76 -8.55
N GLY A 98 1.95 14.78 -8.39
CA GLY A 98 2.96 14.85 -7.36
C GLY A 98 2.43 14.42 -6.00
N GLY A 99 1.17 14.77 -5.73
CA GLY A 99 0.57 14.40 -4.46
C GLY A 99 -0.25 13.14 -4.54
N GLN A 100 -0.27 12.36 -3.46
CA GLN A 100 -1.02 11.12 -3.42
C GLN A 100 -2.33 11.29 -2.65
N SER A 101 -3.29 10.42 -2.92
CA SER A 101 -4.60 10.48 -2.26
C SER A 101 -4.63 9.54 -1.06
N ALA A 102 -5.71 9.63 -0.27
CA ALA A 102 -5.86 8.79 0.91
C ALA A 102 -5.46 7.36 0.61
N VAL A 103 -4.58 6.81 1.46
CA VAL A 103 -4.11 5.45 1.29
C VAL A 103 -5.24 4.44 1.44
N SER A 104 -4.97 3.19 1.10
CA SER A 104 -5.98 2.14 1.19
C SER A 104 -5.89 1.42 2.53
N GLU A 105 -6.99 0.80 2.95
CA GLU A 105 -7.04 0.08 4.21
C GLU A 105 -5.82 -0.83 4.36
N SER A 106 -5.54 -1.23 5.60
CA SER A 106 -4.40 -2.09 5.87
C SER A 106 -4.71 -3.54 5.51
N LEU A 107 -3.72 -4.23 4.94
CA LEU A 107 -3.90 -5.63 4.55
C LEU A 107 -3.22 -6.56 5.54
N LEU A 108 -4.01 -7.46 6.12
CA LEU A 108 -3.50 -8.42 7.10
C LEU A 108 -3.20 -9.76 6.43
N VAL A 109 -1.91 -10.08 6.31
CA VAL A 109 -1.49 -11.33 5.70
C VAL A 109 -0.67 -12.16 6.67
N GLN A 110 -1.20 -13.31 7.06
CA GLN A 110 -0.52 -14.21 7.99
C GLN A 110 0.36 -15.20 7.23
N THR A 111 1.67 -15.05 7.36
CA THR A 111 2.62 -15.93 6.70
C THR A 111 2.72 -17.27 7.43
N PRO A 112 2.89 -18.35 6.65
CA PRO A 112 3.01 -19.70 7.19
C PRO A 112 4.32 -19.92 7.94
N ALA A 113 4.22 -20.36 9.19
CA ALA A 113 5.41 -20.60 10.01
C ALA A 113 6.07 -21.91 9.64
N VAL A 114 7.33 -21.84 9.20
CA VAL A 114 8.07 -23.03 8.81
C VAL A 114 8.13 -24.04 9.95
N SER A 115 8.60 -25.24 9.64
CA SER A 115 8.70 -26.31 10.64
C SER A 115 10.12 -26.86 10.70
N GLY A 116 10.87 -26.41 11.71
CA GLY A 116 12.24 -26.86 11.86
C GLY A 116 12.35 -28.39 11.89
N PRO A 117 13.50 -28.91 11.45
CA PRO A 117 13.75 -30.35 11.42
C PRO A 117 13.90 -30.95 12.81
N SER A 118 14.01 -32.27 12.88
CA SER A 118 14.15 -32.96 14.15
C SER A 118 15.45 -33.77 14.18
N SER A 119 15.62 -34.64 13.19
CA SER A 119 16.81 -35.48 13.11
C SER A 119 17.73 -35.00 11.99
N GLY A 120 18.82 -34.34 12.36
CA GLY A 120 19.76 -33.86 11.38
C GLY A 120 20.25 -34.94 10.44
N GLY A 1 7.60 16.89 13.71
CA GLY A 1 6.57 17.44 12.84
C GLY A 1 5.25 17.65 13.55
N SER A 2 4.30 18.29 12.87
CA SER A 2 2.99 18.57 13.45
C SER A 2 1.94 18.67 12.36
N SER A 3 0.68 18.85 12.77
CA SER A 3 -0.42 18.97 11.84
C SER A 3 -1.30 20.18 12.18
N GLY A 4 -2.27 20.47 11.31
CA GLY A 4 -3.15 21.59 11.53
C GLY A 4 -4.36 21.57 10.61
N SER A 5 -5.02 22.71 10.48
CA SER A 5 -6.19 22.83 9.63
C SER A 5 -5.85 23.55 8.32
N SER A 6 -6.83 23.63 7.43
CA SER A 6 -6.63 24.28 6.14
C SER A 6 -7.52 25.52 6.02
N GLY A 7 -8.83 25.32 6.14
CA GLY A 7 -9.77 26.41 6.04
C GLY A 7 -10.52 26.42 4.73
N VAL A 8 -11.09 27.57 4.37
CA VAL A 8 -11.84 27.70 3.13
C VAL A 8 -11.33 28.88 2.30
N VAL A 9 -11.32 28.69 0.98
CA VAL A 9 -10.86 29.73 0.08
C VAL A 9 -11.30 29.45 -1.35
N GLU A 10 -11.47 30.51 -2.14
CA GLU A 10 -11.90 30.37 -3.54
C GLU A 10 -10.75 30.70 -4.48
N PHE A 11 -9.55 30.21 -4.16
CA PHE A 11 -8.38 30.46 -4.97
C PHE A 11 -7.49 29.22 -5.05
N THR A 12 -6.55 29.22 -5.99
CA THR A 12 -5.64 28.10 -6.16
C THR A 12 -6.34 26.78 -5.85
N THR A 13 -7.55 26.60 -6.39
CA THR A 13 -8.32 25.39 -6.16
C THR A 13 -7.65 24.19 -6.83
N CYS A 14 -7.79 23.02 -6.21
CA CYS A 14 -7.20 21.80 -6.74
C CYS A 14 -8.26 20.93 -7.41
N PRO A 15 -7.81 20.00 -8.26
CA PRO A 15 -8.71 19.08 -8.97
C PRO A 15 -9.36 18.06 -8.05
N ASP A 16 -10.10 17.13 -8.63
CA ASP A 16 -10.77 16.09 -7.86
C ASP A 16 -9.80 14.99 -7.47
N LYS A 17 -10.17 14.22 -6.45
CA LYS A 17 -9.33 13.13 -5.96
C LYS A 17 -9.22 12.02 -7.00
N PRO A 18 -8.05 11.35 -7.03
CA PRO A 18 -7.80 10.25 -7.98
C PRO A 18 -8.63 9.02 -7.67
N GLY A 19 -9.17 8.96 -6.46
CA GLY A 19 -9.98 7.82 -6.06
C GLY A 19 -9.17 6.71 -5.42
N ILE A 20 -9.28 6.59 -4.10
CA ILE A 20 -8.53 5.57 -3.36
C ILE A 20 -8.52 4.25 -4.13
N PRO A 21 -7.31 3.69 -4.31
CA PRO A 21 -7.13 2.42 -5.02
C PRO A 21 -7.67 1.23 -4.24
N VAL A 22 -8.12 0.21 -4.96
CA VAL A 22 -8.68 -0.99 -4.34
C VAL A 22 -7.67 -1.62 -3.39
N LYS A 23 -8.17 -2.12 -2.26
CA LYS A 23 -7.31 -2.76 -1.26
C LYS A 23 -6.44 -3.85 -1.90
N PRO A 24 -5.15 -3.85 -1.55
CA PRO A 24 -4.19 -4.83 -2.07
C PRO A 24 -4.44 -6.23 -1.53
N SER A 25 -4.21 -7.23 -2.36
CA SER A 25 -4.42 -8.63 -1.97
C SER A 25 -3.30 -9.52 -2.51
N VAL A 26 -3.04 -10.61 -1.81
CA VAL A 26 -1.99 -11.55 -2.22
C VAL A 26 -2.49 -12.46 -3.35
N LYS A 27 -1.58 -12.81 -4.24
CA LYS A 27 -1.90 -13.66 -5.38
C LYS A 27 -1.24 -15.03 -5.23
N GLY A 28 -1.93 -16.07 -5.71
CA GLY A 28 -1.38 -17.41 -5.63
C GLY A 28 -1.17 -17.87 -4.20
N LYS A 29 -0.46 -18.98 -4.03
CA LYS A 29 -0.19 -19.52 -2.70
C LYS A 29 0.85 -18.67 -1.98
N ILE A 30 0.60 -18.39 -0.71
CA ILE A 30 1.52 -17.59 0.09
C ILE A 30 2.63 -18.46 0.69
N HIS A 31 3.85 -18.25 0.20
CA HIS A 31 5.00 -19.01 0.68
C HIS A 31 5.34 -18.63 2.12
N SER A 32 6.44 -19.19 2.63
CA SER A 32 6.87 -18.90 4.00
C SER A 32 7.07 -17.41 4.20
N HIS A 33 8.04 -16.84 3.49
CA HIS A 33 8.33 -15.42 3.60
C HIS A 33 8.52 -14.79 2.21
N SER A 34 7.49 -14.89 1.38
CA SER A 34 7.53 -14.33 0.03
C SER A 34 6.18 -14.47 -0.66
N PHE A 35 5.53 -13.33 -0.90
CA PHE A 35 4.23 -13.32 -1.56
C PHE A 35 4.00 -11.99 -2.27
N LYS A 36 3.40 -12.08 -3.46
CA LYS A 36 3.11 -10.89 -4.25
C LYS A 36 1.70 -10.37 -3.99
N ILE A 37 1.53 -9.06 -4.03
CA ILE A 37 0.23 -8.45 -3.79
C ILE A 37 -0.20 -7.60 -4.99
N THR A 38 -1.42 -7.84 -5.45
CA THR A 38 -1.96 -7.10 -6.59
C THR A 38 -3.22 -6.34 -6.20
N TRP A 39 -3.27 -5.07 -6.56
CA TRP A 39 -4.43 -4.23 -6.26
C TRP A 39 -5.11 -3.75 -7.53
N ASP A 40 -6.43 -3.60 -7.47
CA ASP A 40 -7.20 -3.16 -8.62
C ASP A 40 -7.19 -1.64 -8.74
N PRO A 41 -7.13 -1.14 -9.98
CA PRO A 41 -7.10 0.30 -10.25
C PRO A 41 -8.44 0.97 -9.95
N PRO A 42 -8.44 2.31 -9.97
CA PRO A 42 -9.65 3.10 -9.70
C PRO A 42 -10.69 2.98 -10.81
N LYS A 43 -11.88 2.53 -10.47
CA LYS A 43 -12.96 2.36 -11.44
C LYS A 43 -12.88 3.44 -12.52
N ASP A 44 -12.60 4.67 -12.09
CA ASP A 44 -12.50 5.79 -13.03
C ASP A 44 -11.84 6.99 -12.35
N ASN A 45 -10.64 7.33 -12.81
CA ASN A 45 -9.90 8.46 -12.26
C ASN A 45 -10.78 9.69 -12.17
N GLY A 46 -10.49 10.56 -11.20
CA GLY A 46 -11.27 11.77 -11.03
C GLY A 46 -10.50 13.01 -11.46
N GLY A 47 -10.43 13.24 -12.76
CA GLY A 47 -9.72 14.40 -13.28
C GLY A 47 -8.22 14.22 -13.28
N ALA A 48 -7.68 13.77 -12.16
CA ALA A 48 -6.24 13.54 -12.03
C ALA A 48 -5.85 12.20 -12.64
N THR A 49 -4.62 12.12 -13.14
CA THR A 49 -4.12 10.88 -13.74
C THR A 49 -3.05 10.24 -12.87
N ILE A 50 -3.09 8.91 -12.78
CA ILE A 50 -2.12 8.18 -11.97
C ILE A 50 -0.71 8.34 -12.53
N ASN A 51 0.22 8.76 -11.66
CA ASN A 51 1.61 8.95 -12.07
C ASN A 51 2.47 7.79 -11.60
N LYS A 52 2.28 7.37 -10.36
CA LYS A 52 3.04 6.26 -9.79
C LYS A 52 2.27 5.59 -8.67
N TYR A 53 2.59 4.33 -8.41
CA TYR A 53 1.91 3.56 -7.36
C TYR A 53 2.90 3.14 -6.28
N VAL A 54 2.88 3.87 -5.15
CA VAL A 54 3.76 3.58 -4.03
C VAL A 54 3.06 2.75 -2.98
N VAL A 55 3.75 1.74 -2.47
CA VAL A 55 3.18 0.87 -1.44
C VAL A 55 3.83 1.13 -0.08
N GLU A 56 3.04 1.00 0.98
CA GLU A 56 3.53 1.22 2.33
C GLU A 56 3.27 0.01 3.21
N MET A 57 4.34 -0.65 3.65
CA MET A 57 4.23 -1.82 4.50
C MET A 57 4.77 -1.54 5.89
N ALA A 58 4.10 -2.10 6.91
CA ALA A 58 4.51 -1.90 8.29
C ALA A 58 4.84 -3.23 8.96
N GLU A 59 5.54 -3.17 10.08
CA GLU A 59 5.91 -4.37 10.82
C GLU A 59 4.70 -4.98 11.52
N GLY A 60 4.23 -6.10 11.00
CA GLY A 60 3.09 -6.76 11.59
C GLY A 60 1.94 -5.82 11.86
N SER A 61 1.26 -6.00 12.99
CA SER A 61 0.13 -5.16 13.35
C SER A 61 0.55 -4.10 14.37
N ASN A 62 1.22 -4.54 15.43
CA ASN A 62 1.68 -3.64 16.47
C ASN A 62 2.10 -2.30 15.88
N GLY A 63 1.80 -1.22 16.61
CA GLY A 63 2.15 0.11 16.14
C GLY A 63 3.53 0.15 15.50
N ASN A 64 3.58 0.58 14.25
CA ASN A 64 4.84 0.66 13.52
C ASN A 64 4.84 1.84 12.55
N LYS A 65 6.00 2.16 12.01
CA LYS A 65 6.13 3.27 11.06
C LYS A 65 6.13 2.75 9.62
N TRP A 66 5.35 3.41 8.77
CA TRP A 66 5.25 3.02 7.37
C TRP A 66 6.51 3.44 6.61
N GLU A 67 6.93 2.60 5.67
CA GLU A 67 8.12 2.88 4.87
C GLU A 67 7.93 2.41 3.44
N MET A 68 8.65 3.04 2.51
CA MET A 68 8.56 2.68 1.10
C MET A 68 9.25 1.34 0.83
N ILE A 69 8.51 0.41 0.25
CA ILE A 69 9.05 -0.90 -0.06
C ILE A 69 9.10 -1.14 -1.58
N TYR A 70 8.13 -0.57 -2.29
CA TYR A 70 8.06 -0.73 -3.74
C TYR A 70 7.50 0.54 -4.39
N SER A 71 7.89 0.78 -5.62
CA SER A 71 7.42 1.96 -6.36
C SER A 71 7.52 1.72 -7.87
N GLY A 72 6.55 2.27 -8.61
CA GLY A 72 6.55 2.12 -10.05
C GLY A 72 5.16 2.21 -10.63
N ALA A 73 4.94 1.55 -11.77
CA ALA A 73 3.64 1.56 -12.43
C ALA A 73 2.84 0.30 -12.09
N THR A 74 3.35 -0.85 -12.52
CA THR A 74 2.69 -2.12 -12.26
C THR A 74 1.98 -2.11 -10.91
N ARG A 75 0.78 -2.66 -10.88
CA ARG A 75 -0.01 -2.72 -9.64
C ARG A 75 0.18 -4.05 -8.94
N GLU A 76 1.40 -4.57 -8.98
CA GLU A 76 1.71 -5.84 -8.35
C GLU A 76 3.19 -5.92 -7.97
N HIS A 77 3.47 -5.86 -6.67
CA HIS A 77 4.84 -5.92 -6.17
C HIS A 77 5.04 -7.14 -5.29
N LEU A 78 6.24 -7.71 -5.34
CA LEU A 78 6.57 -8.88 -4.54
C LEU A 78 7.16 -8.48 -3.19
N CYS A 79 6.58 -9.02 -2.12
CA CYS A 79 7.05 -8.72 -0.77
C CYS A 79 8.09 -9.74 -0.30
N ASP A 80 9.35 -9.46 -0.59
CA ASP A 80 10.44 -10.35 -0.21
C ASP A 80 11.00 -9.97 1.15
N ARG A 81 11.91 -10.80 1.67
CA ARG A 81 12.52 -10.55 2.96
C ARG A 81 11.46 -10.46 4.06
N LEU A 82 10.54 -11.41 4.06
CA LEU A 82 9.47 -11.44 5.06
C LEU A 82 9.76 -12.49 6.13
N ASN A 83 8.95 -12.49 7.18
CA ASN A 83 9.10 -13.44 8.27
C ASN A 83 7.84 -14.29 8.44
N PRO A 84 8.01 -15.61 8.41
CA PRO A 84 6.89 -16.56 8.56
C PRO A 84 6.33 -16.57 9.99
N GLY A 85 5.11 -17.07 10.14
CA GLY A 85 4.49 -17.13 11.44
C GLY A 85 4.35 -15.76 12.07
N CYS A 86 4.01 -14.76 11.26
CA CYS A 86 3.84 -13.40 11.76
C CYS A 86 2.85 -12.63 10.88
N PHE A 87 2.43 -11.46 11.37
CA PHE A 87 1.50 -10.63 10.64
C PHE A 87 2.22 -9.55 9.84
N TYR A 88 1.47 -8.78 9.06
CA TYR A 88 2.05 -7.72 8.25
C TYR A 88 0.95 -6.84 7.65
N ARG A 89 1.11 -5.53 7.82
CA ARG A 89 0.13 -4.58 7.30
C ARG A 89 0.67 -3.88 6.05
N LEU A 90 -0.19 -3.72 5.05
CA LEU A 90 0.20 -3.06 3.80
C LEU A 90 -0.84 -2.03 3.38
N ARG A 91 -0.39 -0.98 2.70
CA ARG A 91 -1.28 0.07 2.24
C ARG A 91 -0.83 0.60 0.88
N VAL A 92 -1.77 0.64 -0.07
CA VAL A 92 -1.48 1.13 -1.41
C VAL A 92 -2.20 2.44 -1.69
N TYR A 93 -1.50 3.35 -2.37
CA TYR A 93 -2.08 4.65 -2.69
C TYR A 93 -1.50 5.18 -4.00
N CYS A 94 -2.25 6.06 -4.66
CA CYS A 94 -1.81 6.65 -5.92
C CYS A 94 -1.28 8.06 -5.71
N ILE A 95 -0.37 8.48 -6.58
CA ILE A 95 0.22 9.81 -6.48
C ILE A 95 -0.10 10.65 -7.72
N SER A 96 -1.12 11.50 -7.60
CA SER A 96 -1.52 12.35 -8.70
C SER A 96 -1.42 13.82 -8.32
N ASP A 97 -1.52 14.70 -9.32
CA ASP A 97 -1.43 16.14 -9.09
C ASP A 97 -0.26 16.47 -8.16
N GLY A 98 0.88 15.82 -8.40
CA GLY A 98 2.05 16.06 -7.57
C GLY A 98 1.76 15.88 -6.09
N GLY A 99 1.09 14.78 -5.76
CA GLY A 99 0.76 14.51 -4.37
C GLY A 99 0.25 13.10 -4.16
N GLN A 100 0.24 12.65 -2.91
CA GLN A 100 -0.23 11.32 -2.58
C GLN A 100 -1.71 11.34 -2.21
N SER A 101 -2.41 10.23 -2.48
CA SER A 101 -3.83 10.13 -2.17
C SER A 101 -4.06 9.24 -0.96
N ALA A 102 -5.25 9.33 -0.39
CA ALA A 102 -5.60 8.53 0.78
C ALA A 102 -5.25 7.06 0.57
N VAL A 103 -4.56 6.47 1.55
CA VAL A 103 -4.17 5.07 1.46
C VAL A 103 -5.35 4.15 1.73
N SER A 104 -5.63 3.26 0.79
CA SER A 104 -6.73 2.32 0.93
C SER A 104 -6.56 1.45 2.18
N GLU A 105 -7.65 0.80 2.59
CA GLU A 105 -7.61 -0.05 3.77
C GLU A 105 -6.31 -0.84 3.84
N SER A 106 -5.93 -1.25 5.05
CA SER A 106 -4.70 -2.00 5.26
C SER A 106 -4.94 -3.49 5.04
N LEU A 107 -4.07 -4.10 4.24
CA LEU A 107 -4.17 -5.53 3.95
C LEU A 107 -3.55 -6.37 5.07
N LEU A 108 -4.31 -7.33 5.57
CA LEU A 108 -3.84 -8.20 6.64
C LEU A 108 -3.58 -9.61 6.13
N VAL A 109 -2.32 -10.03 6.16
CA VAL A 109 -1.94 -11.36 5.69
C VAL A 109 -1.00 -12.04 6.68
N GLN A 110 -1.30 -13.30 7.02
CA GLN A 110 -0.47 -14.05 7.95
C GLN A 110 0.35 -15.10 7.21
N THR A 111 1.65 -15.15 7.51
CA THR A 111 2.54 -16.11 6.88
C THR A 111 2.62 -17.40 7.68
N PRO A 112 2.72 -18.53 6.97
CA PRO A 112 2.81 -19.86 7.61
C PRO A 112 4.14 -20.07 8.31
N ALA A 113 4.07 -20.31 9.62
CA ALA A 113 5.28 -20.53 10.41
C ALA A 113 5.87 -21.90 10.14
N VAL A 114 7.10 -21.94 9.66
CA VAL A 114 7.79 -23.19 9.35
C VAL A 114 8.50 -23.75 10.59
N SER A 115 9.15 -22.86 11.33
CA SER A 115 9.88 -23.26 12.53
C SER A 115 9.26 -22.63 13.77
N GLY A 116 9.63 -23.15 14.94
CA GLY A 116 9.10 -22.64 16.19
C GLY A 116 10.19 -22.15 17.12
N PRO A 117 9.81 -21.90 18.39
CA PRO A 117 10.76 -21.42 19.41
C PRO A 117 11.76 -22.49 19.81
N SER A 118 11.67 -23.66 19.18
CA SER A 118 12.58 -24.76 19.46
C SER A 118 13.99 -24.25 19.77
N SER A 119 14.57 -23.54 18.82
CA SER A 119 15.92 -22.99 19.00
C SER A 119 15.88 -21.75 19.86
N GLY A 120 16.45 -21.86 21.07
CA GLY A 120 16.47 -20.73 21.98
C GLY A 120 17.86 -20.12 22.10
N GLY A 1 4.25 27.74 -3.42
CA GLY A 1 3.04 27.36 -2.74
C GLY A 1 3.14 27.54 -1.24
N SER A 2 1.99 27.67 -0.58
CA SER A 2 1.95 27.86 0.86
C SER A 2 0.55 27.54 1.41
N SER A 3 0.45 27.47 2.74
CA SER A 3 -0.81 27.17 3.39
C SER A 3 -0.94 27.94 4.71
N GLY A 4 -2.16 28.01 5.23
CA GLY A 4 -2.39 28.71 6.47
C GLY A 4 -3.86 28.80 6.82
N SER A 5 -4.17 28.79 8.12
CA SER A 5 -5.55 28.88 8.57
C SER A 5 -6.35 29.89 7.75
N SER A 6 -7.32 29.38 6.99
CA SER A 6 -8.15 30.24 6.15
C SER A 6 -9.57 29.69 6.05
N GLY A 7 -10.49 30.53 5.58
CA GLY A 7 -11.87 30.12 5.44
C GLY A 7 -12.09 29.20 4.26
N VAL A 8 -12.08 29.77 3.06
CA VAL A 8 -12.28 29.00 1.84
C VAL A 8 -11.08 29.13 0.91
N VAL A 9 -10.76 28.04 0.21
CA VAL A 9 -9.64 28.02 -0.72
C VAL A 9 -10.11 28.23 -2.16
N GLU A 10 -11.08 29.12 -2.33
CA GLU A 10 -11.62 29.40 -3.66
C GLU A 10 -10.53 29.93 -4.59
N PHE A 11 -9.72 30.85 -4.07
CA PHE A 11 -8.63 31.43 -4.85
C PHE A 11 -7.70 30.35 -5.39
N THR A 12 -7.17 29.53 -4.49
CA THR A 12 -6.26 28.46 -4.86
C THR A 12 -7.03 27.26 -5.41
N THR A 13 -7.32 27.30 -6.72
CA THR A 13 -8.05 26.21 -7.36
C THR A 13 -7.33 24.88 -7.19
N CYS A 14 -8.10 23.80 -7.20
CA CYS A 14 -7.53 22.46 -7.04
C CYS A 14 -8.50 21.40 -7.55
N PRO A 15 -7.97 20.42 -8.30
CA PRO A 15 -8.78 19.34 -8.87
C PRO A 15 -9.27 18.37 -7.79
N ASP A 16 -9.89 17.28 -8.23
CA ASP A 16 -10.41 16.27 -7.31
C ASP A 16 -9.39 15.15 -7.11
N LYS A 17 -9.57 14.39 -6.03
CA LYS A 17 -8.67 13.29 -5.72
C LYS A 17 -8.72 12.23 -6.81
N PRO A 18 -7.55 11.64 -7.12
CA PRO A 18 -7.43 10.61 -8.15
C PRO A 18 -8.09 9.29 -7.74
N GLY A 19 -8.70 9.29 -6.56
CA GLY A 19 -9.35 8.09 -6.07
C GLY A 19 -8.39 7.16 -5.38
N ILE A 20 -8.89 6.44 -4.37
CA ILE A 20 -8.07 5.50 -3.62
C ILE A 20 -8.00 4.15 -4.33
N PRO A 21 -6.79 3.56 -4.36
CA PRO A 21 -6.56 2.25 -5.00
C PRO A 21 -7.22 1.11 -4.23
N VAL A 22 -7.55 0.05 -4.95
CA VAL A 22 -8.19 -1.12 -4.35
C VAL A 22 -7.22 -1.86 -3.43
N LYS A 23 -7.67 -2.17 -2.22
CA LYS A 23 -6.86 -2.88 -1.25
C LYS A 23 -5.99 -3.95 -1.94
N PRO A 24 -4.68 -3.91 -1.66
CA PRO A 24 -3.73 -4.87 -2.24
C PRO A 24 -3.92 -6.28 -1.68
N SER A 25 -4.25 -7.22 -2.57
CA SER A 25 -4.47 -8.60 -2.16
C SER A 25 -3.34 -9.49 -2.67
N VAL A 26 -3.30 -10.73 -2.19
CA VAL A 26 -2.29 -11.69 -2.60
C VAL A 26 -2.76 -12.52 -3.78
N LYS A 27 -2.03 -12.47 -4.88
CA LYS A 27 -2.38 -13.23 -6.08
C LYS A 27 -1.57 -14.52 -6.16
N GLY A 28 -2.25 -15.65 -5.97
CA GLY A 28 -1.57 -16.93 -6.03
C GLY A 28 -1.41 -17.56 -4.66
N LYS A 29 -0.37 -18.39 -4.51
CA LYS A 29 -0.10 -19.04 -3.24
C LYS A 29 0.90 -18.24 -2.41
N ILE A 30 0.67 -18.20 -1.10
CA ILE A 30 1.55 -17.48 -0.20
C ILE A 30 2.62 -18.39 0.39
N HIS A 31 3.88 -18.08 0.08
CA HIS A 31 5.00 -18.88 0.57
C HIS A 31 5.33 -18.52 2.02
N SER A 32 6.31 -19.20 2.59
CA SER A 32 6.71 -18.96 3.97
C SER A 32 6.86 -17.47 4.24
N HIS A 33 7.85 -16.85 3.60
CA HIS A 33 8.10 -15.43 3.77
C HIS A 33 8.30 -14.74 2.41
N SER A 34 7.32 -14.92 1.53
CA SER A 34 7.39 -14.32 0.19
C SER A 34 6.06 -14.45 -0.53
N PHE A 35 5.47 -13.31 -0.87
CA PHE A 35 4.19 -13.29 -1.57
C PHE A 35 4.02 -11.99 -2.36
N LYS A 36 3.38 -12.10 -3.52
CA LYS A 36 3.14 -10.94 -4.37
C LYS A 36 1.77 -10.32 -4.10
N ILE A 37 1.72 -8.99 -4.07
CA ILE A 37 0.47 -8.28 -3.82
C ILE A 37 0.15 -7.33 -4.96
N THR A 38 -1.04 -7.49 -5.54
CA THR A 38 -1.47 -6.63 -6.65
C THR A 38 -2.70 -5.83 -6.26
N TRP A 39 -2.66 -4.53 -6.54
CA TRP A 39 -3.78 -3.65 -6.22
C TRP A 39 -4.41 -3.08 -7.49
N ASP A 40 -5.65 -3.43 -7.74
CA ASP A 40 -6.37 -2.96 -8.92
C ASP A 40 -6.47 -1.44 -8.92
N PRO A 41 -6.38 -0.83 -10.11
CA PRO A 41 -6.47 0.62 -10.27
C PRO A 41 -7.87 1.15 -10.01
N PRO A 42 -7.96 2.41 -9.57
CA PRO A 42 -9.24 3.06 -9.27
C PRO A 42 -10.04 3.35 -10.54
N LYS A 43 -10.92 2.42 -10.90
CA LYS A 43 -11.75 2.57 -12.09
C LYS A 43 -12.28 3.99 -12.20
N ASP A 44 -12.92 4.47 -11.14
CA ASP A 44 -13.48 5.82 -11.14
C ASP A 44 -12.38 6.85 -10.86
N ASN A 45 -11.73 7.30 -11.93
CA ASN A 45 -10.66 8.28 -11.81
C ASN A 45 -11.16 9.68 -12.17
N GLY A 46 -11.05 10.60 -11.21
CA GLY A 46 -11.49 11.97 -11.43
C GLY A 46 -10.55 12.76 -12.31
N GLY A 47 -10.79 14.06 -12.43
CA GLY A 47 -9.93 14.90 -13.23
C GLY A 47 -8.48 14.50 -13.16
N ALA A 48 -8.02 14.13 -11.96
CA ALA A 48 -6.65 13.72 -11.76
C ALA A 48 -6.42 12.28 -12.23
N THR A 49 -5.46 12.10 -13.13
CA THR A 49 -5.16 10.78 -13.66
C THR A 49 -4.00 10.14 -12.90
N ILE A 50 -4.19 8.90 -12.47
CA ILE A 50 -3.16 8.18 -11.74
C ILE A 50 -1.78 8.40 -12.37
N ASN A 51 -0.77 8.51 -11.52
CA ASN A 51 0.60 8.72 -11.99
C ASN A 51 1.50 7.56 -11.58
N LYS A 52 1.45 7.21 -10.30
CA LYS A 52 2.27 6.12 -9.77
C LYS A 52 1.60 5.49 -8.54
N TYR A 53 2.06 4.30 -8.18
CA TYR A 53 1.52 3.59 -7.02
C TYR A 53 2.61 3.27 -6.01
N VAL A 54 2.44 3.76 -4.78
CA VAL A 54 3.42 3.52 -3.73
C VAL A 54 2.86 2.57 -2.68
N VAL A 55 3.71 1.69 -2.18
CA VAL A 55 3.30 0.71 -1.17
C VAL A 55 4.01 0.98 0.16
N GLU A 56 3.27 0.80 1.25
CA GLU A 56 3.83 1.04 2.59
C GLU A 56 3.60 -0.18 3.47
N MET A 57 4.69 -0.83 3.87
CA MET A 57 4.61 -2.01 4.74
C MET A 57 4.99 -1.66 6.17
N ALA A 58 4.35 -2.32 7.12
CA ALA A 58 4.62 -2.09 8.54
C ALA A 58 4.79 -3.40 9.29
N GLU A 59 5.47 -3.34 10.43
CA GLU A 59 5.70 -4.52 11.25
C GLU A 59 4.41 -5.03 11.86
N GLY A 60 3.86 -6.10 11.30
CA GLY A 60 2.63 -6.67 11.80
C GLY A 60 1.63 -5.60 12.20
N SER A 61 0.63 -6.00 13.00
CA SER A 61 -0.40 -5.07 13.46
C SER A 61 0.22 -3.84 14.10
N ASN A 62 1.09 -4.07 15.08
CA ASN A 62 1.76 -2.98 15.78
C ASN A 62 2.72 -2.24 14.85
N GLY A 63 2.17 -1.37 14.01
CA GLY A 63 3.01 -0.63 13.08
C GLY A 63 3.87 0.40 13.78
N ASN A 64 5.07 0.63 13.24
CA ASN A 64 6.00 1.59 13.83
C ASN A 64 6.29 2.72 12.85
N LYS A 65 6.82 2.38 11.68
CA LYS A 65 7.14 3.37 10.67
C LYS A 65 6.89 2.81 9.27
N TRP A 66 6.01 3.48 8.52
CA TRP A 66 5.69 3.04 7.16
C TRP A 66 6.80 3.41 6.19
N GLU A 67 7.34 2.41 5.51
CA GLU A 67 8.41 2.63 4.54
C GLU A 67 8.01 2.12 3.16
N MET A 68 8.51 2.80 2.12
CA MET A 68 8.21 2.42 0.75
C MET A 68 9.05 1.21 0.33
N ILE A 69 8.36 0.18 -0.18
CA ILE A 69 9.04 -1.03 -0.62
C ILE A 69 9.15 -1.07 -2.14
N TYR A 70 8.08 -0.66 -2.81
CA TYR A 70 8.05 -0.64 -4.27
C TYR A 70 7.19 0.51 -4.79
N SER A 71 7.46 0.91 -6.02
CA SER A 71 6.71 2.01 -6.64
C SER A 71 6.78 1.92 -8.16
N GLY A 72 5.64 2.14 -8.82
CA GLY A 72 5.59 2.09 -10.27
C GLY A 72 4.18 1.96 -10.80
N ALA A 73 4.04 1.36 -11.98
CA ALA A 73 2.73 1.18 -12.60
C ALA A 73 2.32 -0.28 -12.56
N THR A 74 3.30 -1.17 -12.49
CA THR A 74 3.03 -2.61 -12.45
C THR A 74 2.11 -2.96 -11.29
N ARG A 75 1.89 -2.01 -10.40
CA ARG A 75 1.01 -2.23 -9.24
C ARG A 75 1.05 -3.68 -8.80
N GLU A 76 2.25 -4.18 -8.54
CA GLU A 76 2.42 -5.57 -8.11
C GLU A 76 3.88 -5.86 -7.75
N HIS A 77 4.14 -6.01 -6.46
CA HIS A 77 5.50 -6.29 -5.99
C HIS A 77 5.51 -7.54 -5.10
N LEU A 78 6.68 -8.17 -4.99
CA LEU A 78 6.83 -9.36 -4.18
C LEU A 78 7.50 -9.04 -2.85
N CYS A 79 6.72 -9.11 -1.77
CA CYS A 79 7.24 -8.82 -0.44
C CYS A 79 8.14 -9.95 0.05
N ASP A 80 9.42 -9.84 -0.26
CA ASP A 80 10.39 -10.85 0.15
C ASP A 80 11.02 -10.50 1.50
N ARG A 81 11.73 -11.46 2.08
CA ARG A 81 12.36 -11.25 3.38
C ARG A 81 11.32 -10.96 4.46
N LEU A 82 10.26 -11.75 4.46
CA LEU A 82 9.19 -11.57 5.44
C LEU A 82 9.35 -12.54 6.61
N ASN A 83 8.56 -12.34 7.66
CA ASN A 83 8.63 -13.21 8.83
C ASN A 83 7.47 -14.20 8.83
N PRO A 84 7.80 -15.49 8.73
CA PRO A 84 6.81 -16.57 8.72
C PRO A 84 6.13 -16.75 10.07
N GLY A 85 4.81 -16.92 10.05
CA GLY A 85 4.08 -17.11 11.29
C GLY A 85 3.89 -15.81 12.06
N CYS A 86 3.68 -14.72 11.34
CA CYS A 86 3.50 -13.42 11.95
C CYS A 86 2.56 -12.55 11.12
N PHE A 87 2.15 -11.41 11.67
CA PHE A 87 1.26 -10.50 10.98
C PHE A 87 2.06 -9.47 10.17
N TYR A 88 1.35 -8.73 9.32
CA TYR A 88 1.98 -7.71 8.48
C TYR A 88 0.94 -6.77 7.89
N ARG A 89 1.17 -5.48 8.06
CA ARG A 89 0.25 -4.47 7.55
C ARG A 89 0.83 -3.78 6.33
N LEU A 90 0.02 -3.64 5.28
CA LEU A 90 0.45 -3.00 4.04
C LEU A 90 -0.60 -2.02 3.53
N ARG A 91 -0.14 -0.90 2.97
CA ARG A 91 -1.04 0.11 2.45
C ARG A 91 -0.53 0.67 1.12
N VAL A 92 -1.38 0.67 0.11
CA VAL A 92 -1.01 1.18 -1.20
C VAL A 92 -1.83 2.41 -1.57
N TYR A 93 -1.16 3.43 -2.08
CA TYR A 93 -1.82 4.67 -2.47
C TYR A 93 -1.35 5.13 -3.84
N CYS A 94 -2.21 5.86 -4.55
CA CYS A 94 -1.88 6.37 -5.88
C CYS A 94 -1.51 7.84 -5.81
N ILE A 95 -0.74 8.30 -6.80
CA ILE A 95 -0.31 9.69 -6.86
C ILE A 95 -0.81 10.36 -8.13
N SER A 96 -1.36 11.57 -7.98
CA SER A 96 -1.88 12.31 -9.12
C SER A 96 -1.80 13.82 -8.86
N ASP A 97 -1.63 14.58 -9.93
CA ASP A 97 -1.54 16.04 -9.82
C ASP A 97 -0.56 16.43 -8.71
N GLY A 98 0.60 15.80 -8.70
CA GLY A 98 1.60 16.11 -7.70
C GLY A 98 1.29 15.46 -6.36
N GLY A 99 0.03 15.57 -5.93
CA GLY A 99 -0.37 14.99 -4.66
C GLY A 99 -0.77 13.53 -4.79
N GLN A 100 -1.38 12.99 -3.74
CA GLN A 100 -1.80 11.60 -3.74
C GLN A 100 -3.15 11.44 -3.06
N SER A 101 -3.77 10.28 -3.25
CA SER A 101 -5.09 10.01 -2.66
C SER A 101 -4.93 9.28 -1.33
N ALA A 102 -5.95 9.39 -0.48
CA ALA A 102 -5.93 8.74 0.83
C ALA A 102 -5.45 7.30 0.72
N VAL A 103 -4.63 6.89 1.68
CA VAL A 103 -4.08 5.54 1.69
C VAL A 103 -5.19 4.50 1.58
N SER A 104 -4.82 3.28 1.19
CA SER A 104 -5.79 2.20 1.04
C SER A 104 -5.82 1.33 2.30
N GLU A 105 -6.97 0.71 2.54
CA GLU A 105 -7.15 -0.15 3.71
C GLU A 105 -5.90 -0.99 3.96
N SER A 106 -5.75 -1.46 5.19
CA SER A 106 -4.59 -2.27 5.56
C SER A 106 -4.77 -3.71 5.08
N LEU A 107 -3.73 -4.24 4.43
CA LEU A 107 -3.77 -5.61 3.93
C LEU A 107 -3.18 -6.59 4.94
N LEU A 108 -4.06 -7.27 5.68
CA LEU A 108 -3.63 -8.23 6.69
C LEU A 108 -3.31 -9.58 6.05
N VAL A 109 -2.04 -9.95 6.04
CA VAL A 109 -1.61 -11.21 5.47
C VAL A 109 -0.80 -12.03 6.47
N GLN A 110 -1.31 -13.21 6.82
CA GLN A 110 -0.63 -14.08 7.77
C GLN A 110 0.22 -15.12 7.05
N THR A 111 1.50 -15.16 7.37
CA THR A 111 2.41 -16.12 6.74
C THR A 111 2.47 -17.42 7.53
N PRO A 112 2.57 -18.55 6.81
CA PRO A 112 2.64 -19.88 7.43
C PRO A 112 3.95 -20.10 8.17
N ALA A 113 3.87 -20.17 9.49
CA ALA A 113 5.05 -20.39 10.32
C ALA A 113 5.78 -21.67 9.91
N VAL A 114 7.08 -21.57 9.72
CA VAL A 114 7.89 -22.71 9.32
C VAL A 114 8.35 -23.50 10.55
N SER A 115 8.30 -22.86 11.71
CA SER A 115 8.71 -23.50 12.95
C SER A 115 7.51 -23.79 13.85
N GLY A 116 7.62 -24.83 14.67
CA GLY A 116 6.54 -25.19 15.57
C GLY A 116 5.66 -26.29 15.00
N PRO A 117 5.26 -27.24 15.86
CA PRO A 117 4.42 -28.37 15.47
C PRO A 117 2.99 -27.93 15.14
N SER A 118 2.71 -26.64 15.34
CA SER A 118 1.38 -26.10 15.06
C SER A 118 0.97 -26.38 13.62
N SER A 119 -0.27 -26.84 13.44
CA SER A 119 -0.78 -27.15 12.11
C SER A 119 -1.61 -25.99 11.57
N GLY A 120 -1.69 -25.91 10.24
CA GLY A 120 -2.46 -24.85 9.61
C GLY A 120 -3.21 -25.32 8.39
N GLY A 1 -3.57 -2.79 22.69
CA GLY A 1 -3.65 -2.88 21.24
C GLY A 1 -3.54 -1.53 20.57
N SER A 2 -4.68 -0.94 20.24
CA SER A 2 -4.70 0.36 19.58
C SER A 2 -5.69 1.30 20.25
N SER A 3 -5.50 2.60 20.06
CA SER A 3 -6.37 3.61 20.64
C SER A 3 -7.40 4.10 19.63
N GLY A 4 -6.91 4.53 18.46
CA GLY A 4 -7.79 5.03 17.43
C GLY A 4 -7.21 6.21 16.69
N SER A 5 -8.07 7.10 16.22
CA SER A 5 -7.62 8.28 15.48
C SER A 5 -8.39 9.53 15.95
N SER A 6 -7.66 10.63 16.06
CA SER A 6 -8.25 11.90 16.50
C SER A 6 -7.65 13.08 15.75
N GLY A 7 -8.42 14.15 15.63
CA GLY A 7 -7.94 15.34 14.94
C GLY A 7 -8.58 15.52 13.58
N VAL A 8 -8.43 16.70 13.01
CA VAL A 8 -9.00 17.00 11.70
C VAL A 8 -7.99 17.71 10.81
N VAL A 9 -7.58 17.04 9.73
CA VAL A 9 -6.63 17.62 8.79
C VAL A 9 -6.87 17.11 7.38
N GLU A 10 -6.55 17.95 6.39
CA GLU A 10 -6.74 17.58 4.99
C GLU A 10 -5.44 17.73 4.22
N PHE A 11 -5.47 17.35 2.94
CA PHE A 11 -4.28 17.44 2.09
C PHE A 11 -4.27 18.75 1.31
N THR A 12 -3.10 19.13 0.82
CA THR A 12 -2.95 20.37 0.06
C THR A 12 -3.12 20.12 -1.43
N THR A 13 -4.12 19.30 -1.78
CA THR A 13 -4.39 18.99 -3.17
C THR A 13 -5.29 20.04 -3.80
N CYS A 14 -4.87 20.55 -4.96
CA CYS A 14 -5.64 21.56 -5.67
C CYS A 14 -6.83 20.94 -6.39
N PRO A 15 -6.54 20.09 -7.39
CA PRO A 15 -7.58 19.40 -8.17
C PRO A 15 -8.33 18.36 -7.35
N ASP A 16 -9.12 17.53 -8.04
CA ASP A 16 -9.88 16.48 -7.38
C ASP A 16 -9.00 15.28 -7.05
N LYS A 17 -9.26 14.67 -5.91
CA LYS A 17 -8.49 13.50 -5.48
C LYS A 17 -8.79 12.29 -6.36
N PRO A 18 -7.77 11.46 -6.60
CA PRO A 18 -7.90 10.26 -7.43
C PRO A 18 -8.74 9.18 -6.75
N GLY A 19 -9.27 9.50 -5.58
CA GLY A 19 -10.09 8.55 -4.85
C GLY A 19 -9.27 7.44 -4.23
N ILE A 20 -9.94 6.52 -3.54
CA ILE A 20 -9.27 5.41 -2.88
C ILE A 20 -9.19 4.20 -3.81
N PRO A 21 -7.99 3.62 -3.94
CA PRO A 21 -7.76 2.45 -4.78
C PRO A 21 -8.41 1.19 -4.23
N VAL A 22 -8.15 0.06 -4.88
CA VAL A 22 -8.72 -1.21 -4.45
C VAL A 22 -7.80 -1.91 -3.45
N LYS A 23 -8.40 -2.48 -2.41
CA LYS A 23 -7.63 -3.19 -1.39
C LYS A 23 -6.72 -4.24 -2.01
N PRO A 24 -5.42 -4.16 -1.68
CA PRO A 24 -4.42 -5.10 -2.19
C PRO A 24 -4.59 -6.52 -1.62
N SER A 25 -4.39 -7.52 -2.46
CA SER A 25 -4.52 -8.91 -2.04
C SER A 25 -3.38 -9.76 -2.59
N VAL A 26 -3.10 -10.88 -1.92
CA VAL A 26 -2.04 -11.78 -2.34
C VAL A 26 -2.48 -12.63 -3.53
N LYS A 27 -1.61 -12.75 -4.52
CA LYS A 27 -1.91 -13.55 -5.71
C LYS A 27 -1.29 -14.93 -5.60
N GLY A 28 -2.13 -15.96 -5.77
CA GLY A 28 -1.64 -17.32 -5.70
C GLY A 28 -1.48 -17.80 -4.26
N LYS A 29 -0.41 -18.55 -4.01
CA LYS A 29 -0.15 -19.07 -2.68
C LYS A 29 0.86 -18.19 -1.94
N ILE A 30 0.75 -18.15 -0.62
CA ILE A 30 1.65 -17.34 0.19
C ILE A 30 2.79 -18.20 0.76
N HIS A 31 4.02 -17.89 0.35
CA HIS A 31 5.19 -18.63 0.81
C HIS A 31 5.50 -18.29 2.25
N SER A 32 6.60 -18.84 2.76
CA SER A 32 7.01 -18.60 4.14
C SER A 32 7.19 -17.10 4.40
N HIS A 33 8.16 -16.51 3.71
CA HIS A 33 8.45 -15.09 3.87
C HIS A 33 8.63 -14.42 2.51
N SER A 34 7.63 -14.56 1.64
CA SER A 34 7.69 -13.97 0.31
C SER A 34 6.37 -14.18 -0.43
N PHE A 35 5.69 -13.08 -0.72
CA PHE A 35 4.41 -13.14 -1.42
C PHE A 35 4.13 -11.83 -2.15
N LYS A 36 3.56 -11.93 -3.35
CA LYS A 36 3.23 -10.76 -4.14
C LYS A 36 1.79 -10.30 -3.89
N ILE A 37 1.55 -9.00 -4.04
CA ILE A 37 0.23 -8.45 -3.84
C ILE A 37 -0.19 -7.56 -5.01
N THR A 38 -1.34 -7.88 -5.60
CA THR A 38 -1.85 -7.12 -6.73
C THR A 38 -3.15 -6.41 -6.37
N TRP A 39 -3.26 -5.14 -6.76
CA TRP A 39 -4.44 -4.35 -6.48
C TRP A 39 -5.12 -3.88 -7.77
N ASP A 40 -6.41 -3.57 -7.69
CA ASP A 40 -7.15 -3.12 -8.85
C ASP A 40 -7.10 -1.60 -8.97
N PRO A 41 -7.13 -1.11 -10.22
CA PRO A 41 -7.08 0.34 -10.50
C PRO A 41 -8.36 1.05 -10.08
N PRO A 42 -8.23 2.32 -9.66
CA PRO A 42 -9.36 3.14 -9.23
C PRO A 42 -10.28 3.51 -10.38
N LYS A 43 -11.33 2.71 -10.58
CA LYS A 43 -12.29 2.96 -11.65
C LYS A 43 -12.50 4.46 -11.86
N ASP A 44 -12.65 5.19 -10.76
CA ASP A 44 -12.85 6.64 -10.82
C ASP A 44 -11.68 7.38 -10.19
N ASN A 45 -10.66 7.66 -11.00
CA ASN A 45 -9.47 8.37 -10.51
C ASN A 45 -9.65 9.88 -10.64
N GLY A 46 -10.84 10.36 -10.27
CA GLY A 46 -11.11 11.78 -10.36
C GLY A 46 -10.53 12.42 -11.60
N GLY A 47 -10.26 13.72 -11.52
CA GLY A 47 -9.71 14.43 -12.66
C GLY A 47 -8.20 14.51 -12.60
N ALA A 48 -7.56 13.44 -12.13
CA ALA A 48 -6.11 13.40 -12.03
C ALA A 48 -5.56 12.10 -12.61
N THR A 49 -4.63 12.21 -13.55
CA THR A 49 -4.03 11.05 -14.18
C THR A 49 -2.96 10.44 -13.28
N ILE A 50 -3.05 9.12 -13.09
CA ILE A 50 -2.08 8.41 -12.26
C ILE A 50 -0.66 8.60 -12.78
N ASN A 51 0.31 8.36 -11.90
CA ASN A 51 1.72 8.51 -12.26
C ASN A 51 2.53 7.31 -11.78
N LYS A 52 2.32 6.93 -10.52
CA LYS A 52 3.03 5.81 -9.92
C LYS A 52 2.18 5.14 -8.85
N TYR A 53 2.48 3.88 -8.56
CA TYR A 53 1.75 3.12 -7.55
C TYR A 53 2.68 2.68 -6.42
N VAL A 54 2.75 3.48 -5.37
CA VAL A 54 3.60 3.16 -4.22
C VAL A 54 2.84 2.36 -3.18
N VAL A 55 3.51 1.37 -2.60
CA VAL A 55 2.90 0.52 -1.59
C VAL A 55 3.63 0.66 -0.25
N GLU A 56 2.86 0.91 0.81
CA GLU A 56 3.43 1.06 2.14
C GLU A 56 3.26 -0.23 2.95
N MET A 57 4.36 -0.68 3.55
CA MET A 57 4.34 -1.90 4.35
C MET A 57 4.76 -1.61 5.79
N ALA A 58 4.14 -2.30 6.74
CA ALA A 58 4.46 -2.12 8.15
C ALA A 58 4.64 -3.47 8.85
N GLU A 59 5.47 -3.48 9.88
CA GLU A 59 5.74 -4.71 10.63
C GLU A 59 4.50 -5.14 11.41
N GLY A 60 3.81 -6.15 10.87
CA GLY A 60 2.61 -6.64 11.52
C GLY A 60 1.66 -5.54 11.91
N SER A 61 0.60 -5.89 12.63
CA SER A 61 -0.40 -4.92 13.05
C SER A 61 0.06 -4.19 14.31
N ASN A 62 1.35 -3.85 14.36
CA ASN A 62 1.91 -3.15 15.50
C ASN A 62 2.83 -2.02 15.04
N GLY A 63 2.82 -0.91 15.79
CA GLY A 63 3.65 0.22 15.45
C GLY A 63 3.30 0.81 14.10
N ASN A 64 2.96 2.09 14.08
CA ASN A 64 2.60 2.77 12.84
C ASN A 64 3.84 3.30 12.12
N LYS A 65 4.51 2.40 11.40
CA LYS A 65 5.72 2.78 10.66
C LYS A 65 5.60 2.37 9.20
N TRP A 66 5.26 3.34 8.35
CA TRP A 66 5.12 3.09 6.92
C TRP A 66 6.27 3.71 6.14
N GLU A 67 6.99 2.87 5.39
CA GLU A 67 8.11 3.35 4.59
C GLU A 67 8.10 2.71 3.21
N MET A 68 8.06 3.56 2.18
CA MET A 68 8.04 3.09 0.80
C MET A 68 8.92 1.84 0.64
N ILE A 69 8.31 0.75 0.21
CA ILE A 69 9.03 -0.50 0.02
C ILE A 69 9.12 -0.87 -1.46
N TYR A 70 8.19 -0.34 -2.24
CA TYR A 70 8.15 -0.60 -3.68
C TYR A 70 7.73 0.64 -4.45
N SER A 71 8.16 0.71 -5.71
CA SER A 71 7.84 1.86 -6.56
C SER A 71 7.91 1.47 -8.04
N GLY A 72 6.91 1.89 -8.81
CA GLY A 72 6.89 1.58 -10.22
C GLY A 72 5.58 1.97 -10.88
N ALA A 73 5.00 1.05 -11.64
CA ALA A 73 3.74 1.31 -12.32
C ALA A 73 2.72 0.21 -12.03
N THR A 74 2.97 -0.98 -12.55
CA THR A 74 2.07 -2.11 -12.35
C THR A 74 1.51 -2.12 -10.94
N ARG A 75 0.26 -2.55 -10.80
CA ARG A 75 -0.40 -2.60 -9.51
C ARG A 75 -0.05 -3.90 -8.77
N GLU A 76 1.20 -4.31 -8.88
CA GLU A 76 1.66 -5.54 -8.23
C GLU A 76 3.13 -5.43 -7.83
N HIS A 77 3.46 -5.96 -6.66
CA HIS A 77 4.83 -5.92 -6.15
C HIS A 77 5.10 -7.11 -5.24
N LEU A 78 6.37 -7.49 -5.14
CA LEU A 78 6.78 -8.61 -4.29
C LEU A 78 7.35 -8.12 -2.97
N CYS A 79 6.63 -8.41 -1.88
CA CYS A 79 7.08 -8.00 -0.55
C CYS A 79 8.05 -9.02 0.04
N ASP A 80 9.34 -8.83 -0.24
CA ASP A 80 10.36 -9.73 0.27
C ASP A 80 10.80 -9.32 1.68
N ARG A 81 11.72 -10.10 2.25
CA ARG A 81 12.21 -9.83 3.60
C ARG A 81 11.08 -9.93 4.62
N LEU A 82 10.21 -10.92 4.44
CA LEU A 82 9.10 -11.13 5.35
C LEU A 82 9.44 -12.18 6.40
N ASN A 83 8.53 -12.38 7.36
CA ASN A 83 8.73 -13.36 8.42
C ASN A 83 7.53 -14.30 8.53
N PRO A 84 7.80 -15.60 8.52
CA PRO A 84 6.76 -16.63 8.63
C PRO A 84 6.13 -16.67 10.02
N GLY A 85 4.87 -17.11 10.07
CA GLY A 85 4.18 -17.20 11.35
C GLY A 85 4.08 -15.85 12.04
N CYS A 86 3.79 -14.81 11.27
CA CYS A 86 3.66 -13.46 11.82
C CYS A 86 2.66 -12.65 11.01
N PHE A 87 2.43 -11.42 11.45
CA PHE A 87 1.48 -10.52 10.78
C PHE A 87 2.22 -9.48 9.93
N TYR A 88 1.47 -8.77 9.11
CA TYR A 88 2.06 -7.74 8.25
C TYR A 88 0.96 -6.88 7.63
N ARG A 89 1.10 -5.55 7.80
CA ARG A 89 0.13 -4.62 7.25
C ARG A 89 0.68 -3.95 5.99
N LEU A 90 -0.16 -3.87 4.96
CA LEU A 90 0.24 -3.26 3.70
C LEU A 90 -0.86 -2.33 3.18
N ARG A 91 -0.45 -1.26 2.51
CA ARG A 91 -1.40 -0.29 1.97
C ARG A 91 -0.96 0.15 0.57
N VAL A 92 -1.94 0.56 -0.25
CA VAL A 92 -1.67 1.01 -1.61
C VAL A 92 -2.33 2.35 -1.88
N TYR A 93 -1.63 3.22 -2.60
CA TYR A 93 -2.16 4.54 -2.94
C TYR A 93 -1.55 5.05 -4.24
N CYS A 94 -2.23 6.00 -4.87
CA CYS A 94 -1.76 6.57 -6.13
C CYS A 94 -1.14 7.94 -5.90
N ILE A 95 -0.19 8.32 -6.75
CA ILE A 95 0.47 9.61 -6.64
C ILE A 95 0.25 10.45 -7.89
N SER A 96 -0.89 11.14 -7.94
CA SER A 96 -1.21 11.98 -9.09
C SER A 96 -0.98 13.45 -8.76
N ASP A 97 -1.11 14.30 -9.78
CA ASP A 97 -0.90 15.73 -9.60
C ASP A 97 -1.39 16.18 -8.23
N GLY A 98 -0.57 16.99 -7.55
CA GLY A 98 -0.92 17.47 -6.23
C GLY A 98 -0.11 16.81 -5.13
N GLY A 99 0.01 15.49 -5.20
CA GLY A 99 0.75 14.76 -4.20
C GLY A 99 0.40 13.29 -4.16
N GLN A 100 -0.09 12.82 -3.02
CA GLN A 100 -0.45 11.42 -2.87
C GLN A 100 -1.94 11.28 -2.54
N SER A 101 -2.47 10.07 -2.73
CA SER A 101 -3.87 9.81 -2.46
C SER A 101 -4.06 9.16 -1.09
N ALA A 102 -5.32 9.03 -0.67
CA ALA A 102 -5.63 8.42 0.62
C ALA A 102 -5.08 7.01 0.71
N VAL A 103 -4.38 6.71 1.80
CA VAL A 103 -3.81 5.39 2.00
C VAL A 103 -4.91 4.35 2.24
N SER A 104 -5.06 3.43 1.28
CA SER A 104 -6.07 2.39 1.38
C SER A 104 -5.91 1.60 2.69
N GLU A 105 -6.96 0.89 3.07
CA GLU A 105 -6.93 0.09 4.29
C GLU A 105 -5.68 -0.78 4.35
N SER A 106 -5.44 -1.39 5.50
CA SER A 106 -4.27 -2.25 5.68
C SER A 106 -4.57 -3.68 5.26
N LEU A 107 -3.60 -4.34 4.66
CA LEU A 107 -3.75 -5.71 4.20
C LEU A 107 -3.13 -6.69 5.18
N LEU A 108 -3.96 -7.46 5.87
CA LEU A 108 -3.48 -8.42 6.85
C LEU A 108 -3.28 -9.80 6.20
N VAL A 109 -2.03 -10.21 6.07
CA VAL A 109 -1.70 -11.49 5.47
C VAL A 109 -0.86 -12.34 6.42
N GLN A 110 -1.40 -13.49 6.81
CA GLN A 110 -0.69 -14.40 7.72
C GLN A 110 0.19 -15.37 6.94
N THR A 111 1.48 -15.36 7.25
CA THR A 111 2.43 -16.24 6.58
C THR A 111 2.52 -17.59 7.28
N PRO A 112 2.69 -18.65 6.48
CA PRO A 112 2.80 -20.03 7.00
C PRO A 112 4.09 -20.26 7.77
N ALA A 113 3.96 -20.61 9.04
CA ALA A 113 5.12 -20.87 9.88
C ALA A 113 5.75 -22.22 9.56
N VAL A 114 6.97 -22.19 9.06
CA VAL A 114 7.69 -23.42 8.70
C VAL A 114 8.37 -24.03 9.92
N SER A 115 8.69 -25.32 9.83
CA SER A 115 9.33 -26.02 10.93
C SER A 115 10.55 -26.80 10.43
N GLY A 116 10.38 -27.49 9.30
CA GLY A 116 11.47 -28.26 8.74
C GLY A 116 11.00 -29.60 8.18
N PRO A 117 11.84 -30.21 7.33
CA PRO A 117 11.52 -31.49 6.70
C PRO A 117 11.53 -32.64 7.70
N SER A 118 10.36 -33.27 7.89
CA SER A 118 10.23 -34.38 8.81
C SER A 118 9.39 -35.50 8.21
N SER A 119 9.61 -36.72 8.67
CA SER A 119 8.89 -37.88 8.16
C SER A 119 8.62 -38.88 9.29
N GLY A 120 7.41 -39.42 9.32
CA GLY A 120 7.04 -40.38 10.35
C GLY A 120 7.31 -41.80 9.92
N GLY A 1 14.89 23.83 8.40
CA GLY A 1 13.65 23.08 8.56
C GLY A 1 12.57 23.88 9.27
N SER A 2 11.37 23.34 9.30
CA SER A 2 10.24 24.01 9.95
C SER A 2 9.06 23.07 10.08
N SER A 3 8.17 23.36 11.04
CA SER A 3 6.99 22.54 11.28
C SER A 3 6.04 23.23 12.24
N GLY A 4 4.83 22.68 12.37
CA GLY A 4 3.84 23.26 13.26
C GLY A 4 2.50 22.59 13.14
N SER A 5 1.53 23.06 13.93
CA SER A 5 0.18 22.48 13.92
C SER A 5 -0.64 23.06 12.77
N SER A 6 -1.83 22.50 12.56
CA SER A 6 -2.72 22.96 11.50
C SER A 6 -4.05 23.44 12.07
N GLY A 7 -4.28 24.75 11.99
CA GLY A 7 -5.51 25.32 12.50
C GLY A 7 -5.84 26.65 11.83
N VAL A 8 -5.29 26.88 10.66
CA VAL A 8 -5.54 28.11 9.92
C VAL A 8 -6.24 27.83 8.59
N VAL A 9 -7.15 28.72 8.20
CA VAL A 9 -7.88 28.57 6.96
C VAL A 9 -7.10 29.13 5.78
N GLU A 10 -6.35 28.28 5.11
CA GLU A 10 -5.54 28.69 3.97
C GLU A 10 -6.16 28.20 2.66
N PHE A 11 -5.59 28.63 1.54
CA PHE A 11 -6.08 28.25 0.23
C PHE A 11 -5.41 26.96 -0.25
N THR A 12 -6.20 25.88 -0.35
CA THR A 12 -5.68 24.60 -0.79
C THR A 12 -6.10 24.31 -2.23
N THR A 13 -5.88 25.28 -3.11
CA THR A 13 -6.24 25.13 -4.51
C THR A 13 -5.77 23.78 -5.05
N CYS A 14 -6.67 22.80 -5.03
CA CYS A 14 -6.35 21.46 -5.51
C CYS A 14 -7.55 20.83 -6.20
N PRO A 15 -7.29 20.06 -7.26
CA PRO A 15 -8.35 19.38 -8.03
C PRO A 15 -9.00 18.25 -7.24
N ASP A 16 -9.81 17.44 -7.92
CA ASP A 16 -10.49 16.32 -7.29
C ASP A 16 -9.55 15.13 -7.13
N LYS A 17 -9.83 14.31 -6.12
CA LYS A 17 -9.00 13.13 -5.86
C LYS A 17 -9.11 12.11 -6.99
N PRO A 18 -7.99 11.46 -7.31
CA PRO A 18 -7.94 10.45 -8.37
C PRO A 18 -8.71 9.18 -8.01
N GLY A 19 -8.95 9.00 -6.72
CA GLY A 19 -9.68 7.82 -6.27
C GLY A 19 -8.77 6.79 -5.63
N ILE A 20 -9.01 6.50 -4.35
CA ILE A 20 -8.21 5.53 -3.62
C ILE A 20 -8.21 4.18 -4.33
N PRO A 21 -7.03 3.55 -4.39
CA PRO A 21 -6.87 2.23 -5.04
C PRO A 21 -7.54 1.12 -4.24
N VAL A 22 -7.80 -0.01 -4.91
CA VAL A 22 -8.43 -1.15 -4.27
C VAL A 22 -7.45 -1.88 -3.36
N LYS A 23 -7.88 -2.13 -2.13
CA LYS A 23 -7.04 -2.83 -1.15
C LYS A 23 -6.26 -3.96 -1.81
N PRO A 24 -4.93 -3.96 -1.61
CA PRO A 24 -4.05 -4.98 -2.17
C PRO A 24 -4.25 -6.35 -1.53
N SER A 25 -4.63 -7.33 -2.34
CA SER A 25 -4.85 -8.68 -1.85
C SER A 25 -3.79 -9.64 -2.38
N VAL A 26 -3.81 -10.87 -1.87
CA VAL A 26 -2.85 -11.88 -2.30
C VAL A 26 -3.28 -12.52 -3.62
N LYS A 27 -2.29 -12.84 -4.46
CA LYS A 27 -2.56 -13.46 -5.75
C LYS A 27 -1.85 -14.81 -5.87
N GLY A 28 -2.62 -15.89 -5.77
CA GLY A 28 -2.05 -17.22 -5.86
C GLY A 28 -1.79 -17.84 -4.51
N LYS A 29 -0.54 -18.19 -4.25
CA LYS A 29 -0.17 -18.81 -2.98
C LYS A 29 0.88 -17.96 -2.25
N ILE A 30 0.81 -17.95 -0.92
CA ILE A 30 1.76 -17.19 -0.13
C ILE A 30 2.92 -18.06 0.35
N HIS A 31 4.09 -17.83 -0.20
CA HIS A 31 5.28 -18.59 0.17
C HIS A 31 5.66 -18.34 1.63
N SER A 32 6.55 -19.17 2.16
CA SER A 32 7.00 -19.03 3.53
C SER A 32 7.10 -17.56 3.93
N HIS A 33 8.05 -16.85 3.31
CA HIS A 33 8.26 -15.44 3.60
C HIS A 33 8.36 -14.64 2.31
N SER A 34 7.39 -14.82 1.43
CA SER A 34 7.36 -14.11 0.14
C SER A 34 6.03 -14.32 -0.57
N PHE A 35 5.35 -13.21 -0.85
CA PHE A 35 4.06 -13.26 -1.53
C PHE A 35 3.87 -12.03 -2.42
N LYS A 36 3.03 -12.18 -3.45
CA LYS A 36 2.77 -11.09 -4.38
C LYS A 36 1.41 -10.44 -4.07
N ILE A 37 1.39 -9.12 -4.06
CA ILE A 37 0.16 -8.38 -3.78
C ILE A 37 -0.21 -7.47 -4.95
N THR A 38 -1.49 -7.49 -5.32
CA THR A 38 -1.97 -6.66 -6.42
C THR A 38 -3.15 -5.79 -5.99
N TRP A 39 -3.16 -4.55 -6.45
CA TRP A 39 -4.23 -3.63 -6.10
C TRP A 39 -4.89 -3.08 -7.36
N ASP A 40 -6.14 -3.47 -7.59
CA ASP A 40 -6.89 -3.01 -8.76
C ASP A 40 -6.85 -1.50 -8.87
N PRO A 41 -6.86 -0.99 -10.12
CA PRO A 41 -6.81 0.46 -10.39
C PRO A 41 -8.11 1.16 -9.99
N PRO A 42 -8.09 2.49 -10.01
CA PRO A 42 -9.26 3.30 -9.65
C PRO A 42 -10.36 3.21 -10.70
N LYS A 43 -11.61 3.28 -10.23
CA LYS A 43 -12.76 3.21 -11.13
C LYS A 43 -12.67 4.25 -12.24
N ASP A 44 -12.35 5.48 -11.86
CA ASP A 44 -12.22 6.57 -12.81
C ASP A 44 -11.64 7.82 -12.15
N ASN A 45 -10.42 8.19 -12.54
CA ASN A 45 -9.76 9.36 -11.98
C ASN A 45 -10.62 10.61 -12.17
N GLY A 46 -10.39 11.61 -11.32
CA GLY A 46 -11.15 12.85 -11.41
C GLY A 46 -10.26 14.06 -11.51
N GLY A 47 -9.89 14.43 -12.73
CA GLY A 47 -9.04 15.58 -12.94
C GLY A 47 -7.57 15.22 -12.98
N ALA A 48 -7.11 14.52 -11.95
CA ALA A 48 -5.72 14.10 -11.86
C ALA A 48 -5.50 12.76 -12.54
N THR A 49 -4.27 12.53 -13.00
CA THR A 49 -3.93 11.28 -13.68
C THR A 49 -2.87 10.51 -12.91
N ILE A 50 -3.02 9.19 -12.88
CA ILE A 50 -2.07 8.33 -12.17
C ILE A 50 -0.65 8.56 -12.67
N ASN A 51 0.28 8.74 -11.73
CA ASN A 51 1.67 8.97 -12.07
C ASN A 51 2.55 7.81 -11.59
N LYS A 52 2.35 7.41 -10.34
CA LYS A 52 3.12 6.31 -9.77
C LYS A 52 2.33 5.61 -8.67
N TYR A 53 2.69 4.37 -8.38
CA TYR A 53 2.02 3.58 -7.35
C TYR A 53 2.97 3.24 -6.22
N VAL A 54 2.95 4.05 -5.16
CA VAL A 54 3.82 3.83 -4.00
C VAL A 54 3.10 3.02 -2.94
N VAL A 55 3.69 1.90 -2.54
CA VAL A 55 3.11 1.04 -1.51
C VAL A 55 3.84 1.21 -0.18
N GLU A 56 3.19 0.80 0.90
CA GLU A 56 3.77 0.90 2.23
C GLU A 56 3.59 -0.41 3.00
N MET A 57 4.34 -0.55 4.09
CA MET A 57 4.26 -1.74 4.92
C MET A 57 4.78 -1.47 6.33
N ALA A 58 4.16 -2.11 7.32
CA ALA A 58 4.55 -1.94 8.71
C ALA A 58 4.81 -3.28 9.39
N GLU A 59 5.51 -3.24 10.51
CA GLU A 59 5.82 -4.46 11.26
C GLU A 59 4.56 -5.08 11.85
N GLY A 60 4.19 -6.25 11.34
CA GLY A 60 3.00 -6.93 11.83
C GLY A 60 1.89 -5.97 12.20
N SER A 61 1.17 -6.29 13.27
CA SER A 61 0.08 -5.45 13.72
C SER A 61 0.60 -4.20 14.43
N ASN A 62 1.91 -4.18 14.66
CA ASN A 62 2.54 -3.04 15.34
C ASN A 62 3.20 -2.11 14.33
N GLY A 63 2.36 -1.42 13.55
CA GLY A 63 2.88 -0.50 12.55
C GLY A 63 3.19 0.86 13.13
N ASN A 64 4.22 0.93 13.97
CA ASN A 64 4.63 2.18 14.59
C ASN A 64 4.91 3.25 13.54
N LYS A 65 5.63 2.87 12.50
CA LYS A 65 5.97 3.80 11.42
C LYS A 65 5.90 3.10 10.07
N TRP A 66 5.14 3.69 9.15
CA TRP A 66 4.98 3.13 7.82
C TRP A 66 6.19 3.46 6.93
N GLU A 67 6.52 2.55 6.03
CA GLU A 67 7.66 2.75 5.14
C GLU A 67 7.36 2.16 3.76
N MET A 68 7.87 2.82 2.71
CA MET A 68 7.67 2.37 1.35
C MET A 68 8.50 1.12 1.06
N ILE A 69 7.88 0.15 0.40
CA ILE A 69 8.55 -1.10 0.06
C ILE A 69 8.69 -1.26 -1.45
N TYR A 70 7.67 -0.83 -2.18
CA TYR A 70 7.68 -0.93 -3.63
C TYR A 70 7.08 0.33 -4.27
N SER A 71 7.54 0.66 -5.47
CA SER A 71 7.05 1.83 -6.18
C SER A 71 7.27 1.69 -7.68
N GLY A 72 6.40 2.31 -8.46
CA GLY A 72 6.51 2.24 -9.91
C GLY A 72 5.16 2.29 -10.60
N ALA A 73 5.02 1.51 -11.66
CA ALA A 73 3.77 1.46 -12.41
C ALA A 73 3.02 0.15 -12.16
N THR A 74 3.66 -0.96 -12.47
CA THR A 74 3.04 -2.27 -12.28
C THR A 74 2.18 -2.29 -11.02
N ARG A 75 1.02 -2.94 -11.12
CA ARG A 75 0.11 -3.04 -9.99
C ARG A 75 0.26 -4.37 -9.27
N GLU A 76 1.50 -4.82 -9.11
CA GLU A 76 1.79 -6.08 -8.44
C GLU A 76 3.26 -6.17 -8.03
N HIS A 77 3.51 -6.29 -6.74
CA HIS A 77 4.87 -6.39 -6.23
C HIS A 77 5.03 -7.60 -5.31
N LEU A 78 6.17 -8.28 -5.41
CA LEU A 78 6.43 -9.45 -4.58
C LEU A 78 7.10 -9.05 -3.27
N CYS A 79 6.35 -9.15 -2.18
CA CYS A 79 6.88 -8.80 -0.86
C CYS A 79 7.75 -9.92 -0.31
N ASP A 80 9.05 -9.84 -0.57
CA ASP A 80 9.99 -10.84 -0.10
C ASP A 80 10.67 -10.39 1.18
N ARG A 81 11.58 -11.22 1.70
CA ARG A 81 12.30 -10.90 2.92
C ARG A 81 11.34 -10.67 4.07
N LEU A 82 10.25 -11.43 4.10
CA LEU A 82 9.25 -11.31 5.15
C LEU A 82 9.57 -12.22 6.33
N ASN A 83 8.73 -12.17 7.36
CA ASN A 83 8.93 -12.99 8.55
C ASN A 83 7.87 -14.08 8.65
N PRO A 84 8.29 -15.34 8.45
CA PRO A 84 7.39 -16.49 8.51
C PRO A 84 6.90 -16.77 9.92
N GLY A 85 5.58 -16.76 10.10
CA GLY A 85 5.01 -17.01 11.40
C GLY A 85 4.60 -15.74 12.11
N CYS A 86 4.34 -14.69 11.34
CA CYS A 86 3.95 -13.40 11.91
C CYS A 86 3.01 -12.65 10.96
N PHE A 87 2.43 -11.56 11.46
CA PHE A 87 1.52 -10.76 10.65
C PHE A 87 2.27 -9.63 9.94
N TYR A 88 1.54 -8.85 9.15
CA TYR A 88 2.12 -7.74 8.42
C TYR A 88 1.04 -6.86 7.80
N ARG A 89 1.19 -5.55 7.98
CA ARG A 89 0.23 -4.60 7.43
C ARG A 89 0.81 -3.85 6.24
N LEU A 90 0.04 -3.76 5.16
CA LEU A 90 0.48 -3.07 3.96
C LEU A 90 -0.58 -2.09 3.47
N ARG A 91 -0.15 -1.01 2.85
CA ARG A 91 -1.06 0.00 2.33
C ARG A 91 -0.57 0.55 0.99
N VAL A 92 -1.45 0.54 -0.01
CA VAL A 92 -1.10 1.03 -1.33
C VAL A 92 -1.85 2.32 -1.65
N TYR A 93 -1.18 3.23 -2.34
CA TYR A 93 -1.77 4.51 -2.71
C TYR A 93 -1.18 5.04 -4.01
N CYS A 94 -1.96 5.83 -4.73
CA CYS A 94 -1.52 6.40 -5.99
C CYS A 94 -1.08 7.84 -5.82
N ILE A 95 -0.38 8.37 -6.81
CA ILE A 95 0.09 9.75 -6.77
C ILE A 95 -0.29 10.51 -8.03
N SER A 96 -1.40 11.23 -7.97
CA SER A 96 -1.88 12.00 -9.11
C SER A 96 -1.66 13.49 -8.90
N ASP A 97 -1.84 14.27 -9.96
CA ASP A 97 -1.66 15.71 -9.88
C ASP A 97 -2.09 16.24 -8.52
N GLY A 98 -1.32 17.18 -7.97
CA GLY A 98 -1.63 17.75 -6.68
C GLY A 98 -0.95 17.03 -5.54
N GLY A 99 -0.63 15.75 -5.75
CA GLY A 99 0.02 14.97 -4.72
C GLY A 99 -0.40 13.52 -4.74
N GLN A 100 -1.05 13.08 -3.66
CA GLN A 100 -1.51 11.70 -3.55
C GLN A 100 -2.85 11.63 -2.82
N SER A 101 -3.58 10.55 -3.05
CA SER A 101 -4.88 10.36 -2.42
C SER A 101 -4.75 9.53 -1.15
N ALA A 102 -5.79 9.58 -0.32
CA ALA A 102 -5.80 8.84 0.94
C ALA A 102 -5.28 7.42 0.74
N VAL A 103 -4.71 6.84 1.80
CA VAL A 103 -4.19 5.49 1.74
C VAL A 103 -5.31 4.46 1.74
N SER A 104 -5.07 3.34 1.06
CA SER A 104 -6.07 2.28 0.98
C SER A 104 -6.02 1.39 2.22
N GLU A 105 -7.13 0.70 2.48
CA GLU A 105 -7.22 -0.18 3.64
C GLU A 105 -5.95 -1.01 3.79
N SER A 106 -5.72 -1.53 4.99
CA SER A 106 -4.54 -2.34 5.28
C SER A 106 -4.74 -3.77 4.79
N LEU A 107 -3.64 -4.44 4.45
CA LEU A 107 -3.70 -5.81 3.98
C LEU A 107 -3.02 -6.75 4.97
N LEU A 108 -3.82 -7.41 5.80
CA LEU A 108 -3.30 -8.35 6.79
C LEU A 108 -3.02 -9.71 6.17
N VAL A 109 -1.74 -10.05 6.04
CA VAL A 109 -1.34 -11.33 5.46
C VAL A 109 -0.43 -12.09 6.41
N GLN A 110 -0.93 -13.21 6.93
CA GLN A 110 -0.17 -14.05 7.85
C GLN A 110 0.67 -15.07 7.09
N THR A 111 1.95 -15.16 7.42
CA THR A 111 2.86 -16.09 6.77
C THR A 111 3.06 -17.34 7.63
N PRO A 112 3.16 -18.50 6.96
CA PRO A 112 3.36 -19.79 7.64
C PRO A 112 4.75 -19.91 8.25
N ALA A 113 4.78 -20.25 9.55
CA ALA A 113 6.05 -20.40 10.26
C ALA A 113 6.75 -21.69 9.86
N VAL A 114 7.91 -21.57 9.23
CA VAL A 114 8.68 -22.74 8.80
C VAL A 114 9.10 -23.59 10.00
N SER A 115 9.27 -24.88 9.77
CA SER A 115 9.66 -25.81 10.83
C SER A 115 11.15 -25.66 11.15
N GLY A 116 11.54 -26.13 12.32
CA GLY A 116 12.93 -26.04 12.74
C GLY A 116 13.30 -24.64 13.20
N PRO A 117 13.84 -24.55 14.43
CA PRO A 117 14.26 -23.27 15.01
C PRO A 117 15.48 -22.68 14.33
N SER A 118 16.47 -23.54 14.07
CA SER A 118 17.70 -23.09 13.41
C SER A 118 17.44 -22.72 11.96
N SER A 119 17.68 -21.45 11.64
CA SER A 119 17.47 -20.96 10.27
C SER A 119 18.76 -21.02 9.46
N GLY A 120 18.65 -21.45 8.21
CA GLY A 120 19.81 -21.55 7.36
C GLY A 120 19.54 -22.35 6.10
N GLY A 1 16.56 32.95 -17.06
CA GLY A 1 17.12 32.21 -15.93
C GLY A 1 16.45 32.57 -14.62
N SER A 2 17.26 32.91 -13.62
CA SER A 2 16.73 33.27 -12.31
C SER A 2 15.57 32.37 -11.93
N SER A 3 15.72 31.07 -12.20
CA SER A 3 14.68 30.10 -11.88
C SER A 3 14.31 30.16 -10.40
N GLY A 4 13.21 29.50 -10.05
CA GLY A 4 12.77 29.50 -8.66
C GLY A 4 11.27 29.40 -8.54
N SER A 5 10.75 28.18 -8.40
CA SER A 5 9.31 27.97 -8.28
C SER A 5 9.00 27.11 -7.05
N SER A 6 9.67 27.41 -5.95
CA SER A 6 9.47 26.66 -4.71
C SER A 6 7.99 26.50 -4.41
N GLY A 7 7.26 27.62 -4.46
CA GLY A 7 5.83 27.58 -4.20
C GLY A 7 5.46 28.30 -2.91
N VAL A 8 4.57 29.28 -3.01
CA VAL A 8 4.14 30.04 -1.84
C VAL A 8 2.71 30.54 -2.01
N VAL A 9 1.87 30.29 -1.02
CA VAL A 9 0.48 30.72 -1.06
C VAL A 9 -0.09 30.60 -2.47
N GLU A 10 0.08 29.43 -3.08
CA GLU A 10 -0.42 29.19 -4.43
C GLU A 10 -0.87 27.74 -4.60
N PHE A 11 -2.15 27.56 -4.91
CA PHE A 11 -2.71 26.22 -5.10
C PHE A 11 -3.69 26.20 -6.26
N THR A 12 -3.30 25.52 -7.34
CA THR A 12 -4.15 25.42 -8.52
C THR A 12 -4.12 24.01 -9.10
N THR A 13 -5.30 23.48 -9.41
CA THR A 13 -5.41 22.14 -9.98
C THR A 13 -6.48 22.08 -11.06
N CYS A 14 -6.06 21.93 -12.30
CA CYS A 14 -6.99 21.87 -13.42
C CYS A 14 -7.90 20.65 -13.30
N PRO A 15 -7.29 19.45 -13.27
CA PRO A 15 -8.03 18.19 -13.16
C PRO A 15 -8.66 18.01 -11.78
N ASP A 16 -9.20 16.82 -11.53
CA ASP A 16 -9.84 16.53 -10.25
C ASP A 16 -8.94 15.63 -9.40
N LYS A 17 -9.27 15.52 -8.11
CA LYS A 17 -8.50 14.70 -7.19
C LYS A 17 -8.77 13.22 -7.43
N PRO A 18 -7.71 12.40 -7.31
CA PRO A 18 -7.82 10.95 -7.51
C PRO A 18 -8.60 10.26 -6.39
N GLY A 19 -8.91 8.98 -6.60
CA GLY A 19 -9.66 8.24 -5.60
C GLY A 19 -8.85 7.11 -5.00
N ILE A 20 -9.13 6.77 -3.75
CA ILE A 20 -8.42 5.69 -3.07
C ILE A 20 -8.44 4.40 -3.90
N PRO A 21 -7.27 3.80 -4.09
CA PRO A 21 -7.12 2.56 -4.86
C PRO A 21 -7.74 1.36 -4.14
N VAL A 22 -7.89 0.26 -4.87
CA VAL A 22 -8.46 -0.96 -4.30
C VAL A 22 -7.45 -1.68 -3.40
N LYS A 23 -7.92 -2.14 -2.25
CA LYS A 23 -7.06 -2.84 -1.30
C LYS A 23 -6.26 -3.93 -2.01
N PRO A 24 -4.95 -3.98 -1.74
CA PRO A 24 -4.05 -4.97 -2.33
C PRO A 24 -4.31 -6.37 -1.80
N SER A 25 -4.50 -7.32 -2.71
CA SER A 25 -4.75 -8.71 -2.33
C SER A 25 -3.67 -9.63 -2.89
N VAL A 26 -3.51 -10.79 -2.25
CA VAL A 26 -2.51 -11.76 -2.68
C VAL A 26 -3.01 -12.57 -3.88
N LYS A 27 -2.14 -12.75 -4.86
CA LYS A 27 -2.49 -13.50 -6.06
C LYS A 27 -1.78 -14.85 -6.09
N GLY A 28 -2.54 -15.92 -5.89
CA GLY A 28 -1.97 -17.26 -5.89
C GLY A 28 -1.81 -17.82 -4.50
N LYS A 29 -0.68 -18.48 -4.25
CA LYS A 29 -0.39 -19.07 -2.95
C LYS A 29 0.68 -18.28 -2.22
N ILE A 30 0.60 -18.26 -0.89
CA ILE A 30 1.57 -17.55 -0.08
C ILE A 30 2.70 -18.47 0.36
N HIS A 31 3.93 -18.10 0.03
CA HIS A 31 5.10 -18.90 0.39
C HIS A 31 5.50 -18.66 1.84
N SER A 32 6.61 -19.24 2.26
CA SER A 32 7.10 -19.09 3.62
C SER A 32 7.25 -17.62 3.98
N HIS A 33 8.19 -16.95 3.34
CA HIS A 33 8.44 -15.53 3.59
C HIS A 33 8.58 -14.76 2.27
N SER A 34 7.55 -14.83 1.44
CA SER A 34 7.55 -14.14 0.15
C SER A 34 6.21 -14.29 -0.55
N PHE A 35 5.62 -13.16 -0.93
CA PHE A 35 4.33 -13.16 -1.61
C PHE A 35 4.13 -11.88 -2.42
N LYS A 36 3.38 -11.98 -3.50
CA LYS A 36 3.12 -10.83 -4.36
C LYS A 36 1.72 -10.28 -4.11
N ILE A 37 1.64 -8.97 -3.92
CA ILE A 37 0.36 -8.31 -3.68
C ILE A 37 -0.01 -7.38 -4.83
N THR A 38 -1.24 -7.54 -5.34
CA THR A 38 -1.71 -6.70 -6.44
C THR A 38 -3.00 -5.99 -6.07
N TRP A 39 -3.06 -4.70 -6.37
CA TRP A 39 -4.23 -3.89 -6.07
C TRP A 39 -4.96 -3.49 -7.35
N ASP A 40 -6.26 -3.78 -7.40
CA ASP A 40 -7.07 -3.45 -8.57
C ASP A 40 -7.18 -1.94 -8.75
N PRO A 41 -7.46 -1.52 -9.99
CA PRO A 41 -7.59 -0.09 -10.32
C PRO A 41 -8.84 0.54 -9.70
N PRO A 42 -8.83 1.87 -9.58
CA PRO A 42 -9.96 2.62 -9.01
C PRO A 42 -11.17 2.62 -9.93
N LYS A 43 -12.33 2.96 -9.37
CA LYS A 43 -13.58 3.00 -10.13
C LYS A 43 -13.38 3.79 -11.42
N ASP A 44 -12.82 4.98 -11.30
CA ASP A 44 -12.58 5.84 -12.46
C ASP A 44 -11.79 7.08 -12.07
N ASN A 45 -10.56 7.17 -12.56
CA ASN A 45 -9.71 8.31 -12.25
C ASN A 45 -10.49 9.62 -12.33
N GLY A 46 -10.96 10.09 -11.17
CA GLY A 46 -11.72 11.33 -11.13
C GLY A 46 -11.23 12.34 -12.14
N GLY A 47 -9.92 12.46 -12.28
CA GLY A 47 -9.34 13.40 -13.22
C GLY A 47 -7.83 13.29 -13.31
N ALA A 48 -7.19 13.09 -12.17
CA ALA A 48 -5.73 12.96 -12.13
C ALA A 48 -5.30 11.57 -12.54
N THR A 49 -4.79 11.45 -13.76
CA THR A 49 -4.33 10.16 -14.28
C THR A 49 -3.17 9.62 -13.45
N ILE A 50 -3.37 8.44 -12.86
CA ILE A 50 -2.33 7.82 -12.04
C ILE A 50 -0.94 8.13 -12.59
N ASN A 51 0.04 8.16 -11.70
CA ASN A 51 1.42 8.44 -12.09
C ASN A 51 2.37 7.39 -11.50
N LYS A 52 2.14 7.03 -10.25
CA LYS A 52 2.97 6.04 -9.58
C LYS A 52 2.17 5.27 -8.54
N TYR A 53 2.35 3.95 -8.52
CA TYR A 53 1.63 3.10 -7.57
C TYR A 53 2.59 2.51 -6.54
N VAL A 54 2.73 3.22 -5.41
CA VAL A 54 3.61 2.77 -4.35
C VAL A 54 2.82 2.09 -3.22
N VAL A 55 3.50 1.24 -2.47
CA VAL A 55 2.86 0.52 -1.36
C VAL A 55 3.66 0.68 -0.08
N GLU A 56 2.97 0.70 1.05
CA GLU A 56 3.61 0.83 2.34
C GLU A 56 3.70 -0.51 3.07
N MET A 57 4.41 -0.54 4.19
CA MET A 57 4.57 -1.76 4.97
C MET A 57 4.99 -1.44 6.39
N ALA A 58 4.32 -2.08 7.35
CA ALA A 58 4.63 -1.86 8.76
C ALA A 58 4.81 -3.20 9.49
N GLU A 59 5.45 -3.14 10.65
CA GLU A 59 5.69 -4.34 11.45
C GLU A 59 4.39 -4.91 11.99
N GLY A 60 3.90 -5.97 11.35
CA GLY A 60 2.67 -6.59 11.78
C GLY A 60 1.56 -5.57 12.04
N SER A 61 0.44 -6.05 12.58
CA SER A 61 -0.70 -5.17 12.86
C SER A 61 -0.23 -3.91 13.59
N ASN A 62 0.45 -4.10 14.71
CA ASN A 62 0.94 -2.97 15.50
C ASN A 62 1.92 -2.12 14.68
N GLY A 63 1.39 -1.09 14.03
CA GLY A 63 2.23 -0.22 13.22
C GLY A 63 2.31 1.19 13.78
N ASN A 64 3.46 1.83 13.62
CA ASN A 64 3.66 3.19 14.11
C ASN A 64 3.97 4.14 12.97
N LYS A 65 4.88 3.73 12.09
CA LYS A 65 5.27 4.55 10.94
C LYS A 65 5.47 3.69 9.70
N TRP A 66 4.87 4.12 8.59
CA TRP A 66 4.99 3.38 7.33
C TRP A 66 6.33 3.64 6.67
N GLU A 67 6.73 2.74 5.77
CA GLU A 67 8.00 2.88 5.08
C GLU A 67 7.90 2.33 3.66
N MET A 68 8.29 3.15 2.68
CA MET A 68 8.26 2.75 1.28
C MET A 68 9.00 1.44 1.07
N ILE A 69 8.41 0.54 0.29
CA ILE A 69 9.02 -0.75 0.00
C ILE A 69 9.08 -1.01 -1.50
N TYR A 70 8.08 -0.52 -2.22
CA TYR A 70 8.02 -0.70 -3.66
C TYR A 70 7.33 0.49 -4.34
N SER A 71 7.89 0.93 -5.46
CA SER A 71 7.34 2.05 -6.20
C SER A 71 7.64 1.94 -7.68
N GLY A 72 6.69 2.36 -8.51
CA GLY A 72 6.88 2.30 -9.95
C GLY A 72 5.58 2.47 -10.72
N ALA A 73 5.41 1.69 -11.77
CA ALA A 73 4.21 1.76 -12.59
C ALA A 73 3.62 0.37 -12.81
N THR A 74 3.20 -0.28 -11.73
CA THR A 74 2.62 -1.60 -11.80
C THR A 74 1.91 -1.97 -10.50
N ARG A 75 0.63 -2.29 -10.59
CA ARG A 75 -0.16 -2.65 -9.42
C ARG A 75 0.11 -4.10 -9.02
N GLU A 76 1.38 -4.42 -8.81
CA GLU A 76 1.77 -5.78 -8.42
C GLU A 76 3.25 -5.82 -8.04
N HIS A 77 3.51 -6.00 -6.74
CA HIS A 77 4.87 -6.06 -6.23
C HIS A 77 5.07 -7.30 -5.37
N LEU A 78 6.32 -7.73 -5.24
CA LEU A 78 6.65 -8.91 -4.44
C LEU A 78 7.25 -8.50 -3.10
N CYS A 79 6.53 -8.80 -2.02
CA CYS A 79 6.98 -8.47 -0.67
C CYS A 79 7.89 -9.57 -0.13
N ASP A 80 9.19 -9.45 -0.40
CA ASP A 80 10.16 -10.43 0.07
C ASP A 80 10.76 -10.01 1.40
N ARG A 81 11.63 -10.86 1.95
CA ARG A 81 12.28 -10.57 3.23
C ARG A 81 11.24 -10.43 4.34
N LEU A 82 10.33 -11.41 4.42
CA LEU A 82 9.29 -11.40 5.44
C LEU A 82 9.55 -12.46 6.50
N ASN A 83 8.79 -12.41 7.59
CA ASN A 83 8.95 -13.37 8.67
C ASN A 83 7.80 -14.38 8.67
N PRO A 84 8.15 -15.67 8.52
CA PRO A 84 7.16 -16.75 8.50
C PRO A 84 6.51 -16.97 9.85
N GLY A 85 5.20 -16.78 9.93
CA GLY A 85 4.49 -16.97 11.18
C GLY A 85 4.25 -15.67 11.91
N CYS A 86 3.95 -14.62 11.16
CA CYS A 86 3.70 -13.31 11.76
C CYS A 86 2.77 -12.48 10.88
N PHE A 87 2.32 -11.34 11.41
CA PHE A 87 1.41 -10.47 10.67
C PHE A 87 2.18 -9.37 9.96
N TYR A 88 1.49 -8.63 9.10
CA TYR A 88 2.11 -7.54 8.35
C TYR A 88 1.05 -6.69 7.65
N ARG A 89 1.09 -5.39 7.91
CA ARG A 89 0.14 -4.46 7.31
C ARG A 89 0.71 -3.84 6.04
N LEU A 90 -0.16 -3.58 5.06
CA LEU A 90 0.27 -2.99 3.80
C LEU A 90 -0.85 -2.15 3.20
N ARG A 91 -0.48 -0.99 2.65
CA ARG A 91 -1.46 -0.10 2.03
C ARG A 91 -0.93 0.45 0.71
N VAL A 92 -1.82 0.60 -0.26
CA VAL A 92 -1.45 1.12 -1.57
C VAL A 92 -1.98 2.53 -1.77
N TYR A 93 -1.18 3.37 -2.42
CA TYR A 93 -1.57 4.76 -2.67
C TYR A 93 -0.93 5.28 -3.96
N CYS A 94 -1.70 6.03 -4.74
CA CYS A 94 -1.21 6.58 -5.99
C CYS A 94 -0.84 8.05 -5.83
N ILE A 95 0.19 8.48 -6.53
CA ILE A 95 0.65 9.86 -6.48
C ILE A 95 0.40 10.59 -7.79
N SER A 96 -0.83 11.05 -7.98
CA SER A 96 -1.19 11.76 -9.21
C SER A 96 -1.06 13.27 -9.03
N ASP A 97 -0.98 13.99 -10.14
CA ASP A 97 -0.84 15.44 -10.10
C ASP A 97 0.05 15.87 -8.94
N GLY A 98 1.15 15.15 -8.75
CA GLY A 98 2.07 15.48 -7.69
C GLY A 98 1.39 15.53 -6.33
N GLY A 99 0.64 14.49 -5.99
CA GLY A 99 -0.06 14.44 -4.73
C GLY A 99 -0.75 13.11 -4.48
N GLN A 100 -0.56 12.56 -3.29
CA GLN A 100 -1.17 11.29 -2.94
C GLN A 100 -2.47 11.49 -2.17
N SER A 101 -3.43 10.60 -2.39
CA SER A 101 -4.72 10.68 -1.72
C SER A 101 -4.83 9.64 -0.62
N ALA A 102 -5.89 9.73 0.17
CA ALA A 102 -6.13 8.79 1.26
C ALA A 102 -5.66 7.39 0.88
N VAL A 103 -5.03 6.70 1.82
CA VAL A 103 -4.54 5.35 1.59
C VAL A 103 -5.67 4.32 1.68
N SER A 104 -5.45 3.17 1.07
CA SER A 104 -6.45 2.11 1.08
C SER A 104 -6.27 1.19 2.29
N GLU A 105 -7.36 0.55 2.72
CA GLU A 105 -7.32 -0.35 3.87
C GLU A 105 -6.02 -1.14 3.88
N SER A 106 -5.61 -1.58 5.07
CA SER A 106 -4.38 -2.33 5.24
C SER A 106 -4.60 -3.80 4.88
N LEU A 107 -3.58 -4.42 4.30
CA LEU A 107 -3.66 -5.82 3.90
C LEU A 107 -2.98 -6.71 4.93
N LEU A 108 -3.79 -7.48 5.66
CA LEU A 108 -3.26 -8.38 6.68
C LEU A 108 -2.99 -9.77 6.10
N VAL A 109 -1.71 -10.11 5.99
CA VAL A 109 -1.31 -11.40 5.45
C VAL A 109 -0.40 -12.16 6.42
N GLN A 110 -0.85 -13.34 6.85
CA GLN A 110 -0.08 -14.14 7.78
C GLN A 110 0.70 -15.23 7.05
N THR A 111 2.03 -15.19 7.18
CA THR A 111 2.88 -16.17 6.52
C THR A 111 2.87 -17.50 7.27
N PRO A 112 2.96 -18.60 6.51
CA PRO A 112 2.96 -19.96 7.07
C PRO A 112 4.25 -20.26 7.84
N ALA A 113 4.12 -20.41 9.16
CA ALA A 113 5.27 -20.70 10.00
C ALA A 113 5.79 -22.11 9.74
N VAL A 114 7.08 -22.21 9.39
CA VAL A 114 7.70 -23.50 9.11
C VAL A 114 8.19 -24.16 10.39
N SER A 115 7.28 -24.84 11.08
CA SER A 115 7.61 -25.53 12.32
C SER A 115 6.56 -26.56 12.69
N GLY A 116 6.92 -27.49 13.58
CA GLY A 116 5.99 -28.52 13.98
C GLY A 116 5.16 -29.05 12.83
N PRO A 117 4.00 -29.65 13.14
CA PRO A 117 3.11 -30.22 12.14
C PRO A 117 2.43 -29.14 11.29
N SER A 118 2.34 -29.38 9.99
CA SER A 118 1.72 -28.43 9.07
C SER A 118 0.28 -28.14 9.49
N SER A 119 -0.21 -26.96 9.11
CA SER A 119 -1.57 -26.56 9.45
C SER A 119 -2.59 -27.50 8.81
N GLY A 120 -3.73 -27.65 9.47
CA GLY A 120 -4.78 -28.52 8.95
C GLY A 120 -6.06 -27.78 8.68
#